data_5OLL
# 
_entry.id   5OLL 
# 
_audit_conform.dict_name       mmcif_pdbx.dic 
_audit_conform.dict_version    5.399 
_audit_conform.dict_location   http://mmcif.pdb.org/dictionaries/ascii/mmcif_pdbx.dic 
# 
loop_
_database_2.database_id 
_database_2.database_code 
_database_2.pdbx_database_accession 
_database_2.pdbx_DOI 
PDB   5OLL         pdb_00005oll 10.2210/pdb5oll/pdb 
WWPDB D_1200004802 ?            ?                   
# 
loop_
_pdbx_audit_revision_history.ordinal 
_pdbx_audit_revision_history.data_content_type 
_pdbx_audit_revision_history.major_revision 
_pdbx_audit_revision_history.minor_revision 
_pdbx_audit_revision_history.revision_date 
1 'Structure model' 1 0 2018-08-08 
2 'Structure model' 1 1 2019-02-20 
3 'Structure model' 1 2 2024-11-20 
# 
_pdbx_audit_revision_details.ordinal             1 
_pdbx_audit_revision_details.revision_ordinal    1 
_pdbx_audit_revision_details.data_content_type   'Structure model' 
_pdbx_audit_revision_details.provider            repository 
_pdbx_audit_revision_details.type                'Initial release' 
_pdbx_audit_revision_details.description         ? 
_pdbx_audit_revision_details.details             ? 
# 
loop_
_pdbx_audit_revision_group.ordinal 
_pdbx_audit_revision_group.revision_ordinal 
_pdbx_audit_revision_group.data_content_type 
_pdbx_audit_revision_group.group 
1 2 'Structure model' 'Data collection'      
2 2 'Structure model' 'Database references'  
3 3 'Structure model' 'Data collection'      
4 3 'Structure model' 'Database references'  
5 3 'Structure model' 'Derived calculations' 
6 3 'Structure model' 'Structure summary'    
# 
loop_
_pdbx_audit_revision_category.ordinal 
_pdbx_audit_revision_category.revision_ordinal 
_pdbx_audit_revision_category.data_content_type 
_pdbx_audit_revision_category.category 
1  2 'Structure model' citation                  
2  2 'Structure model' citation_author           
3  2 'Structure model' pdbx_database_proc        
4  3 'Structure model' chem_comp_atom            
5  3 'Structure model' chem_comp_bond            
6  3 'Structure model' database_2                
7  3 'Structure model' pdbx_entry_details        
8  3 'Structure model' pdbx_modification_feature 
9  3 'Structure model' pdbx_struct_conn_angle    
10 3 'Structure model' struct_conn               
# 
loop_
_pdbx_audit_revision_item.ordinal 
_pdbx_audit_revision_item.revision_ordinal 
_pdbx_audit_revision_item.data_content_type 
_pdbx_audit_revision_item.item 
1  2 'Structure model' '_citation.country'                          
2  2 'Structure model' '_citation.journal_abbrev'                   
3  2 'Structure model' '_citation.journal_id_CSD'                   
4  2 'Structure model' '_citation.journal_id_ISSN'                  
5  2 'Structure model' '_citation.journal_volume'                   
6  2 'Structure model' '_citation.page_first'                       
7  2 'Structure model' '_citation.page_last'                        
8  2 'Structure model' '_citation.pdbx_database_id_DOI'             
9  2 'Structure model' '_citation.pdbx_database_id_PubMed'          
10 2 'Structure model' '_citation.title'                            
11 2 'Structure model' '_citation.year'                             
12 3 'Structure model' '_database_2.pdbx_DOI'                       
13 3 'Structure model' '_database_2.pdbx_database_accession'        
14 3 'Structure model' '_pdbx_struct_conn_angle.ptnr1_auth_seq_id'  
15 3 'Structure model' '_pdbx_struct_conn_angle.ptnr1_label_alt_id' 
16 3 'Structure model' '_pdbx_struct_conn_angle.ptnr1_label_seq_id' 
17 3 'Structure model' '_pdbx_struct_conn_angle.ptnr1_symmetry'     
18 3 'Structure model' '_pdbx_struct_conn_angle.ptnr2_symmetry'     
19 3 'Structure model' '_pdbx_struct_conn_angle.ptnr3_auth_seq_id'  
20 3 'Structure model' '_pdbx_struct_conn_angle.ptnr3_label_alt_id' 
21 3 'Structure model' '_pdbx_struct_conn_angle.ptnr3_label_seq_id' 
22 3 'Structure model' '_pdbx_struct_conn_angle.ptnr3_symmetry'     
23 3 'Structure model' '_pdbx_struct_conn_angle.value'              
24 3 'Structure model' '_struct_conn.pdbx_dist_value'               
25 3 'Structure model' '_struct_conn.pdbx_ptnr1_label_alt_id'       
26 3 'Structure model' '_struct_conn.pdbx_ptnr2_label_alt_id'       
27 3 'Structure model' '_struct_conn.ptnr1_auth_comp_id'            
28 3 'Structure model' '_struct_conn.ptnr1_auth_seq_id'             
29 3 'Structure model' '_struct_conn.ptnr1_label_asym_id'           
30 3 'Structure model' '_struct_conn.ptnr1_label_atom_id'           
31 3 'Structure model' '_struct_conn.ptnr1_label_comp_id'           
32 3 'Structure model' '_struct_conn.ptnr1_label_seq_id'            
33 3 'Structure model' '_struct_conn.ptnr2_auth_comp_id'            
34 3 'Structure model' '_struct_conn.ptnr2_auth_seq_id'             
35 3 'Structure model' '_struct_conn.ptnr2_label_asym_id'           
36 3 'Structure model' '_struct_conn.ptnr2_label_atom_id'           
37 3 'Structure model' '_struct_conn.ptnr2_label_comp_id'           
38 3 'Structure model' '_struct_conn.ptnr2_symmetry'                
# 
_pdbx_database_status.status_code                     REL 
_pdbx_database_status.status_code_sf                  REL 
_pdbx_database_status.status_code_mr                  ? 
_pdbx_database_status.entry_id                        5OLL 
_pdbx_database_status.recvd_initial_deposition_date   2017-07-28 
_pdbx_database_status.SG_entry                        N 
_pdbx_database_status.deposit_site                    PDBE 
_pdbx_database_status.process_site                    PDBE 
_pdbx_database_status.status_code_cs                  ? 
_pdbx_database_status.methods_development_category    ? 
_pdbx_database_status.pdb_format_compatible           Y 
_pdbx_database_status.status_code_nmr_data            ? 
# 
loop_
_audit_author.name 
_audit_author.pdbx_ordinal 
_audit_author.identifier_ORCID 
'Sigoillot, M.' 1 0000-0001-5416-7808 
'Neiers, F.'    2 ?                   
'Legrand, P.'   3 0000-0003-2431-2255 
'Roblin, P.'    4 ?                   
'Briand, L.'    5 0000-0002-8175-5936 
# 
_citation.abstract                  ? 
_citation.abstract_id_CAS           ? 
_citation.book_id_ISBN              ? 
_citation.book_publisher            ? 
_citation.book_publisher_city       ? 
_citation.book_title                ? 
_citation.coordinate_linkage        ? 
_citation.country                   UK 
_citation.database_id_Medline       ? 
_citation.details                   ? 
_citation.id                        primary 
_citation.journal_abbrev            'Chem. Senses' 
_citation.journal_id_ASTM           ? 
_citation.journal_id_CSD            ? 
_citation.journal_id_ISSN           1464-3553 
_citation.journal_full              ? 
_citation.journal_issue             ? 
_citation.journal_volume            43 
_citation.language                  ? 
_citation.page_first                635 
_citation.page_last                 643 
_citation.title                     
;The Crystal Structure of Gurmarin, a Sweet Taste-Suppressing Protein: Identification of the Amino Acid Residues Essential for Inhibition.
;
_citation.year                      2018 
_citation.database_id_CSD           ? 
_citation.pdbx_database_id_DOI      10.1093/chemse/bjy054 
_citation.pdbx_database_id_PubMed   30137256 
_citation.unpublished_flag          ? 
# 
loop_
_citation_author.citation_id 
_citation_author.name 
_citation_author.ordinal 
_citation_author.identifier_ORCID 
primary 'Sigoillot, M.' 1  ? 
primary 'Brockhoff, A.' 2  ? 
primary 'Neiers, F.'    3  ? 
primary 'Poirier, N.'   4  ? 
primary 'Belloir, C.'   5  ? 
primary 'Legrand, P.'   6  ? 
primary 'Charron, C.'   7  ? 
primary 'Roblin, P.'    8  ? 
primary 'Meyerhof, W.'  9  ? 
primary 'Briand, L.'    10 ? 
# 
loop_
_entity.id 
_entity.type 
_entity.src_method 
_entity.pdbx_description 
_entity.formula_weight 
_entity.pdbx_number_of_molecules 
_entity.pdbx_ec 
_entity.pdbx_mutation 
_entity.pdbx_fragment 
_entity.details 
1 polymer     man Gurmarin          4238.967 1  ? ? ? ? 
2 non-polymer syn 'NICKEL (II) ION' 58.693   3  ? ? ? ? 
3 water       nat water             18.015   37 ? ? ? ? 
# 
_entity_name_com.entity_id   1 
_entity_name_com.name        'Sweet taste-suppressing peptide' 
# 
_entity_poly.entity_id                      1 
_entity_poly.type                           'polypeptide(L)' 
_entity_poly.nstd_linkage                   no 
_entity_poly.nstd_monomer                   no 
_entity_poly.pdbx_seq_one_letter_code       EQCVKKDELCIPYYLDCCEPLECKKVNWWDHKCIG 
_entity_poly.pdbx_seq_one_letter_code_can   EQCVKKDELCIPYYLDCCEPLECKKVNWWDHKCIG 
_entity_poly.pdbx_strand_id                 A 
_entity_poly.pdbx_target_identifier         ? 
# 
loop_
_pdbx_entity_nonpoly.entity_id 
_pdbx_entity_nonpoly.name 
_pdbx_entity_nonpoly.comp_id 
2 'NICKEL (II) ION' NI  
3 water             HOH 
# 
loop_
_entity_poly_seq.entity_id 
_entity_poly_seq.num 
_entity_poly_seq.mon_id 
_entity_poly_seq.hetero 
1 1  GLU n 
1 2  GLN n 
1 3  CYS n 
1 4  VAL n 
1 5  LYS n 
1 6  LYS n 
1 7  ASP n 
1 8  GLU n 
1 9  LEU n 
1 10 CYS n 
1 11 ILE n 
1 12 PRO n 
1 13 TYR n 
1 14 TYR n 
1 15 LEU n 
1 16 ASP n 
1 17 CYS n 
1 18 CYS n 
1 19 GLU n 
1 20 PRO n 
1 21 LEU n 
1 22 GLU n 
1 23 CYS n 
1 24 LYS n 
1 25 LYS n 
1 26 VAL n 
1 27 ASN n 
1 28 TRP n 
1 29 TRP n 
1 30 ASP n 
1 31 HIS n 
1 32 LYS n 
1 33 CYS n 
1 34 ILE n 
1 35 GLY n 
# 
_entity_src_gen.entity_id                          1 
_entity_src_gen.pdbx_src_id                        1 
_entity_src_gen.pdbx_alt_source_flag               sample 
_entity_src_gen.pdbx_seq_type                      'Biological sequence' 
_entity_src_gen.pdbx_beg_seq_num                   1 
_entity_src_gen.pdbx_end_seq_num                   35 
_entity_src_gen.gene_src_common_name               Gurmar 
_entity_src_gen.gene_src_genus                     ? 
_entity_src_gen.pdbx_gene_src_gene                 ? 
_entity_src_gen.gene_src_species                   ? 
_entity_src_gen.gene_src_strain                    ? 
_entity_src_gen.gene_src_tissue                    ? 
_entity_src_gen.gene_src_tissue_fraction           ? 
_entity_src_gen.gene_src_details                   ? 
_entity_src_gen.pdbx_gene_src_fragment             ? 
_entity_src_gen.pdbx_gene_src_scientific_name      'Gymnema sylvestre' 
_entity_src_gen.pdbx_gene_src_ncbi_taxonomy_id     4068 
_entity_src_gen.pdbx_gene_src_variant              ? 
_entity_src_gen.pdbx_gene_src_cell_line            ? 
_entity_src_gen.pdbx_gene_src_atcc                 ? 
_entity_src_gen.pdbx_gene_src_organ                ? 
_entity_src_gen.pdbx_gene_src_organelle            ? 
_entity_src_gen.pdbx_gene_src_cell                 ? 
_entity_src_gen.pdbx_gene_src_cellular_location    ? 
_entity_src_gen.host_org_common_name               ? 
_entity_src_gen.pdbx_host_org_scientific_name      'Komagataella phaffii GS115' 
_entity_src_gen.pdbx_host_org_ncbi_taxonomy_id     644223 
_entity_src_gen.host_org_genus                     ? 
_entity_src_gen.pdbx_host_org_gene                 ? 
_entity_src_gen.pdbx_host_org_organ                ? 
_entity_src_gen.host_org_species                   ? 
_entity_src_gen.pdbx_host_org_tissue               ? 
_entity_src_gen.pdbx_host_org_tissue_fraction      ? 
_entity_src_gen.pdbx_host_org_strain               ? 
_entity_src_gen.pdbx_host_org_variant              ? 
_entity_src_gen.pdbx_host_org_cell_line            ? 
_entity_src_gen.pdbx_host_org_atcc                 ? 
_entity_src_gen.pdbx_host_org_culture_collection   ? 
_entity_src_gen.pdbx_host_org_cell                 ? 
_entity_src_gen.pdbx_host_org_organelle            ? 
_entity_src_gen.pdbx_host_org_cellular_location    ? 
_entity_src_gen.pdbx_host_org_vector_type          ? 
_entity_src_gen.pdbx_host_org_vector               ? 
_entity_src_gen.host_org_details                   ? 
_entity_src_gen.expression_system_id               ? 
_entity_src_gen.plasmid_name                       ? 
_entity_src_gen.plasmid_details                    ? 
_entity_src_gen.pdbx_description                   ? 
# 
loop_
_chem_comp.id 
_chem_comp.type 
_chem_comp.mon_nstd_flag 
_chem_comp.name 
_chem_comp.pdbx_synonyms 
_chem_comp.formula 
_chem_comp.formula_weight 
ASN 'L-peptide linking' y ASPARAGINE        ? 'C4 H8 N2 O3'    132.118 
ASP 'L-peptide linking' y 'ASPARTIC ACID'   ? 'C4 H7 N O4'     133.103 
CYS 'L-peptide linking' y CYSTEINE          ? 'C3 H7 N O2 S'   121.158 
GLN 'L-peptide linking' y GLUTAMINE         ? 'C5 H10 N2 O3'   146.144 
GLU 'L-peptide linking' y 'GLUTAMIC ACID'   ? 'C5 H9 N O4'     147.129 
GLY 'peptide linking'   y GLYCINE           ? 'C2 H5 N O2'     75.067  
HIS 'L-peptide linking' y HISTIDINE         ? 'C6 H10 N3 O2 1' 156.162 
HOH non-polymer         . WATER             ? 'H2 O'           18.015  
ILE 'L-peptide linking' y ISOLEUCINE        ? 'C6 H13 N O2'    131.173 
LEU 'L-peptide linking' y LEUCINE           ? 'C6 H13 N O2'    131.173 
LYS 'L-peptide linking' y LYSINE            ? 'C6 H15 N2 O2 1' 147.195 
NI  non-polymer         . 'NICKEL (II) ION' ? 'Ni 2'           58.693  
PRO 'L-peptide linking' y PROLINE           ? 'C5 H9 N O2'     115.130 
TRP 'L-peptide linking' y TRYPTOPHAN        ? 'C11 H12 N2 O2'  204.225 
TYR 'L-peptide linking' y TYROSINE          ? 'C9 H11 N O3'    181.189 
VAL 'L-peptide linking' y VALINE            ? 'C5 H11 N O2'    117.146 
# 
loop_
_pdbx_poly_seq_scheme.asym_id 
_pdbx_poly_seq_scheme.entity_id 
_pdbx_poly_seq_scheme.seq_id 
_pdbx_poly_seq_scheme.mon_id 
_pdbx_poly_seq_scheme.ndb_seq_num 
_pdbx_poly_seq_scheme.pdb_seq_num 
_pdbx_poly_seq_scheme.auth_seq_num 
_pdbx_poly_seq_scheme.pdb_mon_id 
_pdbx_poly_seq_scheme.auth_mon_id 
_pdbx_poly_seq_scheme.pdb_strand_id 
_pdbx_poly_seq_scheme.pdb_ins_code 
_pdbx_poly_seq_scheme.hetero 
A 1 1  GLU 1  1  1  GLU GLU A . n 
A 1 2  GLN 2  2  2  GLN GLN A . n 
A 1 3  CYS 3  3  3  CYS CYS A . n 
A 1 4  VAL 4  4  4  VAL VAL A . n 
A 1 5  LYS 5  5  5  LYS LYS A . n 
A 1 6  LYS 6  6  6  LYS LYS A . n 
A 1 7  ASP 7  7  7  ASP ASP A . n 
A 1 8  GLU 8  8  8  GLU GLU A . n 
A 1 9  LEU 9  9  9  LEU LEU A . n 
A 1 10 CYS 10 10 10 CYS CYS A . n 
A 1 11 ILE 11 11 11 ILE ILE A . n 
A 1 12 PRO 12 12 12 PRO PRO A . n 
A 1 13 TYR 13 13 13 TYR TYR A . n 
A 1 14 TYR 14 14 14 TYR TYR A . n 
A 1 15 LEU 15 15 15 LEU LEU A . n 
A 1 16 ASP 16 16 16 ASP ASP A . n 
A 1 17 CYS 17 17 17 CYS CYS A . n 
A 1 18 CYS 18 18 18 CYS CYS A . n 
A 1 19 GLU 19 19 19 GLU GLU A . n 
A 1 20 PRO 20 20 20 PRO PRO A . n 
A 1 21 LEU 21 21 21 LEU LEU A . n 
A 1 22 GLU 22 22 22 GLU GLU A . n 
A 1 23 CYS 23 23 23 CYS CYS A . n 
A 1 24 LYS 24 24 24 LYS LYS A . n 
A 1 25 LYS 25 25 25 LYS LYS A . n 
A 1 26 VAL 26 26 26 VAL VAL A . n 
A 1 27 ASN 27 27 27 ASN ASN A . n 
A 1 28 TRP 28 28 28 TRP TRP A . n 
A 1 29 TRP 29 29 29 TRP TRP A . n 
A 1 30 ASP 30 30 30 ASP ASP A . n 
A 1 31 HIS 31 31 31 HIS HIS A . n 
A 1 32 LYS 32 32 32 LYS LYS A . n 
A 1 33 CYS 33 33 33 CYS CYS A . n 
A 1 34 ILE 34 34 34 ILE ILE A . n 
A 1 35 GLY 35 35 35 GLY GLY A . n 
# 
loop_
_pdbx_nonpoly_scheme.asym_id 
_pdbx_nonpoly_scheme.entity_id 
_pdbx_nonpoly_scheme.mon_id 
_pdbx_nonpoly_scheme.ndb_seq_num 
_pdbx_nonpoly_scheme.pdb_seq_num 
_pdbx_nonpoly_scheme.auth_seq_num 
_pdbx_nonpoly_scheme.pdb_mon_id 
_pdbx_nonpoly_scheme.auth_mon_id 
_pdbx_nonpoly_scheme.pdb_strand_id 
_pdbx_nonpoly_scheme.pdb_ins_code 
B 2 NI  1  101 1  NI  NI  A . 
C 2 NI  1  102 2  NI  NI  A . 
D 2 NI  1  103 3  NI  NI  A . 
E 3 HOH 1  201 8  HOH HOH A . 
E 3 HOH 2  202 19 HOH HOH A . 
E 3 HOH 3  203 7  HOH HOH A . 
E 3 HOH 4  204 14 HOH HOH A . 
E 3 HOH 5  205 9  HOH HOH A . 
E 3 HOH 6  206 2  HOH HOH A . 
E 3 HOH 7  207 15 HOH HOH A . 
E 3 HOH 8  208 16 HOH HOH A . 
E 3 HOH 9  209 1  HOH HOH A . 
E 3 HOH 10 210 5  HOH HOH A . 
E 3 HOH 11 211 26 HOH HOH A . 
E 3 HOH 12 212 37 HOH HOH A . 
E 3 HOH 13 213 18 HOH HOH A . 
E 3 HOH 14 214 31 HOH HOH A . 
E 3 HOH 15 215 4  HOH HOH A . 
E 3 HOH 16 216 12 HOH HOH A . 
E 3 HOH 17 217 36 HOH HOH A . 
E 3 HOH 18 218 32 HOH HOH A . 
E 3 HOH 19 219 17 HOH HOH A . 
E 3 HOH 20 220 24 HOH HOH A . 
E 3 HOH 21 221 34 HOH HOH A . 
E 3 HOH 22 222 6  HOH HOH A . 
E 3 HOH 23 223 3  HOH HOH A . 
E 3 HOH 24 224 28 HOH HOH A . 
E 3 HOH 25 225 13 HOH HOH A . 
E 3 HOH 26 226 33 HOH HOH A . 
E 3 HOH 27 227 29 HOH HOH A . 
E 3 HOH 28 228 23 HOH HOH A . 
E 3 HOH 29 229 21 HOH HOH A . 
E 3 HOH 30 230 25 HOH HOH A . 
E 3 HOH 31 231 27 HOH HOH A . 
E 3 HOH 32 232 10 HOH HOH A . 
E 3 HOH 33 233 35 HOH HOH A . 
E 3 HOH 34 234 22 HOH HOH A . 
E 3 HOH 35 235 11 HOH HOH A . 
E 3 HOH 36 236 30 HOH HOH A . 
E 3 HOH 37 237 20 HOH HOH A . 
# 
loop_
_software.citation_id 
_software.classification 
_software.compiler_name 
_software.compiler_version 
_software.contact_author 
_software.contact_author_email 
_software.date 
_software.description 
_software.dependencies 
_software.hardware 
_software.language 
_software.location 
_software.mods 
_software.name 
_software.os 
_software.os_version 
_software.type 
_software.version 
_software.pdbx_ordinal 
? refinement       ? ? ? ? ? ? ? ? ? ? ? BUSTER  ? ? ? 2.10.3 1 
? 'data reduction' ? ? ? ? ? ? ? ? ? ? ? XDS     ? ? ? .      2 
? 'data scaling'   ? ? ? ? ? ? ? ? ? ? ? XDS     ? ? ? .      3 
? phasing          ? ? ? ? ? ? ? ? ? ? ? SHELXDE ? ? ? .      4 
# 
_cell.angle_alpha                  90.00 
_cell.angle_alpha_esd              ? 
_cell.angle_beta                   90.00 
_cell.angle_beta_esd               ? 
_cell.angle_gamma                  120.00 
_cell.angle_gamma_esd              ? 
_cell.entry_id                     5OLL 
_cell.details                      ? 
_cell.formula_units_Z              ? 
_cell.length_a                     53.650 
_cell.length_a_esd                 ? 
_cell.length_b                     53.650 
_cell.length_b_esd                 ? 
_cell.length_c                     38.110 
_cell.length_c_esd                 ? 
_cell.volume                       ? 
_cell.volume_esd                   ? 
_cell.Z_PDB                        9 
_cell.reciprocal_angle_alpha       ? 
_cell.reciprocal_angle_beta        ? 
_cell.reciprocal_angle_gamma       ? 
_cell.reciprocal_angle_alpha_esd   ? 
_cell.reciprocal_angle_beta_esd    ? 
_cell.reciprocal_angle_gamma_esd   ? 
_cell.reciprocal_length_a          ? 
_cell.reciprocal_length_b          ? 
_cell.reciprocal_length_c          ? 
_cell.reciprocal_length_a_esd      ? 
_cell.reciprocal_length_b_esd      ? 
_cell.reciprocal_length_c_esd      ? 
_cell.pdbx_unique_axis             ? 
# 
_symmetry.entry_id                         5OLL 
_symmetry.cell_setting                     ? 
_symmetry.Int_Tables_number                146 
_symmetry.space_group_name_Hall            ? 
_symmetry.space_group_name_H-M             'H 3' 
_symmetry.pdbx_full_space_group_name_H-M   ? 
# 
_exptl.absorpt_coefficient_mu     ? 
_exptl.absorpt_correction_T_max   ? 
_exptl.absorpt_correction_T_min   ? 
_exptl.absorpt_correction_type    ? 
_exptl.absorpt_process_details    ? 
_exptl.entry_id                   5OLL 
_exptl.crystals_number            1 
_exptl.details                    ? 
_exptl.method                     'X-RAY DIFFRACTION' 
_exptl.method_details             ? 
# 
_exptl_crystal.colour                      ? 
_exptl_crystal.density_diffrn              ? 
_exptl_crystal.density_Matthews            2.49 
_exptl_crystal.density_method              ? 
_exptl_crystal.density_percent_sol         50.60 
_exptl_crystal.description                 ? 
_exptl_crystal.F_000                       ? 
_exptl_crystal.id                          1 
_exptl_crystal.preparation                 ? 
_exptl_crystal.size_max                    ? 
_exptl_crystal.size_mid                    ? 
_exptl_crystal.size_min                    ? 
_exptl_crystal.size_rad                    ? 
_exptl_crystal.colour_lustre               ? 
_exptl_crystal.colour_modifier             ? 
_exptl_crystal.colour_primary              ? 
_exptl_crystal.density_meas                ? 
_exptl_crystal.density_meas_esd            ? 
_exptl_crystal.density_meas_gt             ? 
_exptl_crystal.density_meas_lt             ? 
_exptl_crystal.density_meas_temp           ? 
_exptl_crystal.density_meas_temp_esd       ? 
_exptl_crystal.density_meas_temp_gt        ? 
_exptl_crystal.density_meas_temp_lt        ? 
_exptl_crystal.pdbx_crystal_image_url      ? 
_exptl_crystal.pdbx_crystal_image_format   ? 
_exptl_crystal.pdbx_mosaicity              ? 
_exptl_crystal.pdbx_mosaicity_esd          ? 
# 
_exptl_crystal_grow.apparatus       ? 
_exptl_crystal_grow.atmosphere      ? 
_exptl_crystal_grow.crystal_id      1 
_exptl_crystal_grow.details         ? 
_exptl_crystal_grow.method          'VAPOR DIFFUSION, HANGING DROP' 
_exptl_crystal_grow.method_ref      ? 
_exptl_crystal_grow.pH              6.8 
_exptl_crystal_grow.pressure        ? 
_exptl_crystal_grow.pressure_esd    ? 
_exptl_crystal_grow.seeding         ? 
_exptl_crystal_grow.seeding_ref     ? 
_exptl_crystal_grow.temp            293 
_exptl_crystal_grow.temp_details    ? 
_exptl_crystal_grow.temp_esd        ? 
_exptl_crystal_grow.time            ? 
_exptl_crystal_grow.pdbx_details    '100 mM MES, 5 mM MgCl2, 5 mM CaCl2, 50 mM CdCl2, 50 mM NiCl2 and 12% (w/v) PEG 3350' 
_exptl_crystal_grow.pdbx_pH_range   ? 
# 
_diffrn.ambient_environment    ? 
_diffrn.ambient_temp           100 
_diffrn.ambient_temp_details   ? 
_diffrn.ambient_temp_esd       ? 
_diffrn.crystal_id             1 
_diffrn.crystal_support        ? 
_diffrn.crystal_treatment      ? 
_diffrn.details                ? 
_diffrn.id                     1 
_diffrn.ambient_pressure       ? 
_diffrn.ambient_pressure_esd   ? 
_diffrn.ambient_pressure_gt    ? 
_diffrn.ambient_pressure_lt    ? 
_diffrn.ambient_temp_gt        ? 
_diffrn.ambient_temp_lt        ? 
# 
_diffrn_detector.details                      'KB mirrors' 
_diffrn_detector.detector                     PIXEL 
_diffrn_detector.diffrn_id                    1 
_diffrn_detector.type                         'DECTRIS PILATUS 6M' 
_diffrn_detector.area_resol_mean              ? 
_diffrn_detector.dtime                        ? 
_diffrn_detector.pdbx_frames_total            ? 
_diffrn_detector.pdbx_collection_time_total   ? 
_diffrn_detector.pdbx_collection_date         2014-10-10 
# 
_diffrn_radiation.collimation                      ? 
_diffrn_radiation.diffrn_id                        1 
_diffrn_radiation.filter_edge                      ? 
_diffrn_radiation.inhomogeneity                    ? 
_diffrn_radiation.monochromator                    'Si crystal 111' 
_diffrn_radiation.polarisn_norm                    ? 
_diffrn_radiation.polarisn_ratio                   ? 
_diffrn_radiation.probe                            ? 
_diffrn_radiation.type                             ? 
_diffrn_radiation.xray_symbol                      ? 
_diffrn_radiation.wavelength_id                    1 
_diffrn_radiation.pdbx_monochromatic_or_laue_m_l   M 
_diffrn_radiation.pdbx_wavelength_list             ? 
_diffrn_radiation.pdbx_wavelength                  ? 
_diffrn_radiation.pdbx_diffrn_protocol             'SINGLE WAVELENGTH' 
_diffrn_radiation.pdbx_analyzer                    ? 
_diffrn_radiation.pdbx_scattering_type             x-ray 
# 
_diffrn_radiation_wavelength.id           1 
_diffrn_radiation_wavelength.wavelength   1.0332 
_diffrn_radiation_wavelength.wt           1.0 
# 
_diffrn_source.current                     ? 
_diffrn_source.details                     ? 
_diffrn_source.diffrn_id                   1 
_diffrn_source.power                       ? 
_diffrn_source.size                        ? 
_diffrn_source.source                      SYNCHROTRON 
_diffrn_source.target                      ? 
_diffrn_source.type                        'SOLEIL BEAMLINE PROXIMA 1' 
_diffrn_source.voltage                     ? 
_diffrn_source.take-off_angle              ? 
_diffrn_source.pdbx_wavelength_list        1.0332 
_diffrn_source.pdbx_wavelength             ? 
_diffrn_source.pdbx_synchrotron_beamline   'PROXIMA 1' 
_diffrn_source.pdbx_synchrotron_site       SOLEIL 
# 
_reflns.B_iso_Wilson_estimate            24.81 
_reflns.entry_id                         5OLL 
_reflns.data_reduction_details           ? 
_reflns.data_reduction_method            ? 
_reflns.d_resolution_high                1.45 
_reflns.d_resolution_low                 30 
_reflns.details                          ? 
_reflns.limit_h_max                      ? 
_reflns.limit_h_min                      ? 
_reflns.limit_k_max                      ? 
_reflns.limit_k_min                      ? 
_reflns.limit_l_max                      ? 
_reflns.limit_l_min                      ? 
_reflns.number_all                       ? 
_reflns.number_obs                       39858 
_reflns.observed_criterion               ? 
_reflns.observed_criterion_F_max         ? 
_reflns.observed_criterion_F_min         ? 
_reflns.observed_criterion_I_max         ? 
_reflns.observed_criterion_I_min         ? 
_reflns.observed_criterion_sigma_F       -3 
_reflns.observed_criterion_sigma_I       -3 
_reflns.percent_possible_obs             100.0 
_reflns.R_free_details                   ? 
_reflns.Rmerge_F_all                     ? 
_reflns.Rmerge_F_obs                     ? 
_reflns.Friedel_coverage                 ? 
_reflns.number_gt                        ? 
_reflns.threshold_expression             ? 
_reflns.pdbx_redundancy                  5.5 
_reflns.pdbx_Rmerge_I_obs                0.051 
_reflns.pdbx_Rmerge_I_all                ? 
_reflns.pdbx_Rsym_value                  ? 
_reflns.pdbx_netI_over_av_sigmaI         ? 
_reflns.pdbx_netI_over_sigmaI            18.1 
_reflns.pdbx_res_netI_over_av_sigmaI_2   ? 
_reflns.pdbx_res_netI_over_sigmaI_2      ? 
_reflns.pdbx_chi_squared                 ? 
_reflns.pdbx_scaling_rejects             ? 
_reflns.pdbx_d_res_high_opt              ? 
_reflns.pdbx_d_res_low_opt               ? 
_reflns.pdbx_d_res_opt_method            ? 
_reflns.phase_calculation_details        ? 
_reflns.pdbx_Rrim_I_all                  ? 
_reflns.pdbx_Rpim_I_all                  0.023 
_reflns.pdbx_d_opt                       ? 
_reflns.pdbx_number_measured_all         ? 
_reflns.pdbx_diffrn_id                   1 
_reflns.pdbx_ordinal                     1 
_reflns.pdbx_CC_half                     0.998 
_reflns.pdbx_R_split                     ? 
# 
_reflns_shell.d_res_high                  1.45 
_reflns_shell.d_res_low                   1.49 
_reflns_shell.meanI_over_sigI_all         ? 
_reflns_shell.meanI_over_sigI_obs         1.9 
_reflns_shell.number_measured_all         ? 
_reflns_shell.number_measured_obs         ? 
_reflns_shell.number_possible             ? 
_reflns_shell.number_unique_all           ? 
_reflns_shell.number_unique_obs           524 
_reflns_shell.percent_possible_all        100.0 
_reflns_shell.percent_possible_obs        ? 
_reflns_shell.Rmerge_F_all                ? 
_reflns_shell.Rmerge_F_obs                ? 
_reflns_shell.Rmerge_I_all                ? 
_reflns_shell.Rmerge_I_obs                0.800 
_reflns_shell.meanI_over_sigI_gt          ? 
_reflns_shell.meanI_over_uI_all           ? 
_reflns_shell.meanI_over_uI_gt            ? 
_reflns_shell.number_measured_gt          ? 
_reflns_shell.number_unique_gt            ? 
_reflns_shell.percent_possible_gt         ? 
_reflns_shell.Rmerge_F_gt                 ? 
_reflns_shell.Rmerge_I_gt                 ? 
_reflns_shell.pdbx_redundancy             5.5 
_reflns_shell.pdbx_Rsym_value             ? 
_reflns_shell.pdbx_chi_squared            ? 
_reflns_shell.pdbx_netI_over_sigmaI_all   ? 
_reflns_shell.pdbx_netI_over_sigmaI_obs   ? 
_reflns_shell.pdbx_Rrim_I_all             ? 
_reflns_shell.pdbx_Rpim_I_all             0.378 
_reflns_shell.pdbx_rejects                ? 
_reflns_shell.pdbx_ordinal                1 
_reflns_shell.pdbx_diffrn_id              1 
_reflns_shell.pdbx_CC_half                0.700 
_reflns_shell.pdbx_R_split                ? 
# 
_refine.aniso_B[1][1]                            -0.65150 
_refine.aniso_B[1][2]                            0.00000 
_refine.aniso_B[1][3]                            0.00000 
_refine.aniso_B[2][2]                            -0.65150 
_refine.aniso_B[2][3]                            0.00000 
_refine.aniso_B[3][3]                            1.30290 
_refine.B_iso_max                                ? 
_refine.B_iso_mean                               34.98 
_refine.B_iso_min                                ? 
_refine.correlation_coeff_Fo_to_Fc               0.964 
_refine.correlation_coeff_Fo_to_Fc_free          0.957 
_refine.details                                  ? 
_refine.diff_density_max                         ? 
_refine.diff_density_max_esd                     ? 
_refine.diff_density_min                         ? 
_refine.diff_density_min_esd                     ? 
_refine.diff_density_rms                         ? 
_refine.diff_density_rms_esd                     ? 
_refine.entry_id                                 5OLL 
_refine.pdbx_refine_id                           'X-RAY DIFFRACTION' 
_refine.ls_abs_structure_details                 ? 
_refine.ls_abs_structure_Flack                   ? 
_refine.ls_abs_structure_Flack_esd               ? 
_refine.ls_abs_structure_Rogers                  ? 
_refine.ls_abs_structure_Rogers_esd              ? 
_refine.ls_d_res_high                            1.45 
_refine.ls_d_res_low                             12.00 
_refine.ls_extinction_coef                       ? 
_refine.ls_extinction_coef_esd                   ? 
_refine.ls_extinction_expression                 ? 
_refine.ls_extinction_method                     ? 
_refine.ls_goodness_of_fit_all                   ? 
_refine.ls_goodness_of_fit_all_esd               ? 
_refine.ls_goodness_of_fit_obs                   ? 
_refine.ls_goodness_of_fit_obs_esd               ? 
_refine.ls_hydrogen_treatment                    ? 
_refine.ls_matrix_type                           ? 
_refine.ls_number_constraints                    ? 
_refine.ls_number_parameters                     ? 
_refine.ls_number_reflns_all                     ? 
_refine.ls_number_reflns_obs                     7238 
_refine.ls_number_reflns_R_free                  362 
_refine.ls_number_reflns_R_work                  ? 
_refine.ls_number_restraints                     ? 
_refine.ls_percent_reflns_obs                    100.0 
_refine.ls_percent_reflns_R_free                 5.000 
_refine.ls_R_factor_all                          ? 
_refine.ls_R_factor_obs                          0.190 
_refine.ls_R_factor_R_free                       0.191 
_refine.ls_R_factor_R_free_error                 ? 
_refine.ls_R_factor_R_free_error_details         ? 
_refine.ls_R_factor_R_work                       0.190 
_refine.ls_R_Fsqd_factor_obs                     ? 
_refine.ls_R_I_factor_obs                        ? 
_refine.ls_redundancy_reflns_all                 ? 
_refine.ls_redundancy_reflns_obs                 ? 
_refine.ls_restrained_S_all                      ? 
_refine.ls_restrained_S_obs                      ? 
_refine.ls_shift_over_esd_max                    ? 
_refine.ls_shift_over_esd_mean                   ? 
_refine.ls_structure_factor_coef                 ? 
_refine.ls_weighting_details                     ? 
_refine.ls_weighting_scheme                      ? 
_refine.ls_wR_factor_all                         ? 
_refine.ls_wR_factor_obs                         ? 
_refine.ls_wR_factor_R_free                      ? 
_refine.ls_wR_factor_R_work                      ? 
_refine.occupancy_max                            ? 
_refine.occupancy_min                            ? 
_refine.solvent_model_details                    ? 
_refine.solvent_model_param_bsol                 ? 
_refine.solvent_model_param_ksol                 ? 
_refine.ls_R_factor_gt                           ? 
_refine.ls_goodness_of_fit_gt                    ? 
_refine.ls_goodness_of_fit_ref                   ? 
_refine.ls_shift_over_su_max                     ? 
_refine.ls_shift_over_su_max_lt                  ? 
_refine.ls_shift_over_su_mean                    ? 
_refine.ls_shift_over_su_mean_lt                 ? 
_refine.pdbx_ls_sigma_I                          ? 
_refine.pdbx_ls_sigma_F                          0.000 
_refine.pdbx_ls_sigma_Fsqd                       ? 
_refine.pdbx_data_cutoff_high_absF               ? 
_refine.pdbx_data_cutoff_high_rms_absF           ? 
_refine.pdbx_data_cutoff_low_absF                ? 
_refine.pdbx_isotropic_thermal_model             ? 
_refine.pdbx_ls_cross_valid_method               THROUGHOUT 
_refine.pdbx_method_to_determine_struct          SAD 
_refine.pdbx_starting_model                      ? 
_refine.pdbx_stereochemistry_target_values       ? 
_refine.pdbx_R_Free_selection_details            RANDOM 
_refine.pdbx_stereochem_target_val_spec_case     ? 
_refine.pdbx_overall_ESU_R                       ? 
_refine.pdbx_overall_ESU_R_Free                  ? 
_refine.pdbx_solvent_vdw_probe_radii             ? 
_refine.pdbx_solvent_ion_probe_radii             ? 
_refine.pdbx_solvent_shrinkage_radii             ? 
_refine.pdbx_real_space_R                        ? 
_refine.pdbx_density_correlation                 ? 
_refine.pdbx_pd_number_of_powder_patterns        ? 
_refine.pdbx_pd_number_of_points                 ? 
_refine.pdbx_pd_meas_number_of_points            ? 
_refine.pdbx_pd_proc_ls_prof_R_factor            ? 
_refine.pdbx_pd_proc_ls_prof_wR_factor           ? 
_refine.pdbx_pd_Marquardt_correlation_coeff      ? 
_refine.pdbx_pd_Fsqrd_R_factor                   ? 
_refine.pdbx_pd_ls_matrix_band_width             ? 
_refine.pdbx_overall_phase_error                 ? 
_refine.pdbx_overall_SU_R_free_Cruickshank_DPI   0.062 
_refine.pdbx_overall_SU_R_free_Blow_DPI          0.063 
_refine.pdbx_overall_SU_R_Blow_DPI               0.071 
_refine.pdbx_TLS_residual_ADP_flag               ? 
_refine.pdbx_diffrn_id                           1 
_refine.overall_SU_B                             ? 
_refine.overall_SU_ML                            ? 
_refine.overall_SU_R_Cruickshank_DPI             0.069 
_refine.overall_SU_R_free                        ? 
_refine.overall_FOM_free_R_set                   ? 
_refine.overall_FOM_work_R_set                   ? 
_refine.pdbx_average_fsc_overall                 ? 
_refine.pdbx_average_fsc_work                    ? 
_refine.pdbx_average_fsc_free                    ? 
# 
_refine_analyze.entry_id                        5OLL 
_refine_analyze.pdbx_refine_id                  'X-RAY DIFFRACTION' 
_refine_analyze.Luzzati_coordinate_error_free   ? 
_refine_analyze.Luzzati_coordinate_error_obs    0.19 
_refine_analyze.Luzzati_d_res_low_free          ? 
_refine_analyze.Luzzati_d_res_low_obs           ? 
_refine_analyze.Luzzati_sigma_a_free            ? 
_refine_analyze.Luzzati_sigma_a_free_details    ? 
_refine_analyze.Luzzati_sigma_a_obs             ? 
_refine_analyze.Luzzati_sigma_a_obs_details     ? 
_refine_analyze.number_disordered_residues      ? 
_refine_analyze.occupancy_sum_hydrogen          ? 
_refine_analyze.occupancy_sum_non_hydrogen      ? 
_refine_analyze.RG_d_res_high                   ? 
_refine_analyze.RG_d_res_low                    ? 
_refine_analyze.RG_free                         ? 
_refine_analyze.RG_work                         ? 
_refine_analyze.RG_free_work_ratio              ? 
_refine_analyze.pdbx_Luzzati_d_res_high_obs     ? 
# 
_refine_hist.pdbx_refine_id                   'X-RAY DIFFRACTION' 
_refine_hist.cycle_id                         1 
_refine_hist.pdbx_number_atoms_protein        293 
_refine_hist.pdbx_number_atoms_nucleic_acid   0 
_refine_hist.pdbx_number_atoms_ligand         3 
_refine_hist.number_atoms_solvent             37 
_refine_hist.number_atoms_total               333 
_refine_hist.d_res_high                       1.45 
_refine_hist.d_res_low                        12.00 
# 
loop_
_refine_ls_restr.pdbx_refine_id 
_refine_ls_restr.criterion 
_refine_ls_restr.dev_ideal 
_refine_ls_restr.dev_ideal_target 
_refine_ls_restr.number 
_refine_ls_restr.rejects 
_refine_ls_restr.type 
_refine_ls_restr.weight 
_refine_ls_restr.pdbx_restraint_function 
'X-RAY DIFFRACTION' ? 0.010 ? 341 ? t_bond_d                  2.00  HARMONIC     
'X-RAY DIFFRACTION' ? 1.13  ? 469 ? t_angle_deg               2.00  HARMONIC     
'X-RAY DIFFRACTION' ? ?     ? 122 ? t_dihedral_angle_d        2.00  SINUSOIDAL   
'X-RAY DIFFRACTION' ? ?     ? ?   ? t_incorr_chiral_ct        ?     ?            
'X-RAY DIFFRACTION' ? ?     ? ?   ? t_pseud_angle             ?     ?            
'X-RAY DIFFRACTION' ? ?     ? 11  ? t_trig_c_planes           2.00  HARMONIC     
'X-RAY DIFFRACTION' ? ?     ? 47  ? t_gen_planes              5.00  HARMONIC     
'X-RAY DIFFRACTION' ? ?     ? 341 ? t_it                      20.00 HARMONIC     
'X-RAY DIFFRACTION' ? ?     ? 0   ? t_nbd                     5.00  SEMIHARMONIC 
'X-RAY DIFFRACTION' ? 4.86  ? ?   ? t_omega_torsion           ?     ?            
'X-RAY DIFFRACTION' ? 18.96 ? ?   ? t_other_torsion           ?     ?            
'X-RAY DIFFRACTION' ? ?     ? ?   ? t_improper_torsion        ?     ?            
'X-RAY DIFFRACTION' ? ?     ? 38  ? t_chiral_improper_torsion 5.00  SEMIHARMONIC 
'X-RAY DIFFRACTION' ? ?     ? ?   ? t_sum_occupancies         ?     ?            
'X-RAY DIFFRACTION' ? ?     ? 4   ? t_utility_distance        1.00  HARMONIC     
'X-RAY DIFFRACTION' ? ?     ? ?   ? t_utility_angle           ?     ?            
'X-RAY DIFFRACTION' ? ?     ? ?   ? t_utility_torsion         ?     ?            
'X-RAY DIFFRACTION' ? ?     ? 437 ? t_ideal_dist_contact      4.00  SEMIHARMONIC 
# 
_refine_ls_shell.pdbx_refine_id                   'X-RAY DIFFRACTION' 
_refine_ls_shell.d_res_high                       1.45 
_refine_ls_shell.d_res_low                        1.62 
_refine_ls_shell.number_reflns_all                2055 
_refine_ls_shell.number_reflns_obs                ? 
_refine_ls_shell.number_reflns_R_free             103 
_refine_ls_shell.number_reflns_R_work             1952 
_refine_ls_shell.percent_reflns_obs               100.00 
_refine_ls_shell.percent_reflns_R_free            5.01 
_refine_ls_shell.R_factor_all                     0.2316 
_refine_ls_shell.R_factor_obs                     ? 
_refine_ls_shell.R_factor_R_free                  0.2620 
_refine_ls_shell.R_factor_R_free_error            ? 
_refine_ls_shell.R_factor_R_work                  0.2301 
_refine_ls_shell.redundancy_reflns_all            ? 
_refine_ls_shell.redundancy_reflns_obs            ? 
_refine_ls_shell.wR_factor_all                    ? 
_refine_ls_shell.wR_factor_obs                    ? 
_refine_ls_shell.wR_factor_R_free                 ? 
_refine_ls_shell.wR_factor_R_work                 ? 
_refine_ls_shell.pdbx_total_number_of_bins_used   5 
_refine_ls_shell.pdbx_phase_error                 ? 
_refine_ls_shell.pdbx_fsc_work                    ? 
_refine_ls_shell.pdbx_fsc_free                    ? 
# 
_struct.entry_id                     5OLL 
_struct.title                        'Crystal structure of gurmarin, a sweet taste suppressing polypeptide' 
_struct.pdbx_model_details           ? 
_struct.pdbx_formula_weight          ? 
_struct.pdbx_formula_weight_method   ? 
_struct.pdbx_model_type_details      ? 
_struct.pdbx_CASP_flag               N 
# 
_struct_keywords.entry_id        5OLL 
_struct_keywords.text            'Gurmarin, sweet, taste, knottin, GPCR, inhibitor, plant protein' 
_struct_keywords.pdbx_keywords   'PLANT PROTEIN' 
# 
loop_
_struct_asym.id 
_struct_asym.pdbx_blank_PDB_chainid_flag 
_struct_asym.pdbx_modified 
_struct_asym.entity_id 
_struct_asym.details 
A N N 1 ? 
B N N 2 ? 
C N N 2 ? 
D N N 2 ? 
E N N 3 ? 
# 
_struct_ref.id                         1 
_struct_ref.db_name                    UNP 
_struct_ref.db_code                    GUR_GYMSY 
_struct_ref.pdbx_db_accession          P25810 
_struct_ref.pdbx_db_isoform            ? 
_struct_ref.entity_id                  1 
_struct_ref.pdbx_seq_one_letter_code   QQCVKKDELCIPYYLDCCEPLECKKVNWWDHKCIG 
_struct_ref.pdbx_align_begin           1 
# 
_struct_ref_seq.align_id                      1 
_struct_ref_seq.ref_id                        1 
_struct_ref_seq.pdbx_PDB_id_code              5OLL 
_struct_ref_seq.pdbx_strand_id                A 
_struct_ref_seq.seq_align_beg                 1 
_struct_ref_seq.pdbx_seq_align_beg_ins_code   ? 
_struct_ref_seq.seq_align_end                 35 
_struct_ref_seq.pdbx_seq_align_end_ins_code   ? 
_struct_ref_seq.pdbx_db_accession             P25810 
_struct_ref_seq.db_align_beg                  1 
_struct_ref_seq.pdbx_db_align_beg_ins_code    ? 
_struct_ref_seq.db_align_end                  35 
_struct_ref_seq.pdbx_db_align_end_ins_code    ? 
_struct_ref_seq.pdbx_auth_seq_align_beg       1 
_struct_ref_seq.pdbx_auth_seq_align_end       35 
# 
_struct_ref_seq_dif.align_id                     1 
_struct_ref_seq_dif.pdbx_pdb_id_code             5OLL 
_struct_ref_seq_dif.mon_id                       GLU 
_struct_ref_seq_dif.pdbx_pdb_strand_id           A 
_struct_ref_seq_dif.seq_num                      1 
_struct_ref_seq_dif.pdbx_pdb_ins_code            ? 
_struct_ref_seq_dif.pdbx_seq_db_name             UNP 
_struct_ref_seq_dif.pdbx_seq_db_accession_code   P25810 
_struct_ref_seq_dif.db_mon_id                    GLN 
_struct_ref_seq_dif.pdbx_seq_db_seq_num          1 
_struct_ref_seq_dif.details                      conflict 
_struct_ref_seq_dif.pdbx_auth_seq_num            1 
_struct_ref_seq_dif.pdbx_ordinal                 1 
# 
_pdbx_struct_assembly.id                   1 
_pdbx_struct_assembly.details              software_defined_assembly 
_pdbx_struct_assembly.method_details       PISA 
_pdbx_struct_assembly.oligomeric_details   trimeric 
_pdbx_struct_assembly.oligomeric_count     3 
# 
loop_
_pdbx_struct_assembly_prop.biol_id 
_pdbx_struct_assembly_prop.type 
_pdbx_struct_assembly_prop.value 
_pdbx_struct_assembly_prop.details 
1 'ABSA (A^2)' 3300 ? 
1 MORE         -62  ? 
1 'SSA (A^2)'  6520 ? 
# 
_pdbx_struct_assembly_gen.assembly_id       1 
_pdbx_struct_assembly_gen.oper_expression   1,2,3 
_pdbx_struct_assembly_gen.asym_id_list      A,B,C,D,E 
# 
_pdbx_struct_assembly_auth_evidence.id                     1 
_pdbx_struct_assembly_auth_evidence.assembly_id            1 
_pdbx_struct_assembly_auth_evidence.experimental_support   none 
_pdbx_struct_assembly_auth_evidence.details                ? 
# 
loop_
_pdbx_struct_oper_list.id 
_pdbx_struct_oper_list.type 
_pdbx_struct_oper_list.name 
_pdbx_struct_oper_list.symmetry_operation 
_pdbx_struct_oper_list.matrix[1][1] 
_pdbx_struct_oper_list.matrix[1][2] 
_pdbx_struct_oper_list.matrix[1][3] 
_pdbx_struct_oper_list.vector[1] 
_pdbx_struct_oper_list.matrix[2][1] 
_pdbx_struct_oper_list.matrix[2][2] 
_pdbx_struct_oper_list.matrix[2][3] 
_pdbx_struct_oper_list.vector[2] 
_pdbx_struct_oper_list.matrix[3][1] 
_pdbx_struct_oper_list.matrix[3][2] 
_pdbx_struct_oper_list.matrix[3][3] 
_pdbx_struct_oper_list.vector[3] 
1 'identity operation'         1_555 x,y,z     1.0000000000 0.0000000000  0.0000000000 0.0000000000   0.0000000000  1.0000000000  0.0000000000  0.0000000000   0.0000000000 0.0000000000  1.0000000000 0.0000000000  
2 'crystal symmetry operation' 2_555 -y,x-y,z  0.2192322606 0.5073913981  0.8333613772 0.2212154717   -0.7285435315 -0.4829998358 0.4857319027  -18.7771286572 0.6489695976 -0.7136281439 0.2637675752 -3.0160691139 
3 'crystal symmetry operation' 3_555 -x+y,-x,z 0.2192322606 -0.7285435315 0.6489695976 -11.7711160329 0.5073913981  -0.4829998358 -0.7136281439 -11.3339446891 0.8333613772 0.4857319027  0.2637675752 9.7318392362 
# 
loop_
_struct_conn.id 
_struct_conn.conn_type_id 
_struct_conn.pdbx_leaving_atom_flag 
_struct_conn.pdbx_PDB_id 
_struct_conn.ptnr1_label_asym_id 
_struct_conn.ptnr1_label_comp_id 
_struct_conn.ptnr1_label_seq_id 
_struct_conn.ptnr1_label_atom_id 
_struct_conn.pdbx_ptnr1_label_alt_id 
_struct_conn.pdbx_ptnr1_PDB_ins_code 
_struct_conn.pdbx_ptnr1_standard_comp_id 
_struct_conn.ptnr1_symmetry 
_struct_conn.ptnr2_label_asym_id 
_struct_conn.ptnr2_label_comp_id 
_struct_conn.ptnr2_label_seq_id 
_struct_conn.ptnr2_label_atom_id 
_struct_conn.pdbx_ptnr2_label_alt_id 
_struct_conn.pdbx_ptnr2_PDB_ins_code 
_struct_conn.ptnr1_auth_asym_id 
_struct_conn.ptnr1_auth_comp_id 
_struct_conn.ptnr1_auth_seq_id 
_struct_conn.ptnr2_auth_asym_id 
_struct_conn.ptnr2_auth_comp_id 
_struct_conn.ptnr2_auth_seq_id 
_struct_conn.ptnr2_symmetry 
_struct_conn.pdbx_ptnr3_label_atom_id 
_struct_conn.pdbx_ptnr3_label_seq_id 
_struct_conn.pdbx_ptnr3_label_comp_id 
_struct_conn.pdbx_ptnr3_label_asym_id 
_struct_conn.pdbx_ptnr3_label_alt_id 
_struct_conn.pdbx_ptnr3_PDB_ins_code 
_struct_conn.details 
_struct_conn.pdbx_dist_value 
_struct_conn.pdbx_value_order 
_struct_conn.pdbx_role 
disulf1  disulf ? ? A CYS 3  SG  ? ? ? 1_555 A CYS 18 SG ? ? A CYS 3   A CYS 18  1_555 ? ? ? ? ? ? ? 2.049 ? ? 
disulf2  disulf ? ? A CYS 10 SG  ? ? ? 1_555 A CYS 23 SG ? ? A CYS 10  A CYS 23  1_555 ? ? ? ? ? ? ? 2.036 ? ? 
disulf3  disulf ? ? A CYS 17 SG  ? ? ? 1_555 A CYS 33 SG ? ? A CYS 17  A CYS 33  1_555 ? ? ? ? ? ? ? 2.033 ? ? 
metalc1  metalc ? ? A GLU 1  N   ? ? ? 1_555 C NI  .  NI ? ? A GLU 1   A NI  102 1_555 ? ? ? ? ? ? ? 2.206 ? ? 
metalc2  metalc ? ? A GLU 1  O   ? ? ? 1_555 C NI  .  NI ? ? A GLU 1   A NI  102 1_555 ? ? ? ? ? ? ? 2.078 ? ? 
metalc3  metalc ? ? A GLU 1  N   ? ? ? 1_555 C NI  .  NI ? ? A GLU 1   A NI  102 3_555 ? ? ? ? ? ? ? 2.204 ? ? 
metalc4  metalc ? ? A GLU 1  O   ? ? ? 1_555 C NI  .  NI ? ? A GLU 1   A NI  102 3_555 ? ? ? ? ? ? ? 2.096 ? ? 
metalc5  metalc ? ? A GLU 19 OE2 B ? ? 1_555 B NI  .  NI B ? A GLU 19  A NI  101 1_555 ? ? ? ? ? ? ? 2.392 ? ? 
metalc6  metalc ? ? A GLU 19 OE1 A ? ? 1_555 B NI  .  NI A ? A GLU 19  A NI  101 2_555 ? ? ? ? ? ? ? 2.462 ? ? 
metalc7  metalc ? ? A GLU 19 OE2 A ? ? 1_555 B NI  .  NI A ? A GLU 19  A NI  101 2_555 ? ? ? ? ? ? ? 2.350 ? ? 
metalc8  metalc ? ? A GLU 22 OE1 ? ? ? 1_555 B NI  .  NI A ? A GLU 22  A NI  101 1_555 ? ? ? ? ? ? ? 2.113 ? ? 
metalc9  metalc ? ? A GLU 22 OE2 ? ? ? 1_555 B NI  .  NI A ? A GLU 22  A NI  101 1_555 ? ? ? ? ? ? ? 2.297 ? ? 
metalc10 metalc ? ? D NI  .  NI  ? ? ? 1_555 E HOH .  O  ? ? A NI  103 A HOH 202 1_555 ? ? ? ? ? ? ? 2.255 ? ? 
metalc11 metalc ? ? D NI  .  NI  ? ? ? 1_555 E HOH .  O  ? ? A NI  103 A HOH 202 3_555 ? ? ? ? ? ? ? 2.258 ? ? 
metalc12 metalc ? ? D NI  .  NI  ? ? ? 1_555 E HOH .  O  ? ? A NI  103 A HOH 237 1_555 ? ? ? ? ? ? ? 2.076 ? ? 
metalc13 metalc ? ? D NI  .  NI  ? ? ? 1_555 E HOH .  O  ? ? A NI  103 A HOH 237 2_555 ? ? ? ? ? ? ? 2.081 ? ? 
# 
loop_
_struct_conn_type.id 
_struct_conn_type.criteria 
_struct_conn_type.reference 
disulf ? ? 
metalc ? ? 
# 
loop_
_pdbx_struct_conn_angle.id 
_pdbx_struct_conn_angle.ptnr1_label_atom_id 
_pdbx_struct_conn_angle.ptnr1_label_alt_id 
_pdbx_struct_conn_angle.ptnr1_label_asym_id 
_pdbx_struct_conn_angle.ptnr1_label_comp_id 
_pdbx_struct_conn_angle.ptnr1_label_seq_id 
_pdbx_struct_conn_angle.ptnr1_auth_atom_id 
_pdbx_struct_conn_angle.ptnr1_auth_asym_id 
_pdbx_struct_conn_angle.ptnr1_auth_comp_id 
_pdbx_struct_conn_angle.ptnr1_auth_seq_id 
_pdbx_struct_conn_angle.ptnr1_PDB_ins_code 
_pdbx_struct_conn_angle.ptnr1_symmetry 
_pdbx_struct_conn_angle.ptnr2_label_atom_id 
_pdbx_struct_conn_angle.ptnr2_label_alt_id 
_pdbx_struct_conn_angle.ptnr2_label_asym_id 
_pdbx_struct_conn_angle.ptnr2_label_comp_id 
_pdbx_struct_conn_angle.ptnr2_label_seq_id 
_pdbx_struct_conn_angle.ptnr2_auth_atom_id 
_pdbx_struct_conn_angle.ptnr2_auth_asym_id 
_pdbx_struct_conn_angle.ptnr2_auth_comp_id 
_pdbx_struct_conn_angle.ptnr2_auth_seq_id 
_pdbx_struct_conn_angle.ptnr2_PDB_ins_code 
_pdbx_struct_conn_angle.ptnr2_symmetry 
_pdbx_struct_conn_angle.ptnr3_label_atom_id 
_pdbx_struct_conn_angle.ptnr3_label_alt_id 
_pdbx_struct_conn_angle.ptnr3_label_asym_id 
_pdbx_struct_conn_angle.ptnr3_label_comp_id 
_pdbx_struct_conn_angle.ptnr3_label_seq_id 
_pdbx_struct_conn_angle.ptnr3_auth_atom_id 
_pdbx_struct_conn_angle.ptnr3_auth_asym_id 
_pdbx_struct_conn_angle.ptnr3_auth_comp_id 
_pdbx_struct_conn_angle.ptnr3_auth_seq_id 
_pdbx_struct_conn_angle.ptnr3_PDB_ins_code 
_pdbx_struct_conn_angle.ptnr3_symmetry 
_pdbx_struct_conn_angle.value 
_pdbx_struct_conn_angle.value_esd 
1  N   ? A GLU 1  ? A GLU 1   ? 1_555 NI ? C NI . ? A NI 102 ? 1_555 O   ? A GLU 1  ? A GLU 1   ? 1_555 78.7  ? 
2  N   ? A GLU 1  ? A GLU 1   ? 1_555 NI ? C NI . ? A NI 102 ? 1_555 N   ? A GLU 1  ? A GLU 1   ? 1_555 0.0   ? 
3  O   ? A GLU 1  ? A GLU 1   ? 1_555 NI ? C NI . ? A NI 102 ? 1_555 N   ? A GLU 1  ? A GLU 1   ? 1_555 78.7  ? 
4  N   ? A GLU 1  ? A GLU 1   ? 1_555 NI ? C NI . ? A NI 102 ? 1_555 O   ? A GLU 1  ? A GLU 1   ? 1_555 78.7  ? 
5  O   ? A GLU 1  ? A GLU 1   ? 1_555 NI ? C NI . ? A NI 102 ? 1_555 O   ? A GLU 1  ? A GLU 1   ? 1_555 0.0   ? 
6  N   ? A GLU 1  ? A GLU 1   ? 1_555 NI ? C NI . ? A NI 102 ? 1_555 O   ? A GLU 1  ? A GLU 1   ? 1_555 78.7  ? 
7  OE1 A A GLU 19 ? A GLU 19  ? 1_555 NI A B NI . ? A NI 101 ? 2_555 OE2 A A GLU 19 ? A GLU 19  ? 1_555 54.1  ? 
8  OE1 A A GLU 19 ? A GLU 19  ? 1_555 NI A B NI . ? A NI 101 ? 2_555 OE1 ? A GLU 22 ? A GLU 22  ? 1_555 66.2  ? 
9  OE2 A A GLU 19 ? A GLU 19  ? 1_555 NI A B NI . ? A NI 101 ? 2_555 OE1 ? A GLU 22 ? A GLU 22  ? 1_555 54.1  ? 
10 OE1 A A GLU 19 ? A GLU 19  ? 1_555 NI A B NI . ? A NI 101 ? 2_555 OE2 ? A GLU 22 ? A GLU 22  ? 1_555 58.6  ? 
11 OE2 A A GLU 19 ? A GLU 19  ? 1_555 NI A B NI . ? A NI 101 ? 2_555 OE2 ? A GLU 22 ? A GLU 22  ? 1_555 59.9  ? 
12 OE1 ? A GLU 22 ? A GLU 22  ? 1_555 NI A B NI . ? A NI 101 ? 2_555 OE2 ? A GLU 22 ? A GLU 22  ? 1_555 12.8  ? 
13 O   ? E HOH .  ? A HOH 202 ? 1_555 NI ? D NI . ? A NI 103 ? 1_555 O   ? E HOH .  ? A HOH 202 ? 3_555 90.2  ? 
14 O   ? E HOH .  ? A HOH 202 ? 1_555 NI ? D NI . ? A NI 103 ? 1_555 O   ? E HOH .  ? A HOH 237 ? 1_555 87.2  ? 
15 O   ? E HOH .  ? A HOH 202 ? 3_555 NI ? D NI . ? A NI 103 ? 1_555 O   ? E HOH .  ? A HOH 237 ? 1_555 94.3  ? 
16 O   ? E HOH .  ? A HOH 202 ? 1_555 NI ? D NI . ? A NI 103 ? 1_555 O   ? E HOH .  ? A HOH 237 ? 2_555 94.3  ? 
17 O   ? E HOH .  ? A HOH 202 ? 3_555 NI ? D NI . ? A NI 103 ? 1_555 O   ? E HOH .  ? A HOH 237 ? 2_555 174.6 ? 
18 O   ? E HOH .  ? A HOH 237 ? 1_555 NI ? D NI . ? A NI 103 ? 1_555 O   ? E HOH .  ? A HOH 237 ? 2_555 89.0  ? 
# 
loop_
_pdbx_modification_feature.ordinal 
_pdbx_modification_feature.label_comp_id 
_pdbx_modification_feature.label_asym_id 
_pdbx_modification_feature.label_seq_id 
_pdbx_modification_feature.label_alt_id 
_pdbx_modification_feature.modified_residue_label_comp_id 
_pdbx_modification_feature.modified_residue_label_asym_id 
_pdbx_modification_feature.modified_residue_label_seq_id 
_pdbx_modification_feature.modified_residue_label_alt_id 
_pdbx_modification_feature.auth_comp_id 
_pdbx_modification_feature.auth_asym_id 
_pdbx_modification_feature.auth_seq_id 
_pdbx_modification_feature.PDB_ins_code 
_pdbx_modification_feature.symmetry 
_pdbx_modification_feature.modified_residue_auth_comp_id 
_pdbx_modification_feature.modified_residue_auth_asym_id 
_pdbx_modification_feature.modified_residue_auth_seq_id 
_pdbx_modification_feature.modified_residue_PDB_ins_code 
_pdbx_modification_feature.modified_residue_symmetry 
_pdbx_modification_feature.comp_id_linking_atom 
_pdbx_modification_feature.modified_residue_id_linking_atom 
_pdbx_modification_feature.modified_residue_id 
_pdbx_modification_feature.ref_pcm_id 
_pdbx_modification_feature.ref_comp_id 
_pdbx_modification_feature.type 
_pdbx_modification_feature.category 
1 CYS A 3  ? CYS A 18 ? CYS A 3  ? 1_555 CYS A 18 ? 1_555 SG SG . . . None 'Disulfide bridge' 
2 CYS A 10 ? CYS A 23 ? CYS A 10 ? 1_555 CYS A 23 ? 1_555 SG SG . . . None 'Disulfide bridge' 
3 CYS A 17 ? CYS A 33 ? CYS A 17 ? 1_555 CYS A 33 ? 1_555 SG SG . . . None 'Disulfide bridge' 
# 
loop_
_struct_mon_prot_cis.pdbx_id 
_struct_mon_prot_cis.label_comp_id 
_struct_mon_prot_cis.label_seq_id 
_struct_mon_prot_cis.label_asym_id 
_struct_mon_prot_cis.label_alt_id 
_struct_mon_prot_cis.pdbx_PDB_ins_code 
_struct_mon_prot_cis.auth_comp_id 
_struct_mon_prot_cis.auth_seq_id 
_struct_mon_prot_cis.auth_asym_id 
_struct_mon_prot_cis.pdbx_label_comp_id_2 
_struct_mon_prot_cis.pdbx_label_seq_id_2 
_struct_mon_prot_cis.pdbx_label_asym_id_2 
_struct_mon_prot_cis.pdbx_PDB_ins_code_2 
_struct_mon_prot_cis.pdbx_auth_comp_id_2 
_struct_mon_prot_cis.pdbx_auth_seq_id_2 
_struct_mon_prot_cis.pdbx_auth_asym_id_2 
_struct_mon_prot_cis.pdbx_PDB_model_num 
_struct_mon_prot_cis.pdbx_omega_angle 
1 GLU 19 A . ? GLU 19 A PRO 20 A ? PRO 20 A 1 5.97 
2 GLU 19 A . ? GLU 19 A PRO 20 A ? PRO 20 A 1 5.95 
# 
_struct_sheet.id               AA1 
_struct_sheet.type             ? 
_struct_sheet.number_strands   3 
_struct_sheet.details          ? 
# 
loop_
_struct_sheet_order.sheet_id 
_struct_sheet_order.range_id_1 
_struct_sheet_order.range_id_2 
_struct_sheet_order.offset 
_struct_sheet_order.sense 
AA1 1 2 ? anti-parallel 
AA1 2 3 ? anti-parallel 
# 
loop_
_struct_sheet_range.sheet_id 
_struct_sheet_range.id 
_struct_sheet_range.beg_label_comp_id 
_struct_sheet_range.beg_label_asym_id 
_struct_sheet_range.beg_label_seq_id 
_struct_sheet_range.pdbx_beg_PDB_ins_code 
_struct_sheet_range.end_label_comp_id 
_struct_sheet_range.end_label_asym_id 
_struct_sheet_range.end_label_seq_id 
_struct_sheet_range.pdbx_end_PDB_ins_code 
_struct_sheet_range.beg_auth_comp_id 
_struct_sheet_range.beg_auth_asym_id 
_struct_sheet_range.beg_auth_seq_id 
_struct_sheet_range.end_auth_comp_id 
_struct_sheet_range.end_auth_asym_id 
_struct_sheet_range.end_auth_seq_id 
AA1 1 LEU A 9  ? CYS A 10 ? LEU A 9  CYS A 10 
AA1 2 HIS A 31 ? ILE A 34 ? HIS A 31 ILE A 34 
AA1 3 GLU A 22 ? LYS A 25 ? GLU A 22 LYS A 25 
# 
loop_
_pdbx_struct_sheet_hbond.sheet_id 
_pdbx_struct_sheet_hbond.range_id_1 
_pdbx_struct_sheet_hbond.range_id_2 
_pdbx_struct_sheet_hbond.range_1_label_atom_id 
_pdbx_struct_sheet_hbond.range_1_label_comp_id 
_pdbx_struct_sheet_hbond.range_1_label_asym_id 
_pdbx_struct_sheet_hbond.range_1_label_seq_id 
_pdbx_struct_sheet_hbond.range_1_PDB_ins_code 
_pdbx_struct_sheet_hbond.range_1_auth_atom_id 
_pdbx_struct_sheet_hbond.range_1_auth_comp_id 
_pdbx_struct_sheet_hbond.range_1_auth_asym_id 
_pdbx_struct_sheet_hbond.range_1_auth_seq_id 
_pdbx_struct_sheet_hbond.range_2_label_atom_id 
_pdbx_struct_sheet_hbond.range_2_label_comp_id 
_pdbx_struct_sheet_hbond.range_2_label_asym_id 
_pdbx_struct_sheet_hbond.range_2_label_seq_id 
_pdbx_struct_sheet_hbond.range_2_PDB_ins_code 
_pdbx_struct_sheet_hbond.range_2_auth_atom_id 
_pdbx_struct_sheet_hbond.range_2_auth_comp_id 
_pdbx_struct_sheet_hbond.range_2_auth_asym_id 
_pdbx_struct_sheet_hbond.range_2_auth_seq_id 
AA1 1 2 N CYS A 10 ? N CYS A 10 O HIS A 31 ? O HIS A 31 
AA1 2 3 O ILE A 34 ? O ILE A 34 N GLU A 22 ? N GLU A 22 
# 
loop_
_struct_site.id 
_struct_site.pdbx_evidence_code 
_struct_site.pdbx_auth_asym_id 
_struct_site.pdbx_auth_comp_id 
_struct_site.pdbx_auth_seq_id 
_struct_site.pdbx_auth_ins_code 
_struct_site.pdbx_num_residues 
_struct_site.details 
AC1 Software A NI 101 ? 6 'binding site for residue NI A 101' 
AC2 Software A NI 102 ? 3 'binding site for residue NI A 102' 
AC3 Software A NI 103 ? 6 'binding site for residue NI A 103' 
# 
loop_
_struct_site_gen.id 
_struct_site_gen.site_id 
_struct_site_gen.pdbx_num_res 
_struct_site_gen.label_comp_id 
_struct_site_gen.label_asym_id 
_struct_site_gen.label_seq_id 
_struct_site_gen.pdbx_auth_ins_code 
_struct_site_gen.auth_comp_id 
_struct_site_gen.auth_asym_id 
_struct_site_gen.auth_seq_id 
_struct_site_gen.label_atom_id 
_struct_site_gen.label_alt_id 
_struct_site_gen.symmetry 
_struct_site_gen.details 
1  AC1 6 GLU A 19 ? GLU A 19  . ? 1_555 ? 
2  AC1 6 GLU A 19 ? GLU A 19  . ? 3_555 ? 
3  AC1 6 GLU A 22 ? GLU A 22  . ? 1_555 ? 
4  AC1 6 HOH E .  ? HOH A 231 . ? 2_555 ? 
5  AC1 6 HOH E .  ? HOH A 231 . ? 3_555 ? 
6  AC1 6 HOH E .  ? HOH A 231 . ? 1_555 ? 
7  AC2 3 GLU A 1  ? GLU A 1   . ? 2_555 ? 
8  AC2 3 GLU A 1  ? GLU A 1   . ? 3_555 ? 
9  AC2 3 GLU A 1  ? GLU A 1   . ? 1_555 ? 
10 AC3 6 HOH E .  ? HOH A 202 . ? 1_555 ? 
11 AC3 6 HOH E .  ? HOH A 202 . ? 3_555 ? 
12 AC3 6 HOH E .  ? HOH A 202 . ? 2_555 ? 
13 AC3 6 HOH E .  ? HOH A 237 . ? 1_555 ? 
14 AC3 6 HOH E .  ? HOH A 237 . ? 2_555 ? 
15 AC3 6 HOH E .  ? HOH A 237 . ? 3_555 ? 
# 
_pdbx_entry_details.entry_id                   5OLL 
_pdbx_entry_details.compound_details           ? 
_pdbx_entry_details.source_details             ? 
_pdbx_entry_details.nonpolymer_details         ? 
_pdbx_entry_details.sequence_details           ? 
_pdbx_entry_details.has_ligand_of_interest     ? 
_pdbx_entry_details.has_protein_modification   Y 
# 
loop_
_pdbx_validate_torsion.id 
_pdbx_validate_torsion.PDB_model_num 
_pdbx_validate_torsion.auth_comp_id 
_pdbx_validate_torsion.auth_asym_id 
_pdbx_validate_torsion.auth_seq_id 
_pdbx_validate_torsion.PDB_ins_code 
_pdbx_validate_torsion.label_alt_id 
_pdbx_validate_torsion.phi 
_pdbx_validate_torsion.psi 
1 1 TYR A 13 ? ? 73.50   -1.54  
2 1 TYR A 14 ? ? -137.35 -39.76 
# 
loop_
_pdbx_struct_special_symmetry.id 
_pdbx_struct_special_symmetry.PDB_model_num 
_pdbx_struct_special_symmetry.auth_asym_id 
_pdbx_struct_special_symmetry.auth_comp_id 
_pdbx_struct_special_symmetry.auth_seq_id 
_pdbx_struct_special_symmetry.PDB_ins_code 
_pdbx_struct_special_symmetry.label_asym_id 
_pdbx_struct_special_symmetry.label_comp_id 
_pdbx_struct_special_symmetry.label_seq_id 
1 1 A NI  102 ? C NI  . 
2 1 A NI  103 ? D NI  . 
3 1 A HOH 204 ? E HOH . 
4 1 A HOH 231 ? E HOH . 
# 
_pdbx_refine_tls.pdbx_refine_id   'X-RAY DIFFRACTION' 
_pdbx_refine_tls.id               1 
_pdbx_refine_tls.details          ? 
_pdbx_refine_tls.method           refined 
_pdbx_refine_tls.origin_x         -0.7558 
_pdbx_refine_tls.origin_y         0.7402 
_pdbx_refine_tls.origin_z         0.3920 
_pdbx_refine_tls.T[1][1]          -0.0385 
_pdbx_refine_tls.T[2][2]          -0.0117 
_pdbx_refine_tls.T[3][3]          0.1536 
_pdbx_refine_tls.T[1][2]          -0.0022 
_pdbx_refine_tls.T[1][3]          0.0296 
_pdbx_refine_tls.T[2][3]          0.0052 
_pdbx_refine_tls.L[1][1]          0.9595 
_pdbx_refine_tls.L[2][2]          5.6785 
_pdbx_refine_tls.L[3][3]          3.3170 
_pdbx_refine_tls.L[1][2]          0.4063 
_pdbx_refine_tls.L[1][3]          0.1582 
_pdbx_refine_tls.L[2][3]          -0.4489 
_pdbx_refine_tls.S[1][1]          0.3055 
_pdbx_refine_tls.S[1][2]          -0.0014 
_pdbx_refine_tls.S[1][3]          0.3289 
_pdbx_refine_tls.S[2][1]          -0.0091 
_pdbx_refine_tls.S[2][2]          -0.2296 
_pdbx_refine_tls.S[2][3]          -0.4067 
_pdbx_refine_tls.S[3][1]          -0.1415 
_pdbx_refine_tls.S[3][2]          0.0937 
_pdbx_refine_tls.S[3][3]          -0.0759 
# 
_pdbx_refine_tls_group.pdbx_refine_id      'X-RAY DIFFRACTION' 
_pdbx_refine_tls_group.id                  1 
_pdbx_refine_tls_group.refine_tls_id       1 
_pdbx_refine_tls_group.beg_auth_asym_id    ? 
_pdbx_refine_tls_group.beg_auth_seq_id     ? 
_pdbx_refine_tls_group.beg_label_asym_id   ? 
_pdbx_refine_tls_group.beg_label_seq_id    ? 
_pdbx_refine_tls_group.end_auth_asym_id    ? 
_pdbx_refine_tls_group.end_auth_seq_id     ? 
_pdbx_refine_tls_group.end_label_asym_id   ? 
_pdbx_refine_tls_group.end_label_seq_id    ? 
_pdbx_refine_tls_group.selection           ? 
_pdbx_refine_tls_group.selection_details   '{ *|* }' 
# 
loop_
_chem_comp_atom.comp_id 
_chem_comp_atom.atom_id 
_chem_comp_atom.type_symbol 
_chem_comp_atom.pdbx_aromatic_flag 
_chem_comp_atom.pdbx_stereo_config 
_chem_comp_atom.pdbx_ordinal 
ASN N    N  N N 1   
ASN CA   C  N S 2   
ASN C    C  N N 3   
ASN O    O  N N 4   
ASN CB   C  N N 5   
ASN CG   C  N N 6   
ASN OD1  O  N N 7   
ASN ND2  N  N N 8   
ASN OXT  O  N N 9   
ASN H    H  N N 10  
ASN H2   H  N N 11  
ASN HA   H  N N 12  
ASN HB2  H  N N 13  
ASN HB3  H  N N 14  
ASN HD21 H  N N 15  
ASN HD22 H  N N 16  
ASN HXT  H  N N 17  
ASP N    N  N N 18  
ASP CA   C  N S 19  
ASP C    C  N N 20  
ASP O    O  N N 21  
ASP CB   C  N N 22  
ASP CG   C  N N 23  
ASP OD1  O  N N 24  
ASP OD2  O  N N 25  
ASP OXT  O  N N 26  
ASP H    H  N N 27  
ASP H2   H  N N 28  
ASP HA   H  N N 29  
ASP HB2  H  N N 30  
ASP HB3  H  N N 31  
ASP HD2  H  N N 32  
ASP HXT  H  N N 33  
CYS N    N  N N 34  
CYS CA   C  N R 35  
CYS C    C  N N 36  
CYS O    O  N N 37  
CYS CB   C  N N 38  
CYS SG   S  N N 39  
CYS OXT  O  N N 40  
CYS H    H  N N 41  
CYS H2   H  N N 42  
CYS HA   H  N N 43  
CYS HB2  H  N N 44  
CYS HB3  H  N N 45  
CYS HG   H  N N 46  
CYS HXT  H  N N 47  
GLN N    N  N N 48  
GLN CA   C  N S 49  
GLN C    C  N N 50  
GLN O    O  N N 51  
GLN CB   C  N N 52  
GLN CG   C  N N 53  
GLN CD   C  N N 54  
GLN OE1  O  N N 55  
GLN NE2  N  N N 56  
GLN OXT  O  N N 57  
GLN H    H  N N 58  
GLN H2   H  N N 59  
GLN HA   H  N N 60  
GLN HB2  H  N N 61  
GLN HB3  H  N N 62  
GLN HG2  H  N N 63  
GLN HG3  H  N N 64  
GLN HE21 H  N N 65  
GLN HE22 H  N N 66  
GLN HXT  H  N N 67  
GLU N    N  N N 68  
GLU CA   C  N S 69  
GLU C    C  N N 70  
GLU O    O  N N 71  
GLU CB   C  N N 72  
GLU CG   C  N N 73  
GLU CD   C  N N 74  
GLU OE1  O  N N 75  
GLU OE2  O  N N 76  
GLU OXT  O  N N 77  
GLU H    H  N N 78  
GLU H2   H  N N 79  
GLU HA   H  N N 80  
GLU HB2  H  N N 81  
GLU HB3  H  N N 82  
GLU HG2  H  N N 83  
GLU HG3  H  N N 84  
GLU HE2  H  N N 85  
GLU HXT  H  N N 86  
GLY N    N  N N 87  
GLY CA   C  N N 88  
GLY C    C  N N 89  
GLY O    O  N N 90  
GLY OXT  O  N N 91  
GLY H    H  N N 92  
GLY H2   H  N N 93  
GLY HA2  H  N N 94  
GLY HA3  H  N N 95  
GLY HXT  H  N N 96  
HIS N    N  N N 97  
HIS CA   C  N S 98  
HIS C    C  N N 99  
HIS O    O  N N 100 
HIS CB   C  N N 101 
HIS CG   C  Y N 102 
HIS ND1  N  Y N 103 
HIS CD2  C  Y N 104 
HIS CE1  C  Y N 105 
HIS NE2  N  Y N 106 
HIS OXT  O  N N 107 
HIS H    H  N N 108 
HIS H2   H  N N 109 
HIS HA   H  N N 110 
HIS HB2  H  N N 111 
HIS HB3  H  N N 112 
HIS HD1  H  N N 113 
HIS HD2  H  N N 114 
HIS HE1  H  N N 115 
HIS HE2  H  N N 116 
HIS HXT  H  N N 117 
HOH O    O  N N 118 
HOH H1   H  N N 119 
HOH H2   H  N N 120 
ILE N    N  N N 121 
ILE CA   C  N S 122 
ILE C    C  N N 123 
ILE O    O  N N 124 
ILE CB   C  N S 125 
ILE CG1  C  N N 126 
ILE CG2  C  N N 127 
ILE CD1  C  N N 128 
ILE OXT  O  N N 129 
ILE H    H  N N 130 
ILE H2   H  N N 131 
ILE HA   H  N N 132 
ILE HB   H  N N 133 
ILE HG12 H  N N 134 
ILE HG13 H  N N 135 
ILE HG21 H  N N 136 
ILE HG22 H  N N 137 
ILE HG23 H  N N 138 
ILE HD11 H  N N 139 
ILE HD12 H  N N 140 
ILE HD13 H  N N 141 
ILE HXT  H  N N 142 
LEU N    N  N N 143 
LEU CA   C  N S 144 
LEU C    C  N N 145 
LEU O    O  N N 146 
LEU CB   C  N N 147 
LEU CG   C  N N 148 
LEU CD1  C  N N 149 
LEU CD2  C  N N 150 
LEU OXT  O  N N 151 
LEU H    H  N N 152 
LEU H2   H  N N 153 
LEU HA   H  N N 154 
LEU HB2  H  N N 155 
LEU HB3  H  N N 156 
LEU HG   H  N N 157 
LEU HD11 H  N N 158 
LEU HD12 H  N N 159 
LEU HD13 H  N N 160 
LEU HD21 H  N N 161 
LEU HD22 H  N N 162 
LEU HD23 H  N N 163 
LEU HXT  H  N N 164 
LYS N    N  N N 165 
LYS CA   C  N S 166 
LYS C    C  N N 167 
LYS O    O  N N 168 
LYS CB   C  N N 169 
LYS CG   C  N N 170 
LYS CD   C  N N 171 
LYS CE   C  N N 172 
LYS NZ   N  N N 173 
LYS OXT  O  N N 174 
LYS H    H  N N 175 
LYS H2   H  N N 176 
LYS HA   H  N N 177 
LYS HB2  H  N N 178 
LYS HB3  H  N N 179 
LYS HG2  H  N N 180 
LYS HG3  H  N N 181 
LYS HD2  H  N N 182 
LYS HD3  H  N N 183 
LYS HE2  H  N N 184 
LYS HE3  H  N N 185 
LYS HZ1  H  N N 186 
LYS HZ2  H  N N 187 
LYS HZ3  H  N N 188 
LYS HXT  H  N N 189 
NI  NI   NI N N 190 
PRO N    N  N N 191 
PRO CA   C  N S 192 
PRO C    C  N N 193 
PRO O    O  N N 194 
PRO CB   C  N N 195 
PRO CG   C  N N 196 
PRO CD   C  N N 197 
PRO OXT  O  N N 198 
PRO H    H  N N 199 
PRO HA   H  N N 200 
PRO HB2  H  N N 201 
PRO HB3  H  N N 202 
PRO HG2  H  N N 203 
PRO HG3  H  N N 204 
PRO HD2  H  N N 205 
PRO HD3  H  N N 206 
PRO HXT  H  N N 207 
TRP N    N  N N 208 
TRP CA   C  N S 209 
TRP C    C  N N 210 
TRP O    O  N N 211 
TRP CB   C  N N 212 
TRP CG   C  Y N 213 
TRP CD1  C  Y N 214 
TRP CD2  C  Y N 215 
TRP NE1  N  Y N 216 
TRP CE2  C  Y N 217 
TRP CE3  C  Y N 218 
TRP CZ2  C  Y N 219 
TRP CZ3  C  Y N 220 
TRP CH2  C  Y N 221 
TRP OXT  O  N N 222 
TRP H    H  N N 223 
TRP H2   H  N N 224 
TRP HA   H  N N 225 
TRP HB2  H  N N 226 
TRP HB3  H  N N 227 
TRP HD1  H  N N 228 
TRP HE1  H  N N 229 
TRP HE3  H  N N 230 
TRP HZ2  H  N N 231 
TRP HZ3  H  N N 232 
TRP HH2  H  N N 233 
TRP HXT  H  N N 234 
TYR N    N  N N 235 
TYR CA   C  N S 236 
TYR C    C  N N 237 
TYR O    O  N N 238 
TYR CB   C  N N 239 
TYR CG   C  Y N 240 
TYR CD1  C  Y N 241 
TYR CD2  C  Y N 242 
TYR CE1  C  Y N 243 
TYR CE2  C  Y N 244 
TYR CZ   C  Y N 245 
TYR OH   O  N N 246 
TYR OXT  O  N N 247 
TYR H    H  N N 248 
TYR H2   H  N N 249 
TYR HA   H  N N 250 
TYR HB2  H  N N 251 
TYR HB3  H  N N 252 
TYR HD1  H  N N 253 
TYR HD2  H  N N 254 
TYR HE1  H  N N 255 
TYR HE2  H  N N 256 
TYR HH   H  N N 257 
TYR HXT  H  N N 258 
VAL N    N  N N 259 
VAL CA   C  N S 260 
VAL C    C  N N 261 
VAL O    O  N N 262 
VAL CB   C  N N 263 
VAL CG1  C  N N 264 
VAL CG2  C  N N 265 
VAL OXT  O  N N 266 
VAL H    H  N N 267 
VAL H2   H  N N 268 
VAL HA   H  N N 269 
VAL HB   H  N N 270 
VAL HG11 H  N N 271 
VAL HG12 H  N N 272 
VAL HG13 H  N N 273 
VAL HG21 H  N N 274 
VAL HG22 H  N N 275 
VAL HG23 H  N N 276 
VAL HXT  H  N N 277 
# 
loop_
_chem_comp_bond.comp_id 
_chem_comp_bond.atom_id_1 
_chem_comp_bond.atom_id_2 
_chem_comp_bond.value_order 
_chem_comp_bond.pdbx_aromatic_flag 
_chem_comp_bond.pdbx_stereo_config 
_chem_comp_bond.pdbx_ordinal 
ASN N   CA   sing N N 1   
ASN N   H    sing N N 2   
ASN N   H2   sing N N 3   
ASN CA  C    sing N N 4   
ASN CA  CB   sing N N 5   
ASN CA  HA   sing N N 6   
ASN C   O    doub N N 7   
ASN C   OXT  sing N N 8   
ASN CB  CG   sing N N 9   
ASN CB  HB2  sing N N 10  
ASN CB  HB3  sing N N 11  
ASN CG  OD1  doub N N 12  
ASN CG  ND2  sing N N 13  
ASN ND2 HD21 sing N N 14  
ASN ND2 HD22 sing N N 15  
ASN OXT HXT  sing N N 16  
ASP N   CA   sing N N 17  
ASP N   H    sing N N 18  
ASP N   H2   sing N N 19  
ASP CA  C    sing N N 20  
ASP CA  CB   sing N N 21  
ASP CA  HA   sing N N 22  
ASP C   O    doub N N 23  
ASP C   OXT  sing N N 24  
ASP CB  CG   sing N N 25  
ASP CB  HB2  sing N N 26  
ASP CB  HB3  sing N N 27  
ASP CG  OD1  doub N N 28  
ASP CG  OD2  sing N N 29  
ASP OD2 HD2  sing N N 30  
ASP OXT HXT  sing N N 31  
CYS N   CA   sing N N 32  
CYS N   H    sing N N 33  
CYS N   H2   sing N N 34  
CYS CA  C    sing N N 35  
CYS CA  CB   sing N N 36  
CYS CA  HA   sing N N 37  
CYS C   O    doub N N 38  
CYS C   OXT  sing N N 39  
CYS CB  SG   sing N N 40  
CYS CB  HB2  sing N N 41  
CYS CB  HB3  sing N N 42  
CYS SG  HG   sing N N 43  
CYS OXT HXT  sing N N 44  
GLN N   CA   sing N N 45  
GLN N   H    sing N N 46  
GLN N   H2   sing N N 47  
GLN CA  C    sing N N 48  
GLN CA  CB   sing N N 49  
GLN CA  HA   sing N N 50  
GLN C   O    doub N N 51  
GLN C   OXT  sing N N 52  
GLN CB  CG   sing N N 53  
GLN CB  HB2  sing N N 54  
GLN CB  HB3  sing N N 55  
GLN CG  CD   sing N N 56  
GLN CG  HG2  sing N N 57  
GLN CG  HG3  sing N N 58  
GLN CD  OE1  doub N N 59  
GLN CD  NE2  sing N N 60  
GLN NE2 HE21 sing N N 61  
GLN NE2 HE22 sing N N 62  
GLN OXT HXT  sing N N 63  
GLU N   CA   sing N N 64  
GLU N   H    sing N N 65  
GLU N   H2   sing N N 66  
GLU CA  C    sing N N 67  
GLU CA  CB   sing N N 68  
GLU CA  HA   sing N N 69  
GLU C   O    doub N N 70  
GLU C   OXT  sing N N 71  
GLU CB  CG   sing N N 72  
GLU CB  HB2  sing N N 73  
GLU CB  HB3  sing N N 74  
GLU CG  CD   sing N N 75  
GLU CG  HG2  sing N N 76  
GLU CG  HG3  sing N N 77  
GLU CD  OE1  doub N N 78  
GLU CD  OE2  sing N N 79  
GLU OE2 HE2  sing N N 80  
GLU OXT HXT  sing N N 81  
GLY N   CA   sing N N 82  
GLY N   H    sing N N 83  
GLY N   H2   sing N N 84  
GLY CA  C    sing N N 85  
GLY CA  HA2  sing N N 86  
GLY CA  HA3  sing N N 87  
GLY C   O    doub N N 88  
GLY C   OXT  sing N N 89  
GLY OXT HXT  sing N N 90  
HIS N   CA   sing N N 91  
HIS N   H    sing N N 92  
HIS N   H2   sing N N 93  
HIS CA  C    sing N N 94  
HIS CA  CB   sing N N 95  
HIS CA  HA   sing N N 96  
HIS C   O    doub N N 97  
HIS C   OXT  sing N N 98  
HIS CB  CG   sing N N 99  
HIS CB  HB2  sing N N 100 
HIS CB  HB3  sing N N 101 
HIS CG  ND1  sing Y N 102 
HIS CG  CD2  doub Y N 103 
HIS ND1 CE1  doub Y N 104 
HIS ND1 HD1  sing N N 105 
HIS CD2 NE2  sing Y N 106 
HIS CD2 HD2  sing N N 107 
HIS CE1 NE2  sing Y N 108 
HIS CE1 HE1  sing N N 109 
HIS NE2 HE2  sing N N 110 
HIS OXT HXT  sing N N 111 
HOH O   H1   sing N N 112 
HOH O   H2   sing N N 113 
ILE N   CA   sing N N 114 
ILE N   H    sing N N 115 
ILE N   H2   sing N N 116 
ILE CA  C    sing N N 117 
ILE CA  CB   sing N N 118 
ILE CA  HA   sing N N 119 
ILE C   O    doub N N 120 
ILE C   OXT  sing N N 121 
ILE CB  CG1  sing N N 122 
ILE CB  CG2  sing N N 123 
ILE CB  HB   sing N N 124 
ILE CG1 CD1  sing N N 125 
ILE CG1 HG12 sing N N 126 
ILE CG1 HG13 sing N N 127 
ILE CG2 HG21 sing N N 128 
ILE CG2 HG22 sing N N 129 
ILE CG2 HG23 sing N N 130 
ILE CD1 HD11 sing N N 131 
ILE CD1 HD12 sing N N 132 
ILE CD1 HD13 sing N N 133 
ILE OXT HXT  sing N N 134 
LEU N   CA   sing N N 135 
LEU N   H    sing N N 136 
LEU N   H2   sing N N 137 
LEU CA  C    sing N N 138 
LEU CA  CB   sing N N 139 
LEU CA  HA   sing N N 140 
LEU C   O    doub N N 141 
LEU C   OXT  sing N N 142 
LEU CB  CG   sing N N 143 
LEU CB  HB2  sing N N 144 
LEU CB  HB3  sing N N 145 
LEU CG  CD1  sing N N 146 
LEU CG  CD2  sing N N 147 
LEU CG  HG   sing N N 148 
LEU CD1 HD11 sing N N 149 
LEU CD1 HD12 sing N N 150 
LEU CD1 HD13 sing N N 151 
LEU CD2 HD21 sing N N 152 
LEU CD2 HD22 sing N N 153 
LEU CD2 HD23 sing N N 154 
LEU OXT HXT  sing N N 155 
LYS N   CA   sing N N 156 
LYS N   H    sing N N 157 
LYS N   H2   sing N N 158 
LYS CA  C    sing N N 159 
LYS CA  CB   sing N N 160 
LYS CA  HA   sing N N 161 
LYS C   O    doub N N 162 
LYS C   OXT  sing N N 163 
LYS CB  CG   sing N N 164 
LYS CB  HB2  sing N N 165 
LYS CB  HB3  sing N N 166 
LYS CG  CD   sing N N 167 
LYS CG  HG2  sing N N 168 
LYS CG  HG3  sing N N 169 
LYS CD  CE   sing N N 170 
LYS CD  HD2  sing N N 171 
LYS CD  HD3  sing N N 172 
LYS CE  NZ   sing N N 173 
LYS CE  HE2  sing N N 174 
LYS CE  HE3  sing N N 175 
LYS NZ  HZ1  sing N N 176 
LYS NZ  HZ2  sing N N 177 
LYS NZ  HZ3  sing N N 178 
LYS OXT HXT  sing N N 179 
PRO N   CA   sing N N 180 
PRO N   CD   sing N N 181 
PRO N   H    sing N N 182 
PRO CA  C    sing N N 183 
PRO CA  CB   sing N N 184 
PRO CA  HA   sing N N 185 
PRO C   O    doub N N 186 
PRO C   OXT  sing N N 187 
PRO CB  CG   sing N N 188 
PRO CB  HB2  sing N N 189 
PRO CB  HB3  sing N N 190 
PRO CG  CD   sing N N 191 
PRO CG  HG2  sing N N 192 
PRO CG  HG3  sing N N 193 
PRO CD  HD2  sing N N 194 
PRO CD  HD3  sing N N 195 
PRO OXT HXT  sing N N 196 
TRP N   CA   sing N N 197 
TRP N   H    sing N N 198 
TRP N   H2   sing N N 199 
TRP CA  C    sing N N 200 
TRP CA  CB   sing N N 201 
TRP CA  HA   sing N N 202 
TRP C   O    doub N N 203 
TRP C   OXT  sing N N 204 
TRP CB  CG   sing N N 205 
TRP CB  HB2  sing N N 206 
TRP CB  HB3  sing N N 207 
TRP CG  CD1  doub Y N 208 
TRP CG  CD2  sing Y N 209 
TRP CD1 NE1  sing Y N 210 
TRP CD1 HD1  sing N N 211 
TRP CD2 CE2  doub Y N 212 
TRP CD2 CE3  sing Y N 213 
TRP NE1 CE2  sing Y N 214 
TRP NE1 HE1  sing N N 215 
TRP CE2 CZ2  sing Y N 216 
TRP CE3 CZ3  doub Y N 217 
TRP CE3 HE3  sing N N 218 
TRP CZ2 CH2  doub Y N 219 
TRP CZ2 HZ2  sing N N 220 
TRP CZ3 CH2  sing Y N 221 
TRP CZ3 HZ3  sing N N 222 
TRP CH2 HH2  sing N N 223 
TRP OXT HXT  sing N N 224 
TYR N   CA   sing N N 225 
TYR N   H    sing N N 226 
TYR N   H2   sing N N 227 
TYR CA  C    sing N N 228 
TYR CA  CB   sing N N 229 
TYR CA  HA   sing N N 230 
TYR C   O    doub N N 231 
TYR C   OXT  sing N N 232 
TYR CB  CG   sing N N 233 
TYR CB  HB2  sing N N 234 
TYR CB  HB3  sing N N 235 
TYR CG  CD1  doub Y N 236 
TYR CG  CD2  sing Y N 237 
TYR CD1 CE1  sing Y N 238 
TYR CD1 HD1  sing N N 239 
TYR CD2 CE2  doub Y N 240 
TYR CD2 HD2  sing N N 241 
TYR CE1 CZ   doub Y N 242 
TYR CE1 HE1  sing N N 243 
TYR CE2 CZ   sing Y N 244 
TYR CE2 HE2  sing N N 245 
TYR CZ  OH   sing N N 246 
TYR OH  HH   sing N N 247 
TYR OXT HXT  sing N N 248 
VAL N   CA   sing N N 249 
VAL N   H    sing N N 250 
VAL N   H2   sing N N 251 
VAL CA  C    sing N N 252 
VAL CA  CB   sing N N 253 
VAL CA  HA   sing N N 254 
VAL C   O    doub N N 255 
VAL C   OXT  sing N N 256 
VAL CB  CG1  sing N N 257 
VAL CB  CG2  sing N N 258 
VAL CB  HB   sing N N 259 
VAL CG1 HG11 sing N N 260 
VAL CG1 HG12 sing N N 261 
VAL CG1 HG13 sing N N 262 
VAL CG2 HG21 sing N N 263 
VAL CG2 HG22 sing N N 264 
VAL CG2 HG23 sing N N 265 
VAL OXT HXT  sing N N 266 
# 
_atom_sites.entry_id                    5OLL 
_atom_sites.fract_transf_matrix[1][1]   -0.00404283 
_atom_sites.fract_transf_matrix[1][2]   0.01998002 
_atom_sites.fract_transf_matrix[1][3]   0.00690405 
_atom_sites.fract_transf_matrix[2][1]   0.01096255 
_atom_sites.fract_transf_matrix[2][2]   0.01662894 
_atom_sites.fract_transf_matrix[2][3]   -0.00815723 
_atom_sites.fract_transf_matrix[3][1]   -0.01816991 
_atom_sites.fract_transf_matrix[3][2]   0.00279347 
_atom_sites.fract_transf_matrix[3][3]   -0.01872401 
_atom_sites.fract_transf_vector[1]      0.169520 
_atom_sites.fract_transf_vector[2]      0.227371 
_atom_sites.fract_transf_vector[3]      0.409841 
# 
loop_
_atom_type.symbol 
C  
N  
NI 
O  
S  
# 
loop_
_atom_site.group_PDB 
_atom_site.id 
_atom_site.type_symbol 
_atom_site.label_atom_id 
_atom_site.label_alt_id 
_atom_site.label_comp_id 
_atom_site.label_asym_id 
_atom_site.label_entity_id 
_atom_site.label_seq_id 
_atom_site.pdbx_PDB_ins_code 
_atom_site.Cartn_x 
_atom_site.Cartn_y 
_atom_site.Cartn_z 
_atom_site.occupancy 
_atom_site.B_iso_or_equiv 
_atom_site.pdbx_formal_charge 
_atom_site.auth_seq_id 
_atom_site.auth_comp_id 
_atom_site.auth_asym_id 
_atom_site.auth_atom_id 
_atom_site.pdbx_PDB_model_num 
ATOM   1   N  N   . GLU A 1 1  ? -12.006 -6.817  -6.534  1.00 33.17 ? 1   GLU A N   1 
ATOM   2   C  CA  . GLU A 1 1  ? -10.859 -5.996  -6.254  1.00 31.29 ? 1   GLU A CA  1 
ATOM   3   C  C   . GLU A 1 1  ? -9.607  -6.849  -6.149  1.00 31.62 ? 1   GLU A C   1 
ATOM   4   O  O   . GLU A 1 1  ? -9.675  -8.033  -5.849  1.00 29.49 ? 1   GLU A O   1 
ATOM   5   C  CB  . GLU A 1 1  ? -11.082 -5.279  -4.939  1.00 32.09 ? 1   GLU A CB  1 
ATOM   6   C  CG  . GLU A 1 1  ? -10.382 -3.944  -4.836  1.00 42.21 ? 1   GLU A CG  1 
ATOM   7   C  CD  . GLU A 1 1  ? -10.944 -3.166  -3.674  1.00 60.19 ? 1   GLU A CD  1 
ATOM   8   O  OE1 . GLU A 1 1  ? -10.728 -3.622  -2.531  1.00 43.45 ? 1   GLU A OE1 1 
ATOM   9   O  OE2 . GLU A 1 1  ? -11.637 -2.146  -3.895  1.00 53.59 ? 1   GLU A OE2 1 
ATOM   10  N  N   . GLN A 1 2  ? -8.465  -6.250  -6.439  1.00 28.92 ? 2   GLN A N   1 
ATOM   11  C  CA  . GLN A 1 2  ? -7.243  -7.030  -6.378  1.00 28.64 ? 2   GLN A CA  1 
ATOM   12  C  C   . GLN A 1 2  ? -6.339  -6.515  -5.275  1.00 29.08 ? 2   GLN A C   1 
ATOM   13  O  O   . GLN A 1 2  ? -6.436  -5.358  -4.870  1.00 26.38 ? 2   GLN A O   1 
ATOM   14  C  CB  . GLN A 1 2  ? -6.491  -6.904  -7.713  1.00 31.06 ? 2   GLN A CB  1 
ATOM   15  C  CG  . GLN A 1 2  ? -7.256  -7.459  -8.923  1.00 42.14 ? 2   GLN A CG  1 
ATOM   16  C  CD  . GLN A 1 2  ? -6.813  -6.787  -10.197 1.00 67.47 ? 2   GLN A CD  1 
ATOM   17  O  OE1 . GLN A 1 2  ? -5.831  -7.177  -10.836 1.00 62.25 ? 2   GLN A OE1 1 
ATOM   18  N  NE2 . GLN A 1 2  ? -7.525  -5.751  -10.586 1.00 63.55 ? 2   GLN A NE2 1 
ATOM   19  N  N   . CYS A 1 3  ? -5.387  -7.350  -4.846  1.00 25.70 ? 3   CYS A N   1 
ATOM   20  C  CA  . CYS A 1 3  ? -4.362  -6.835  -3.944  1.00 22.26 ? 3   CYS A CA  1 
ATOM   21  C  C   . CYS A 1 3  ? -3.542  -5.744  -4.696  1.00 22.82 ? 3   CYS A C   1 
ATOM   22  O  O   . CYS A 1 3  ? -3.384  -5.794  -5.934  1.00 23.88 ? 3   CYS A O   1 
ATOM   23  C  CB  . CYS A 1 3  ? -3.491  -7.963  -3.378  1.00 21.54 ? 3   CYS A CB  1 
ATOM   24  S  SG  . CYS A 1 3  ? -2.621  -8.972  -4.604  1.00 24.59 ? 3   CYS A SG  1 
ATOM   25  N  N   . VAL A 1 4  ? -3.030  -4.754  -3.958  1.00 22.32 ? 4   VAL A N   1 
ATOM   26  C  CA  . VAL A 1 4  ? -2.343  -3.632  -4.579  1.00 21.83 ? 4   VAL A CA  1 
ATOM   27  C  C   . VAL A 1 4  ? -0.903  -4.014  -4.947  1.00 24.45 ? 4   VAL A C   1 
ATOM   28  O  O   . VAL A 1 4  ? -0.174  -4.629  -4.147  1.00 24.06 ? 4   VAL A O   1 
ATOM   29  C  CB  . VAL A 1 4  ? -2.442  -2.354  -3.708  1.00 24.49 ? 4   VAL A CB  1 
ATOM   30  C  CG1 . VAL A 1 4  ? -1.668  -1.182  -4.329  1.00 25.88 ? 4   VAL A CG1 1 
ATOM   31  C  CG2 . VAL A 1 4  ? -3.913  -1.964  -3.481  1.00 24.26 ? 4   VAL A CG2 1 
ATOM   32  N  N   . LYS A 1 5  ? -0.508  -3.620  -6.165  1.00 24.47 ? 5   LYS A N   1 
ATOM   33  C  CA  . LYS A 1 5  ? 0.795   -3.954  -6.709  1.00 24.81 ? 5   LYS A CA  1 
ATOM   34  C  C   . LYS A 1 5  ? 1.910   -3.017  -6.217  1.00 27.82 ? 5   LYS A C   1 
ATOM   35  O  O   . LYS A 1 5  ? 1.658   -1.956  -5.634  1.00 25.74 ? 5   LYS A O   1 
ATOM   36  C  CB  . LYS A 1 5  ? 0.718   -3.917  -8.259  1.00 28.63 ? 5   LYS A CB  1 
ATOM   37  C  CG  . LYS A 1 5  ? -0.401  -4.762  -8.906  1.00 37.05 ? 5   LYS A CG  1 
ATOM   38  C  CD  . LYS A 1 5  ? -0.418  -6.231  -8.530  1.00 41.13 ? 5   LYS A CD  1 
ATOM   39  C  CE  . LYS A 1 5  ? -1.543  -6.986  -9.209  1.00 44.73 ? 5   LYS A CE  1 
ATOM   40  N  NZ  . LYS A 1 5  ? -2.825  -6.960  -8.443  1.00 41.81 ? 5   LYS A NZ  1 
ATOM   41  N  N   . LYS A 1 6  ? 3.160   -3.392  -6.529  1.00 25.95 ? 6   LYS A N   1 
ATOM   42  C  CA  . LYS A 1 6  ? 4.322   -2.608  -6.091  1.00 27.00 ? 6   LYS A CA  1 
ATOM   43  C  C   . LYS A 1 6  ? 4.252   -1.144  -6.539  1.00 30.73 ? 6   LYS A C   1 
ATOM   44  O  O   . LYS A 1 6  ? 3.972   -0.876  -7.700  1.00 32.44 ? 6   LYS A O   1 
ATOM   45  C  CB  . LYS A 1 6  ? 5.652   -3.277  -6.566  1.00 29.61 ? 6   LYS A CB  1 
ATOM   46  C  CG  . LYS A 1 6  ? 6.913   -2.537  -6.111  1.00 34.94 ? 6   LYS A CG  1 
ATOM   47  C  CD  . LYS A 1 6  ? 8.167   -3.219  -6.624  1.00 36.96 ? 6   LYS A CD  1 
ATOM   48  C  CE  . LYS A 1 6  ? 9.411   -2.479  -6.206  1.00 43.05 ? 6   LYS A CE  1 
ATOM   49  N  NZ  . LYS A 1 6  ? 10.638  -3.257  -6.518  1.00 61.31 ? 6   LYS A NZ  1 
ATOM   50  N  N   . ASP A 1 7  ? 4.555   -0.223  -5.604  1.00 29.42 ? 7   ASP A N   1 
ATOM   51  C  CA  . ASP A 1 7  ? 4.622   1.236   -5.775  1.00 29.79 ? 7   ASP A CA  1 
ATOM   52  C  C   . ASP A 1 7  ? 3.284   1.882   -6.041  1.00 34.97 ? 7   ASP A C   1 
ATOM   53  O  O   . ASP A 1 7  ? 3.251   3.090   -6.296  1.00 33.84 ? 7   ASP A O   1 
ATOM   54  C  CB  . ASP A 1 7  ? 5.659   1.661   -6.829  1.00 35.24 ? 7   ASP A CB  1 
ATOM   55  C  CG  . ASP A 1 7  ? 7.060   1.303   -6.410  1.00 47.05 ? 7   ASP A CG  1 
ATOM   56  O  OD1 . ASP A 1 7  ? 7.334   1.299   -5.186  1.00 48.92 ? 7   ASP A OD1 1 
ATOM   57  O  OD2 . ASP A 1 7  ? 7.876   0.985   -7.293  1.00 60.29 ? 7   ASP A OD2 1 
ATOM   58  N  N   . GLU A 1 8  ? 2.194   1.110   -5.966  1.00 29.06 ? 8   GLU A N   1 
ATOM   59  C  CA  . GLU A 1 8  ? 0.851   1.678   -6.130  1.00 28.50 ? 8   GLU A CA  1 
ATOM   60  C  C   . GLU A 1 8  ? 0.290   2.063   -4.766  1.00 28.36 ? 8   GLU A C   1 
ATOM   61  O  O   . GLU A 1 8  ? 0.807   1.654   -3.731  1.00 27.48 ? 8   GLU A O   1 
ATOM   62  C  CB  . GLU A 1 8  ? -0.078  0.727   -6.892  1.00 29.98 ? 8   GLU A CB  1 
ATOM   63  C  CG  . GLU A 1 8  ? 0.444   0.448   -8.296  1.00 35.39 ? 8   GLU A CG  1 
ATOM   64  C  CD  . GLU A 1 8  ? -0.590  0.306   -9.386  1.00 73.89 ? 8   GLU A CD  1 
ATOM   65  O  OE1 . GLU A 1 8  ? -0.814  -0.838  -9.844  1.00 68.29 ? 8   GLU A OE1 1 
ATOM   66  O  OE2 . GLU A 1 8  ? -1.173  1.340   -9.789  1.00 79.93 ? 8   GLU A OE2 1 
ATOM   67  N  N   . LEU A 1 9  ? -0.780  2.836   -4.780  1.00 26.17 ? 9   LEU A N   1 
ATOM   68  C  CA  . LEU A 1 9  ? -1.373  3.352   -3.566  1.00 24.94 ? 9   LEU A CA  1 
ATOM   69  C  C   . LEU A 1 9  ? -2.196  2.313   -2.824  1.00 25.56 ? 9   LEU A C   1 
ATOM   70  O  O   . LEU A 1 9  ? -2.999  1.575   -3.406  1.00 24.74 ? 9   LEU A O   1 
ATOM   71  C  CB  . LEU A 1 9  ? -2.253  4.531   -3.927  1.00 26.57 ? 9   LEU A CB  1 
ATOM   72  C  CG  . LEU A 1 9  ? -2.793  5.270   -2.754  1.00 31.93 ? 9   LEU A CG  1 
ATOM   73  C  CD1 . LEU A 1 9  ? -2.644  6.775   -2.951  1.00 35.50 ? 9   LEU A CD1 1 
ATOM   74  C  CD2 . LEU A 1 9  ? -4.235  4.906   -2.521  1.00 34.70 ? 9   LEU A CD2 1 
ATOM   75  N  N   . CYS A 1 10 ? -2.055  2.323   -1.510  1.00 24.33 ? 10  CYS A N   1 
ATOM   76  C  CA  . CYS A 1 10 ? -2.812  1.403   -0.648  1.00 22.92 ? 10  CYS A CA  1 
ATOM   77  C  C   . CYS A 1 10 ? -3.414  2.205   0.495   1.00 25.65 ? 10  CYS A C   1 
ATOM   78  O  O   . CYS A 1 10 ? -3.005  3.350   0.745   1.00 25.84 ? 10  CYS A O   1 
ATOM   79  C  CB  . CYS A 1 10 ? -1.909  0.291   -0.143  1.00 22.70 ? 10  CYS A CB  1 
ATOM   80  S  SG  . CYS A 1 10 ? -0.423  0.916   0.656   1.00 24.96 ? 10  CYS A SG  1 
ATOM   81  N  N   . ILE A 1 11 ? -4.373  1.608   1.224   1.00 23.19 ? 11  ILE A N   1 
ATOM   82  C  CA  . ILE A 1 11 ? -4.963  2.281   2.369   1.00 23.73 ? 11  ILE A CA  1 
ATOM   83  C  C   . ILE A 1 11 ? -5.034  1.257   3.505   1.00 27.09 ? 11  ILE A C   1 
ATOM   84  O  O   . ILE A 1 11 ? -5.749  0.263   3.345   1.00 24.40 ? 11  ILE A O   1 
ATOM   85  C  CB  . ILE A 1 11 ? -6.390  2.844   2.077   1.00 26.98 ? 11  ILE A CB  1 
ATOM   86  C  CG1 . ILE A 1 11 ? -6.374  3.811   0.842   1.00 27.91 ? 11  ILE A CG1 1 
ATOM   87  C  CG2 . ILE A 1 11 ? -6.980  3.535   3.335   1.00 28.70 ? 11  ILE A CG2 1 
ATOM   88  C  CD1 . ILE A 1 11 ? -7.837  4.227   0.307   1.00 30.92 ? 11  ILE A CD1 1 
ATOM   89  N  N   . PRO A 1 12 ? -4.361  1.491   4.653   1.00 24.78 ? 12  PRO A N   1 
ATOM   90  C  CA  . PRO A 1 12 ? -4.462  0.514   5.749   1.00 26.62 ? 12  PRO A CA  1 
ATOM   91  C  C   . PRO A 1 12 ? -5.925  0.423   6.158   1.00 28.24 ? 12  PRO A C   1 
ATOM   92  O  O   . PRO A 1 12 ? -6.670  1.422   6.118   1.00 28.75 ? 12  PRO A O   1 
ATOM   93  C  CB  . PRO A 1 12 ? -3.575  1.107   6.851   1.00 28.91 ? 12  PRO A CB  1 
ATOM   94  C  CG  . PRO A 1 12 ? -2.552  1.971   6.061   1.00 31.92 ? 12  PRO A CG  1 
ATOM   95  C  CD  . PRO A 1 12 ? -3.428  2.597   4.996   1.00 27.56 ? 12  PRO A CD  1 
ATOM   96  N  N   . TYR A 1 13 ? -6.352  -0.811  6.490   1.00 26.19 ? 13  TYR A N   1 
ATOM   97  C  CA  . TYR A 1 13 ? -7.718  -1.142  6.918   1.00 26.06 ? 13  TYR A CA  1 
ATOM   98  C  C   . TYR A 1 13 ? -8.731  -1.122  5.782   1.00 28.72 ? 13  TYR A C   1 
ATOM   99  O  O   . TYR A 1 13 ? -9.895  -1.421  6.038   1.00 25.71 ? 13  TYR A O   1 
ATOM   100 C  CB  . TYR A 1 13 ? -8.241  -0.157  7.998   1.00 29.38 ? 13  TYR A CB  1 
ATOM   101 C  CG  . TYR A 1 13 ? -7.444  -0.171  9.276   1.00 31.71 ? 13  TYR A CG  1 
ATOM   102 C  CD1 . TYR A 1 13 ? -7.756  -1.055  10.306  1.00 33.93 ? 13  TYR A CD1 1 
ATOM   103 C  CD2 . TYR A 1 13 ? -6.381  0.710   9.468   1.00 32.81 ? 13  TYR A CD2 1 
ATOM   104 C  CE1 . TYR A 1 13 ? -6.985  -1.117  11.461  1.00 34.30 ? 13  TYR A CE1 1 
ATOM   105 C  CE2 . TYR A 1 13 ? -5.621  0.679   10.633  1.00 34.93 ? 13  TYR A CE2 1 
ATOM   106 C  CZ  . TYR A 1 13 ? -5.947  -0.216  11.639  1.00 39.30 ? 13  TYR A CZ  1 
ATOM   107 O  OH  . TYR A 1 13 ? -5.200  -0.259  12.784  1.00 42.33 ? 13  TYR A OH  1 
ATOM   108 N  N   . TYR A 1 14 ? -8.327  -0.789  4.547   1.00 25.37 ? 14  TYR A N   1 
ATOM   109 C  CA  . TYR A 1 14 ? -9.305  -0.649  3.462   1.00 24.33 ? 14  TYR A CA  1 
ATOM   110 C  C   . TYR A 1 14 ? -8.894  -1.254  2.127   1.00 24.53 ? 14  TYR A C   1 
ATOM   111 O  O   . TYR A 1 14 ? -9.733  -1.766  1.424   1.00 26.00 ? 14  TYR A O   1 
ATOM   112 C  CB  A TYR A 1 14 ? -9.582  0.853   3.276   0.56 25.47 ? 14  TYR A CB  1 
ATOM   113 C  CB  B TYR A 1 14 ? -9.689  0.842   3.236   0.44 27.01 ? 14  TYR A CB  1 
ATOM   114 C  CG  A TYR A 1 14 ? -10.750 1.128   2.378   0.56 26.06 ? 14  TYR A CG  1 
ATOM   115 C  CG  B TYR A 1 14 ? -10.553 1.478   4.306   0.44 31.64 ? 14  TYR A CG  1 
ATOM   116 C  CD1 A TYR A 1 14 ? -12.033 1.215   2.891   0.56 28.74 ? 14  TYR A CD1 1 
ATOM   117 C  CD1 B TYR A 1 14 ? -11.940 1.412   4.239   0.44 34.95 ? 14  TYR A CD1 1 
ATOM   118 C  CD2 A TYR A 1 14 ? -10.583 1.272   1.006   0.56 25.79 ? 14  TYR A CD2 1 
ATOM   119 C  CD2 B TYR A 1 14 ? -9.984  2.179   5.365   0.44 32.99 ? 14  TYR A CD2 1 
ATOM   120 C  CE1 A TYR A 1 14 ? -13.132 1.400   2.060   0.56 28.96 ? 14  TYR A CE1 1 
ATOM   121 C  CE1 B TYR A 1 14 ? -12.741 2.003   5.216   0.44 36.99 ? 14  TYR A CE1 1 
ATOM   122 C  CE2 A TYR A 1 14 ? -11.675 1.450   0.160   0.56 27.35 ? 14  TYR A CE2 1 
ATOM   123 C  CE2 B TYR A 1 14 ? -10.774 2.757   6.360   0.44 34.90 ? 14  TYR A CE2 1 
ATOM   124 C  CZ  A TYR A 1 14 ? -12.951 1.515   0.695   0.56 37.04 ? 14  TYR A CZ  1 
ATOM   125 C  CZ  B TYR A 1 14 ? -12.155 2.668   6.279   0.44 41.91 ? 14  TYR A CZ  1 
ATOM   126 O  OH  A TYR A 1 14 ? -14.051 1.717   -0.111  0.56 39.65 ? 14  TYR A OH  1 
ATOM   127 O  OH  B TYR A 1 14 ? -12.951 3.235   7.245   0.44 44.81 ? 14  TYR A OH  1 
ATOM   128 N  N   . LEU A 1 15 ? -7.619  -1.123  1.726   1.00 22.50 ? 15  LEU A N   1 
ATOM   129 C  CA  . LEU A 1 15 ? -7.173  -1.557  0.406   1.00 23.22 ? 15  LEU A CA  1 
ATOM   130 C  C   . LEU A 1 15 ? -5.701  -1.919  0.535   1.00 23.62 ? 15  LEU A C   1 
ATOM   131 O  O   . LEU A 1 15 ? -4.801  -1.063  0.513   1.00 25.14 ? 15  LEU A O   1 
ATOM   132 C  CB  . LEU A 1 15 ? -7.373  -0.389  -0.578  1.00 25.07 ? 15  LEU A CB  1 
ATOM   133 C  CG  . LEU A 1 15 ? -7.040  -0.666  -2.039  1.00 28.03 ? 15  LEU A CG  1 
ATOM   134 C  CD1 . LEU A 1 15 ? -8.039  -1.594  -2.686  1.00 29.17 ? 15  LEU A CD1 1 
ATOM   135 C  CD2 . LEU A 1 15 ? -6.932  0.667   -2.827  1.00 32.35 ? 15  LEU A CD2 1 
ATOM   136 N  N   . ASP A 1 16 ? -5.456  -3.197  0.715   1.00 20.68 ? 16  ASP A N   1 
ATOM   137 C  CA  . ASP A 1 16 ? -4.117  -3.623  1.076   1.00 20.93 ? 16  ASP A CA  1 
ATOM   138 C  C   . ASP A 1 16 ? -3.289  -4.219  -0.071  1.00 21.73 ? 16  ASP A C   1 
ATOM   139 O  O   . ASP A 1 16 ? -3.767  -4.409  -1.194  1.00 22.17 ? 16  ASP A O   1 
ATOM   140 C  CB  . ASP A 1 16 ? -4.200  -4.555  2.284   1.00 24.21 ? 16  ASP A CB  1 
ATOM   141 C  CG  . ASP A 1 16 ? -4.894  -5.841  2.036   1.00 28.26 ? 16  ASP A CG  1 
ATOM   142 O  OD1 . ASP A 1 16 ? -5.377  -6.046  0.888   1.00 28.49 ? 16  ASP A OD1 1 
ATOM   143 O  OD2 . ASP A 1 16 ? -4.929  -6.690  2.981   1.00 26.12 ? 16  ASP A OD2 1 
ATOM   144 N  N   . CYS A 1 17 ? -1.988  -4.416  0.212   1.00 21.28 ? 17  CYS A N   1 
ATOM   145 C  CA  . CYS A 1 17 ? -0.995  -4.822  -0.787  1.00 21.77 ? 17  CYS A CA  1 
ATOM   146 C  C   . CYS A 1 17 ? -0.960  -6.289  -1.032  1.00 24.78 ? 17  CYS A C   1 
ATOM   147 O  O   . CYS A 1 17 ? -1.222  -7.061  -0.110  1.00 24.92 ? 17  CYS A O   1 
ATOM   148 C  CB  . CYS A 1 17 ? 0.398   -4.339  -0.356  1.00 22.62 ? 17  CYS A CB  1 
ATOM   149 S  SG  . CYS A 1 17 ? 0.499   -2.546  -0.008  1.00 25.67 ? 17  CYS A SG  1 
ATOM   150 N  N   . CYS A 1 18 ? -0.408  -6.683  -2.190  1.00 21.57 ? 18  CYS A N   1 
ATOM   151 C  CA  . CYS A 1 18 ? -0.094  -8.093  -2.403  1.00 21.85 ? 18  CYS A CA  1 
ATOM   152 C  C   . CYS A 1 18 ? 1.124   -8.452  -1.577  1.00 26.34 ? 18  CYS A C   1 
ATOM   153 O  O   . CYS A 1 18 ? 2.186   -7.830  -1.777  1.00 25.77 ? 18  CYS A O   1 
ATOM   154 C  CB  . CYS A 1 18 ? 0.220   -8.421  -3.864  1.00 23.81 ? 18  CYS A CB  1 
ATOM   155 S  SG  . CYS A 1 18 ? -0.991  -7.809  -5.039  1.00 25.84 ? 18  CYS A SG  1 
ATOM   156 N  N   . GLU A 1 19 ? 1.032   -9.499  -0.767  1.00 24.01 ? 19  GLU A N   1 
ATOM   157 C  CA  A GLU A 1 19 ? 2.195   -9.970  -0.028  0.65 23.06 ? 19  GLU A CA  1 
ATOM   158 C  CA  B GLU A 1 19 ? 2.194   -9.967  -0.020  0.35 24.33 ? 19  GLU A CA  1 
ATOM   159 C  C   . GLU A 1 19 ? 3.319   -10.311 -1.023  1.00 27.75 ? 19  GLU A C   1 
ATOM   160 O  O   . GLU A 1 19 ? 3.051   -10.799 -2.130  1.00 25.52 ? 19  GLU A O   1 
ATOM   161 C  CB  A GLU A 1 19 ? 1.814   -11.243 0.713   0.65 23.92 ? 19  GLU A CB  1 
ATOM   162 C  CB  B GLU A 1 19 ? 1.828   -11.199 0.822   0.35 26.07 ? 19  GLU A CB  1 
ATOM   163 C  CG  A GLU A 1 19 ? 1.025   -10.991 1.976   0.65 25.53 ? 19  GLU A CG  1 
ATOM   164 C  CG  B GLU A 1 19 ? 1.648   -10.891 2.301   0.35 39.93 ? 19  GLU A CG  1 
ATOM   165 C  CD  A GLU A 1 19 ? 1.196   -12.132 2.961   0.65 37.53 ? 19  GLU A CD  1 
ATOM   166 C  CD  B GLU A 1 19 ? 2.923   -10.785 3.118   0.35 63.21 ? 19  GLU A CD  1 
ATOM   167 O  OE1 A GLU A 1 19 ? 2.158   -12.921 2.831   0.65 38.07 ? 19  GLU A OE1 1 
ATOM   168 O  OE1 B GLU A 1 19 ? 3.732   -11.741 3.103   0.35 64.37 ? 19  GLU A OE1 1 
ATOM   169 O  OE2 A GLU A 1 19 ? 0.305   -12.295 3.814   0.65 36.22 ? 19  GLU A OE2 1 
ATOM   170 O  OE2 B GLU A 1 19 ? 3.101   -9.750  3.796   0.35 60.83 ? 19  GLU A OE2 1 
ATOM   171 N  N   . PRO A 1 20 ? 4.600   -10.027 -0.704  1.00 26.69 ? 20  PRO A N   1 
ATOM   172 C  CA  . PRO A 1 20 ? 5.134   -9.518  0.557   1.00 27.10 ? 20  PRO A CA  1 
ATOM   173 C  C   . PRO A 1 20 ? 5.281   -8.003  0.656   1.00 29.17 ? 20  PRO A C   1 
ATOM   174 O  O   . PRO A 1 20 ? 6.028   -7.519  1.511   1.00 31.39 ? 20  PRO A O   1 
ATOM   175 C  CB  . PRO A 1 20 ? 6.474   -10.255 0.645   1.00 29.95 ? 20  PRO A CB  1 
ATOM   176 C  CG  . PRO A 1 20 ? 6.946   -10.235 -0.797  1.00 36.02 ? 20  PRO A CG  1 
ATOM   177 C  CD  . PRO A 1 20 ? 5.685   -10.388 -1.635  1.00 30.78 ? 20  PRO A CD  1 
ATOM   178 N  N   . LEU A 1 21 ? 4.562   -7.247  -0.201  1.00 26.80 ? 21  LEU A N   1 
ATOM   179 C  CA  . LEU A 1 21 ? 4.598   -5.787  -0.082  1.00 26.01 ? 21  LEU A CA  1 
ATOM   180 C  C   . LEU A 1 21 ? 3.939   -5.356  1.244   1.00 28.30 ? 21  LEU A C   1 
ATOM   181 O  O   . LEU A 1 21 ? 3.063   -6.062  1.776   1.00 29.13 ? 21  LEU A O   1 
ATOM   182 C  CB  . LEU A 1 21 ? 3.862   -5.133  -1.276  1.00 26.27 ? 21  LEU A CB  1 
ATOM   183 C  CG  . LEU A 1 21 ? 4.463   -5.475  -2.648  1.00 27.46 ? 21  LEU A CG  1 
ATOM   184 C  CD1 . LEU A 1 21 ? 3.402   -5.292  -3.731  1.00 27.37 ? 21  LEU A CD1 1 
ATOM   185 C  CD2 . LEU A 1 21 ? 5.727   -4.614  -2.920  1.00 28.40 ? 21  LEU A CD2 1 
ATOM   186 N  N   . GLU A 1 22 ? 4.360   -4.211  1.783   1.00 28.61 ? 22  GLU A N   1 
ATOM   187 C  CA  . GLU A 1 22 ? 3.755   -3.670  3.003   1.00 28.87 ? 22  GLU A CA  1 
ATOM   188 C  C   . GLU A 1 22 ? 3.239   -2.276  2.679   1.00 28.71 ? 22  GLU A C   1 
ATOM   189 O  O   . GLU A 1 22 ? 3.864   -1.543  1.908   1.00 29.45 ? 22  GLU A O   1 
ATOM   190 C  CB  . GLU A 1 22 ? 4.734   -3.593  4.191   1.00 32.66 ? 22  GLU A CB  1 
ATOM   191 C  CG  . GLU A 1 22 ? 5.095   -4.955  4.779   1.00 39.51 ? 22  GLU A CG  1 
ATOM   192 C  CD  . GLU A 1 22 ? 3.964   -5.920  5.083   1.00 55.25 ? 22  GLU A CD  1 
ATOM   193 O  OE1 . GLU A 1 22 ? 2.922   -5.484  5.621   1.00 50.94 ? 22  GLU A OE1 1 
ATOM   194 O  OE2 . GLU A 1 22 ? 4.129   -7.124  4.786   1.00 48.53 ? 22  GLU A OE2 1 
ATOM   195 N  N   . CYS A 1 23 ? 2.095   -1.928  3.252   1.00 27.84 ? 23  CYS A N   1 
ATOM   196 C  CA  . CYS A 1 23 ? 1.508   -0.613  2.999   1.00 26.05 ? 23  CYS A CA  1 
ATOM   197 C  C   . CYS A 1 23 ? 2.138   0.408   3.958   1.00 32.61 ? 23  CYS A C   1 
ATOM   198 O  O   . CYS A 1 23 ? 1.932   0.335   5.163   1.00 34.48 ? 23  CYS A O   1 
ATOM   199 C  CB  . CYS A 1 23 ? -0.003  -0.685  3.149   1.00 24.14 ? 23  CYS A CB  1 
ATOM   200 S  SG  . CYS A 1 23 ? -0.840  0.842   2.648   1.00 26.59 ? 23  CYS A SG  1 
ATOM   201 N  N   . LYS A 1 24 ? 2.946   1.331   3.421   1.00 27.25 ? 24  LYS A N   1 
ATOM   202 C  CA  . LYS A 1 24 ? 3.706   2.272   4.217   1.00 28.08 ? 24  LYS A CA  1 
ATOM   203 C  C   . LYS A 1 24 ? 3.315   3.699   3.881   1.00 28.93 ? 24  LYS A C   1 
ATOM   204 O  O   . LYS A 1 24 ? 3.123   4.034   2.714   1.00 29.56 ? 24  LYS A O   1 
ATOM   205 C  CB  . LYS A 1 24 ? 5.228   2.097   3.939   1.00 31.74 ? 24  LYS A CB  1 
ATOM   206 C  CG  . LYS A 1 24 ? 5.759   0.673   4.166   1.00 35.11 ? 24  LYS A CG  1 
ATOM   207 C  CD  . LYS A 1 24 ? 7.277   0.639   4.176   1.00 48.30 ? 24  LYS A CD  1 
ATOM   208 C  CE  . LYS A 1 24 ? 7.842   -0.707  4.572   1.00 60.01 ? 24  LYS A CE  1 
ATOM   209 N  NZ  . LYS A 1 24 ? 9.329   -0.733  4.447   1.00 72.56 ? 24  LYS A NZ  1 
ATOM   210 N  N   . LYS A 1 25 ? 3.308   4.564   4.886   1.00 30.64 ? 25  LYS A N   1 
ATOM   211 C  CA  . LYS A 1 25 ? 3.025   5.968   4.643   1.00 30.76 ? 25  LYS A CA  1 
ATOM   212 C  C   . LYS A 1 25 ? 4.161   6.527   3.789   1.00 35.84 ? 25  LYS A C   1 
ATOM   213 O  O   . LYS A 1 25 ? 5.319   6.089   3.922   1.00 37.20 ? 25  LYS A O   1 
ATOM   214 C  CB  . LYS A 1 25 ? 3.035   6.728   5.961   1.00 35.11 ? 25  LYS A CB  1 
ATOM   215 C  CG  . LYS A 1 25 ? 1.786   6.544   6.782   1.00 41.66 ? 25  LYS A CG  1 
ATOM   216 C  CD  . LYS A 1 25 ? 1.686   7.626   7.869   1.00 43.55 ? 25  LYS A CD  1 
ATOM   217 C  CE  . LYS A 1 25 ? 0.725   7.214   8.970   1.00 50.30 ? 25  LYS A CE  1 
ATOM   218 N  NZ  . LYS A 1 25 ? 1.235   6.047   9.753   1.00 62.76 ? 25  LYS A NZ  1 
ATOM   219 N  N   . VAL A 1 26 ? 3.841   7.444   2.874   1.00 30.70 ? 26  VAL A N   1 
ATOM   220 C  CA  . VAL A 1 26 ? 4.904   8.060   2.038   1.00 32.13 ? 26  VAL A CA  1 
ATOM   221 C  C   . VAL A 1 26 ? 4.896   9.558   2.202   1.00 36.03 ? 26  VAL A C   1 
ATOM   222 O  O   . VAL A 1 26 ? 5.837   10.230  1.771   1.00 35.69 ? 26  VAL A O   1 
ATOM   223 C  CB  . VAL A 1 26 ? 4.914   7.628   0.541   1.00 36.63 ? 26  VAL A CB  1 
ATOM   224 C  CG1 . VAL A 1 26 ? 5.310   6.160   0.398   1.00 36.95 ? 26  VAL A CG1 1 
ATOM   225 C  CG2 . VAL A 1 26 ? 3.560   7.901   -0.129  1.00 35.22 ? 26  VAL A CG2 1 
ATOM   226 N  N   . ASN A 1 27 ? 3.841   10.092  2.818   1.00 32.01 ? 27  ASN A N   1 
ATOM   227 C  CA  . ASN A 1 27 ? 3.614   11.483  3.155   1.00 34.63 ? 27  ASN A CA  1 
ATOM   228 C  C   . ASN A 1 27 ? 2.485   11.541  4.211   1.00 38.02 ? 27  ASN A C   1 
ATOM   229 O  O   . ASN A 1 27 ? 2.095   10.460  4.707   1.00 40.80 ? 27  ASN A O   1 
ATOM   230 C  CB  . ASN A 1 27 ? 3.389   12.371  1.886   1.00 31.81 ? 27  ASN A CB  1 
ATOM   231 C  CG  . ASN A 1 27 ? 2.166   11.956  1.111   1.00 33.49 ? 27  ASN A CG  1 
ATOM   232 O  OD1 . ASN A 1 27 ? 1.098   11.752  1.666   1.00 32.83 ? 27  ASN A OD1 1 
ATOM   233 N  ND2 . ASN A 1 27 ? 2.329   11.734  -0.169  1.00 37.90 ? 27  ASN A ND2 1 
ATOM   234 N  N   . TRP A 1 28 ? 1.969   12.762  4.527   0.30 38.20 ? 28  TRP A N   1 
ATOM   235 C  CA  A TRP A 1 28 ? 0.916   12.977  5.526   0.30 39.17 ? 28  TRP A CA  1 
ATOM   236 C  CA  B TRP A 1 28 ? 0.909   12.970  5.514   0.30 39.09 ? 28  TRP A CA  1 
ATOM   237 C  C   . TRP A 1 28 ? -0.364  12.183  5.285   0.30 41.95 ? 28  TRP A C   1 
ATOM   238 O  O   . TRP A 1 28 ? -1.007  11.764  6.245   0.30 40.10 ? 28  TRP A O   1 
ATOM   239 C  CB  A TRP A 1 28 ? 0.538   14.463  5.626   0.30 40.77 ? 28  TRP A CB  1 
ATOM   240 C  CB  B TRP A 1 28 ? 0.561   14.459  5.646   0.30 40.69 ? 28  TRP A CB  1 
ATOM   241 C  CG  A TRP A 1 28 ? 1.566   15.355  6.249   0.30 44.71 ? 28  TRP A CG  1 
ATOM   242 C  CG  B TRP A 1 28 ? 1.615   15.286  6.313   0.30 44.55 ? 28  TRP A CG  1 
ATOM   243 C  CD1 A TRP A 1 28 ? 2.241   15.144  7.417   0.30 48.84 ? 28  TRP A CD1 1 
ATOM   244 C  CD1 B TRP A 1 28 ? 2.027   16.533  5.948   0.30 49.37 ? 28  TRP A CD1 1 
ATOM   245 C  CD2 A TRP A 1 28 ? 1.922   16.671  5.813   0.30 46.59 ? 28  TRP A CD2 1 
ATOM   246 C  CD2 B TRP A 1 28 ? 2.373   14.936  7.480   0.30 45.60 ? 28  TRP A CD2 1 
ATOM   247 N  NE1 A TRP A 1 28 ? 3.052   16.218  7.694   0.30 50.91 ? 28  TRP A NE1 1 
ATOM   248 N  NE1 B TRP A 1 28 ? 3.003   16.980  6.809   0.30 51.16 ? 28  TRP A NE1 1 
ATOM   249 C  CE2 A TRP A 1 28 ? 2.873   17.173  6.727   0.30 52.87 ? 28  TRP A CE2 1 
ATOM   250 C  CE2 B TRP A 1 28 ? 3.236   16.018  7.757   0.30 52.20 ? 28  TRP A CE2 1 
ATOM   251 C  CE3 A TRP A 1 28 ? 1.558   17.463  4.710   0.30 48.35 ? 28  TRP A CE3 1 
ATOM   252 C  CE3 B TRP A 1 28 ? 2.413   13.805  8.319   0.30 46.18 ? 28  TRP A CE3 1 
ATOM   253 C  CZ2 A TRP A 1 28 ? 3.459   18.436  6.580   0.30 54.78 ? 28  TRP A CZ2 1 
ATOM   254 C  CZ2 B TRP A 1 28 ? 4.123   16.007  8.839   0.30 53.47 ? 28  TRP A CZ2 1 
ATOM   255 C  CZ3 A TRP A 1 28 ? 2.136   18.715  4.567   0.30 52.23 ? 28  TRP A CZ3 1 
ATOM   256 C  CZ3 B TRP A 1 28 ? 3.300   13.791  9.380   0.30 49.82 ? 28  TRP A CZ3 1 
ATOM   257 C  CH2 A TRP A 1 28 ? 3.079   19.188  5.490   0.30 55.05 ? 28  TRP A CH2 1 
ATOM   258 C  CH2 B TRP A 1 28 ? 4.142   14.881  9.632   0.30 53.00 ? 28  TRP A CH2 1 
ATOM   259 N  N   . TRP A 1 29 ? -0.753  12.021  4.024   1.00 40.42 ? 29  TRP A N   1 
ATOM   260 C  CA  . TRP A 1 29 ? -2.010  11.366  3.698   1.00 38.81 ? 29  TRP A CA  1 
ATOM   261 C  C   . TRP A 1 29 ? -1.960  10.054  2.972   1.00 35.31 ? 29  TRP A C   1 
ATOM   262 O  O   . TRP A 1 29 ? -2.882  9.241   3.131   1.00 35.69 ? 29  TRP A O   1 
ATOM   263 C  CB  . TRP A 1 29 ? -2.849  12.332  2.844   1.00 39.72 ? 29  TRP A CB  1 
ATOM   264 C  CG  . TRP A 1 29 ? -2.846  13.751  3.331   0.88 43.98 ? 29  TRP A CG  1 
ATOM   265 C  CD1 . TRP A 1 29 ? -3.563  14.267  4.370   0.50 48.40 ? 29  TRP A CD1 1 
ATOM   266 C  CD2 . TRP A 1 29 ? -2.094  14.837  2.778   0.86 45.85 ? 29  TRP A CD2 1 
ATOM   267 N  NE1 . TRP A 1 29 ? -3.305  15.614  4.499   0.54 50.51 ? 29  TRP A NE1 1 
ATOM   268 C  CE2 . TRP A 1 29 ? -2.418  15.994  3.523   0.53 52.31 ? 29  TRP A CE2 1 
ATOM   269 C  CE3 . TRP A 1 29 ? -1.204  14.956  1.699   0.53 47.81 ? 29  TRP A CE3 1 
ATOM   270 C  CZ2 . TRP A 1 29 ? -1.860  17.248  3.241   0.35 53.94 ? 29  TRP A CZ2 1 
ATOM   271 C  CZ3 . TRP A 1 29 ? -0.637  16.187  1.431   0.89 52.08 ? 29  TRP A CZ3 1 
ATOM   272 C  CH2 . TRP A 1 29 ? -0.974  17.323  2.187   0.65 54.69 ? 29  TRP A CH2 1 
ATOM   273 N  N   . ASP A 1 30 ? -0.967  9.881   2.108   1.00 29.14 ? 30  ASP A N   1 
ATOM   274 C  CA  . ASP A 1 30 ? -0.900  8.713   1.236   1.00 27.56 ? 30  ASP A CA  1 
ATOM   275 C  C   . ASP A 1 30 ? -0.020  7.622   1.725   1.00 27.69 ? 30  ASP A C   1 
ATOM   276 O  O   . ASP A 1 30 ? 0.999   7.881   2.393   1.00 28.04 ? 30  ASP A O   1 
ATOM   277 C  CB  . ASP A 1 30 ? -0.390  9.137   -0.151  1.00 29.45 ? 30  ASP A CB  1 
ATOM   278 C  CG  . ASP A 1 30 ? -1.131  10.270  -0.847  1.00 40.55 ? 30  ASP A CG  1 
ATOM   279 O  OD1 . ASP A 1 30 ? -2.380  10.297  -0.770  1.00 41.76 ? 30  ASP A OD1 1 
ATOM   280 O  OD2 . ASP A 1 30 ? -0.463  11.068  -1.553  1.00 44.07 ? 30  ASP A OD2 1 
ATOM   281 N  N   . HIS A 1 31 ? -0.312  6.402   1.227   1.00 24.80 ? 31  HIS A N   1 
ATOM   282 C  CA  . HIS A 1 31 ? 0.476   5.188   1.508   1.00 24.74 ? 31  HIS A CA  1 
ATOM   283 C  C   . HIS A 1 31 ? 0.750   4.484   0.208   1.00 26.88 ? 31  HIS A C   1 
ATOM   284 O  O   . HIS A 1 31 ? -0.033  4.591   -0.738  1.00 26.28 ? 31  HIS A O   1 
ATOM   285 C  CB  . HIS A 1 31 ? -0.326  4.199   2.357   1.00 24.56 ? 31  HIS A CB  1 
ATOM   286 C  CG  . HIS A 1 31 ? -0.855  4.812   3.605   1.00 27.24 ? 31  HIS A CG  1 
ATOM   287 N  ND1 . HIS A 1 31 ? -1.910  5.693   3.571   1.00 29.38 ? 31  HIS A ND1 1 
ATOM   288 C  CD2 . HIS A 1 31 ? -0.450  4.644   4.881   1.00 28.11 ? 31  HIS A CD2 1 
ATOM   289 C  CE1 . HIS A 1 31 ? -2.120  6.040   4.833   1.00 29.52 ? 31  HIS A CE1 1 
ATOM   290 N  NE2 . HIS A 1 31 ? -1.258  5.441   5.655   1.00 29.22 ? 31  HIS A NE2 1 
ATOM   291 N  N   . LYS A 1 32 ? 1.860   3.748   0.162   1.00 25.79 ? 32  LYS A N   1 
ATOM   292 C  CA  A LYS A 1 32 ? 2.206   3.003   -1.029  0.40 25.02 ? 32  LYS A CA  1 
ATOM   293 C  CA  B LYS A 1 32 ? 2.264   3.038   -1.034  0.60 25.52 ? 32  LYS A CA  1 
ATOM   294 C  C   . LYS A 1 32 ? 2.703   1.640   -0.632  1.00 28.07 ? 32  LYS A C   1 
ATOM   295 O  O   . LYS A 1 32 ? 3.230   1.457   0.471   1.00 26.80 ? 32  LYS A O   1 
ATOM   296 C  CB  A LYS A 1 32 ? 3.289   3.726   -1.842  0.40 28.98 ? 32  LYS A CB  1 
ATOM   297 C  CB  B LYS A 1 32 ? 3.450   3.809   -1.639  0.60 30.13 ? 32  LYS A CB  1 
ATOM   298 C  CG  A LYS A 1 32 ? 2.883   5.083   -2.420  0.40 34.45 ? 32  LYS A CG  1 
ATOM   299 C  CG  B LYS A 1 32 ? 4.125   3.243   -2.883  0.60 30.81 ? 32  LYS A CG  1 
ATOM   300 C  CD  A LYS A 1 32 ? 2.205   4.986   -3.780  0.40 35.87 ? 32  LYS A CD  1 
ATOM   301 C  CD  B LYS A 1 32 ? 4.962   4.298   -3.633  0.60 36.89 ? 32  LYS A CD  1 
ATOM   302 C  CE  A LYS A 1 32 ? 1.802   6.345   -4.304  0.40 31.72 ? 32  LYS A CE  1 
ATOM   303 C  CE  B LYS A 1 32 ? 6.411   4.316   -3.239  0.60 40.11 ? 32  LYS A CE  1 
ATOM   304 N  NZ  A LYS A 1 32 ? 1.629   6.328   -5.773  0.40 45.92 ? 32  LYS A NZ  1 
ATOM   305 N  NZ  B LYS A 1 32 ? 7.256   4.974   -4.284  0.60 45.62 ? 32  LYS A NZ  1 
ATOM   306 N  N   . CYS A 1 33 ? 2.583   0.696   -1.564  1.00 24.84 ? 33  CYS A N   1 
ATOM   307 C  CA  . CYS A 1 33 ? 3.028   -0.688  -1.377  1.00 25.10 ? 33  CYS A CA  1 
ATOM   308 C  C   . CYS A 1 33 ? 4.508   -0.807  -1.650  1.00 28.78 ? 33  CYS A C   1 
ATOM   309 O  O   . CYS A 1 33 ? 4.951   -0.594  -2.777  1.00 29.84 ? 33  CYS A O   1 
ATOM   310 C  CB  . CYS A 1 33 ? 2.230   -1.580  -2.311  1.00 23.86 ? 33  CYS A CB  1 
ATOM   311 S  SG  . CYS A 1 33 ? 0.482   -1.722  -1.866  1.00 25.61 ? 33  CYS A SG  1 
ATOM   312 N  N   . ILE A 1 34 ? 5.277   -1.111  -0.611  1.00 28.86 ? 34  ILE A N   1 
ATOM   313 C  CA  . ILE A 1 34 ? 6.730   -1.138  -0.657  1.00 31.10 ? 34  ILE A CA  1 
ATOM   314 C  C   . ILE A 1 34 ? 7.300   -2.494  -0.241  1.00 34.50 ? 34  ILE A C   1 
ATOM   315 O  O   . ILE A 1 34 ? 6.791   -3.106  0.695   1.00 31.10 ? 34  ILE A O   1 
ATOM   316 C  CB  . ILE A 1 34 ? 7.255   0.047   0.226   1.00 34.75 ? 34  ILE A CB  1 
ATOM   317 C  CG1 . ILE A 1 34 ? 6.914   1.397   -0.475  1.00 37.09 ? 34  ILE A CG1 1 
ATOM   318 C  CG2 . ILE A 1 34 ? 8.777   -0.068  0.607   1.00 39.83 ? 34  ILE A CG2 1 
ATOM   319 C  CD1 . ILE A 1 34 ? 7.026   2.588   0.340   1.00 45.16 ? 34  ILE A CD1 1 
ATOM   320 N  N   . GLY A 1 35 ? 8.332   -2.950  -0.939  1.00 34.80 ? 35  GLY A N   1 
ATOM   321 C  CA  . GLY A 1 35 ? 8.981   -4.211  -0.583  1.00 35.43 ? 35  GLY A CA  1 
ATOM   322 C  C   . GLY A 1 35 ? 9.308   -5.133  -1.747  1.00 43.82 ? 35  GLY A C   1 
ATOM   323 O  O   . GLY A 1 35 ? 9.346   -4.661  -2.911  1.00 42.02 ? 35  GLY A O   1 
ATOM   324 O  OXT . GLY A 1 35 ? 9.596   -6.321  -1.465  1.00 48.22 ? 35  GLY A OXT 1 
HETATM 325 NI NI  A NI  B 2 .  ? 1.952   -7.355  5.479   0.41 23.80 ? 101 NI  A NI  1 
HETATM 326 NI NI  B NI  B 2 .  ? 1.710   -8.553  5.331   0.59 35.20 ? 101 NI  A NI  1 
HETATM 327 NI NI  . NI  C 2 .  ? -11.587 -8.840  -5.759  0.23 26.38 ? 102 NI  A NI  1 
HETATM 328 NI NI  . NI  D 2 .  ? -5.807  -9.737  0.230   0.23 25.38 ? 103 NI  A NI  1 
HETATM 329 O  O   . HOH E 3 .  ? -11.435 -2.362  -0.435  1.00 44.51 ? 201 HOH A O   1 
HETATM 330 O  O   . HOH E 3 .  ? -5.980  -8.958  2.339   1.00 30.10 ? 202 HOH A O   1 
HETATM 331 O  O   . HOH E 3 .  ? -9.235  -5.464  -1.501  1.00 27.22 ? 203 HOH A O   1 
HETATM 332 O  O   . HOH E 3 .  ? -0.886  -10.490 5.292   0.21 25.90 ? 204 HOH A O   1 
HETATM 333 O  O   . HOH E 3 .  ? -1.087  -7.344  2.504   1.00 37.23 ? 205 HOH A O   1 
HETATM 334 O  O   . HOH E 3 .  ? -3.108  5.995   0.774   1.00 30.51 ? 206 HOH A O   1 
HETATM 335 O  O   . HOH E 3 .  ? -4.212  1.409   -5.756  1.00 26.68 ? 207 HOH A O   1 
HETATM 336 O  O   . HOH E 3 .  ? -6.222  -3.143  -6.380  1.00 36.49 ? 208 HOH A O   1 
HETATM 337 O  O   . HOH E 3 .  ? -2.316  -2.142  -8.027  1.00 30.15 ? 209 HOH A O   1 
HETATM 338 O  O   . HOH E 3 .  ? 2.691   -15.059 1.275   1.00 39.07 ? 210 HOH A O   1 
HETATM 339 O  O   A HOH E 3 .  ? -1.445  3.987   -7.131  0.42 25.58 ? 211 HOH A O   1 
HETATM 340 O  O   B HOH E 3 .  ? -2.503  3.012   -7.548  0.58 36.67 ? 211 HOH A O   1 
HETATM 341 O  O   . HOH E 3 .  ? -4.434  7.028   2.910   1.00 74.57 ? 212 HOH A O   1 
HETATM 342 O  O   . HOH E 3 .  ? -11.802 -0.966  7.917   1.00 28.26 ? 213 HOH A O   1 
HETATM 343 O  O   . HOH E 3 .  ? -3.251  0.621   -8.193  1.00 43.59 ? 214 HOH A O   1 
HETATM 344 O  O   . HOH E 3 .  ? 3.650   -2.130  -10.092 1.00 43.86 ? 215 HOH A O   1 
HETATM 345 O  O   . HOH E 3 .  ? 8.384   -3.630  2.858   1.00 50.26 ? 216 HOH A O   1 
HETATM 346 O  O   . HOH E 3 .  ? -9.816  -4.414  -9.758  1.00 69.92 ? 217 HOH A O   1 
HETATM 347 O  O   . HOH E 3 .  ? -5.086  9.982   -0.102  1.00 52.64 ? 218 HOH A O   1 
HETATM 348 O  O   . HOH E 3 .  ? -8.599  -3.625  -7.447  1.00 44.94 ? 219 HOH A O   1 
HETATM 349 O  O   . HOH E 3 .  ? 6.471   4.845   6.205   1.00 34.14 ? 220 HOH A O   1 
HETATM 350 O  O   . HOH E 3 .  ? -0.099  8.648   5.209   1.00 45.07 ? 221 HOH A O   1 
HETATM 351 O  O   . HOH E 3 .  ? -0.947  -4.221  2.917   1.00 33.90 ? 222 HOH A O   1 
HETATM 352 O  O   . HOH E 3 .  ? -6.604  -4.754  -1.896  1.00 28.07 ? 223 HOH A O   1 
HETATM 353 O  O   . HOH E 3 .  ? 2.203   -13.623 -1.819  1.00 43.82 ? 224 HOH A O   1 
HETATM 354 O  O   . HOH E 3 .  ? -3.989  -4.042  -8.867  1.00 53.32 ? 225 HOH A O   1 
HETATM 355 O  O   . HOH E 3 .  ? -14.286 0.338   7.710   1.00 41.55 ? 226 HOH A O   1 
HETATM 356 O  O   . HOH E 3 .  ? -10.786 -7.284  -9.548  1.00 44.30 ? 227 HOH A O   1 
HETATM 357 O  O   . HOH E 3 .  ? -8.479  -7.739  -2.698  1.00 43.41 ? 228 HOH A O   1 
HETATM 358 O  O   . HOH E 3 .  ? -11.314 1.303   9.583   1.00 43.25 ? 229 HOH A O   1 
HETATM 359 O  O   . HOH E 3 .  ? 4.597   -13.748 -0.667  1.00 45.41 ? 230 HOH A O   1 
HETATM 360 O  O   . HOH E 3 .  ? 0.993   -10.782 7.230   0.25 42.07 ? 231 HOH A O   1 
HETATM 361 O  O   . HOH E 3 .  ? 8.407   -4.086  5.979   1.00 61.25 ? 232 HOH A O   1 
HETATM 362 O  O   . HOH E 3 .  ? -5.545  6.581   5.422   1.00 46.95 ? 233 HOH A O   1 
HETATM 363 O  O   . HOH E 3 .  ? 8.940   -6.839  -7.885  1.00 65.56 ? 234 HOH A O   1 
HETATM 364 O  O   A HOH E 3 .  ? -4.275  3.873   9.122   0.60 39.94 ? 235 HOH A O   1 
HETATM 365 O  O   B HOH E 3 .  ? -2.416  3.008   9.751   0.40 38.37 ? 235 HOH A O   1 
HETATM 366 O  O   . HOH E 3 .  ? 7.831   14.324  0.614   1.00 46.93 ? 236 HOH A O   1 
HETATM 367 O  O   . HOH E 3 .  ? -7.805  -10.280 0.373   1.00 29.84 ? 237 HOH A O   1 
# 
loop_
_atom_site_anisotrop.id 
_atom_site_anisotrop.type_symbol 
_atom_site_anisotrop.pdbx_label_atom_id 
_atom_site_anisotrop.pdbx_label_alt_id 
_atom_site_anisotrop.pdbx_label_comp_id 
_atom_site_anisotrop.pdbx_label_asym_id 
_atom_site_anisotrop.pdbx_label_seq_id 
_atom_site_anisotrop.pdbx_PDB_ins_code 
_atom_site_anisotrop.U[1][1] 
_atom_site_anisotrop.U[2][2] 
_atom_site_anisotrop.U[3][3] 
_atom_site_anisotrop.U[1][2] 
_atom_site_anisotrop.U[1][3] 
_atom_site_anisotrop.U[2][3] 
_atom_site_anisotrop.pdbx_auth_seq_id 
_atom_site_anisotrop.pdbx_auth_comp_id 
_atom_site_anisotrop.pdbx_auth_asym_id 
_atom_site_anisotrop.pdbx_auth_atom_id 
1   N  N   . GLU A 1  ? 0.4053 0.4095 0.4456 0.0027  -0.1161 0.0307  1   GLU A N   
2   C  CA  . GLU A 1  ? 0.3827 0.3824 0.4236 0.0146  -0.0918 0.0289  1   GLU A CA  
3   C  C   . GLU A 1  ? 0.4078 0.3810 0.4125 0.0145  -0.0819 0.0258  1   GLU A C   
4   O  O   . GLU A 1  ? 0.3896 0.3546 0.3763 0.0036  -0.0898 0.0229  1   GLU A O   
5   C  CB  . GLU A 1  ? 0.3643 0.4013 0.4537 0.0106  -0.0757 0.0233  1   GLU A CB  
6   C  CG  . GLU A 1  ? 0.4881 0.5253 0.5906 0.0234  -0.0572 0.0235  1   GLU A CG  
7   C  CD  . GLU A 1  ? 0.6906 0.7593 0.8370 0.0202  -0.0450 0.0179  1   GLU A CD  
8   O  OE1 . GLU A 1  ? 0.4744 0.5517 0.6247 0.0085  -0.0360 0.0109  1   GLU A OE1 
9   O  OE2 . GLU A 1  ? 0.5940 0.6748 0.7673 0.0297  -0.0448 0.0205  1   GLU A OE2 
10  N  N   . GLN A 2  ? 0.3815 0.3406 0.3767 0.0270  -0.0645 0.0272  2   GLN A N   
11  C  CA  . GLN A 2  ? 0.3931 0.3316 0.3634 0.0298  -0.0543 0.0251  2   GLN A CA  
12  C  C   . GLN A 2  ? 0.3807 0.3408 0.3834 0.0292  -0.0370 0.0211  2   GLN A C   
13  O  O   . GLN A 2  ? 0.3295 0.3095 0.3633 0.0300  -0.0288 0.0208  2   GLN A O   
14  C  CB  . GLN A 2  ? 0.4491 0.3502 0.3806 0.0445  -0.0462 0.0308  2   GLN A CB  
15  C  CG  . GLN A 2  ? 0.6172 0.4831 0.5009 0.0451  -0.0657 0.0350  2   GLN A CG  
16  C  CD  . GLN A 2  ? 0.9611 0.7920 0.8103 0.0591  -0.0564 0.0418  2   GLN A CD  
17  O  OE1 . GLN A 2  ? 0.9188 0.7157 0.7308 0.0684  -0.0403 0.0428  2   GLN A OE1 
18  N  NE2 . GLN A 2  ? 0.9059 0.7425 0.7661 0.0616  -0.0646 0.0470  2   GLN A NE2 
19  N  N   . CYS A 3  ? 0.3437 0.2955 0.3372 0.0289  -0.0328 0.0184  3   CYS A N   
20  C  CA  . CYS A 3  ? 0.2848 0.2532 0.3077 0.0291  -0.0201 0.0160  3   CYS A CA  
21  C  C   . CYS A 3  ? 0.2893 0.2550 0.3229 0.0410  -0.0028 0.0212  3   CYS A C   
22  O  O   . CYS A 3  ? 0.3197 0.2613 0.3262 0.0515  0.0026  0.0264  3   CYS A O   
23  C  CB  . CYS A 3  ? 0.2813 0.2415 0.2956 0.0283  -0.0226 0.0136  3   CYS A CB  
24  S  SG  . CYS A 3  ? 0.3438 0.2688 0.3216 0.0446  -0.0170 0.0174  3   CYS A SG  
25  N  N   . VAL A 4  ? 0.2651 0.2502 0.3326 0.0379  0.0062  0.0197  4   VAL A N   
26  C  CA  . VAL A 4  ? 0.2558 0.2382 0.3354 0.0452  0.0227  0.0249  4   VAL A CA  
27  C  C   . VAL A 4  ? 0.2892 0.2662 0.3736 0.0527  0.0365  0.0283  4   VAL A C   
28  O  O   . VAL A 4  ? 0.2745 0.2631 0.3765 0.0497  0.0328  0.0255  4   VAL A O   
29  C  CB  . VAL A 4  ? 0.2732 0.2732 0.3840 0.0377  0.0263  0.0221  4   VAL A CB  
30  C  CG1 . VAL A 4  ? 0.2890 0.2828 0.4114 0.0427  0.0434  0.0280  4   VAL A CG1 
31  C  CG2 . VAL A 4  ? 0.2690 0.2745 0.3784 0.0345  0.0172  0.0192  4   VAL A CG2 
32  N  N   . LYS A 5  ? 0.3007 0.2588 0.3701 0.0629  0.0528  0.0350  5   LYS A N   
33  C  CA  . LYS A 5  ? 0.3053 0.2574 0.3802 0.0723  0.0722  0.0392  5   LYS A CA  
34  C  C   . LYS A 5  ? 0.3183 0.2950 0.4438 0.0674  0.0862  0.0415  5   LYS A C   
35  O  O   . LYS A 5  ? 0.2811 0.2701 0.4269 0.0574  0.0825  0.0403  5   LYS A O   
36  C  CB  . LYS A 5  ? 0.3815 0.2958 0.4107 0.0840  0.0873  0.0455  5   LYS A CB  
37  C  CG  . LYS A 5  ? 0.5170 0.4003 0.4905 0.0870  0.0699  0.0442  5   LYS A CG  
38  C  CD  . LYS A 5  ? 0.5747 0.4537 0.5343 0.0876  0.0574  0.0389  5   LYS A CD  
39  C  CE  . LYS A 5  ? 0.6498 0.4955 0.5541 0.0871  0.0386  0.0381  5   LYS A CE  
40  N  NZ  . LYS A 5  ? 0.6018 0.4683 0.5184 0.0730  0.0125  0.0343  5   LYS A NZ  
41  N  N   . LYS A 6  ? 0.2861 0.2678 0.4321 0.0751  0.1037  0.0452  6   LYS A N   
42  C  CA  . LYS A 6  ? 0.2714 0.2807 0.4738 0.0688  0.1156  0.0484  6   LYS A CA  
43  C  C   . LYS A 6  ? 0.3199 0.3224 0.5252 0.0622  0.1299  0.0534  6   LYS A C   
44  O  O   . LYS A 6  ? 0.3639 0.3371 0.5317 0.0698  0.1458  0.0585  6   LYS A O   
45  C  CB  . LYS A 6  ? 0.2929 0.3101 0.5219 0.0811  0.1367  0.0532  6   LYS A CB  
46  C  CG  . LYS A 6  ? 0.3254 0.3779 0.6242 0.0730  0.1470  0.0576  6   LYS A CG  
47  C  CD  . LYS A 6  ? 0.3352 0.4006 0.6684 0.0873  0.1703  0.0629  6   LYS A CD  
48  C  CE  . LYS A 6  ? 0.3728 0.4783 0.7844 0.0775  0.1793  0.0685  6   LYS A CE  
49  N  NZ  . LYS A 6  ? 0.5808 0.7084 1.0404 0.0930  0.1990  0.0733  6   LYS A NZ  
50  N  N   . ASP A 7  ? 0.2830 0.3071 0.5278 0.0476  0.1231  0.0519  7   ASP A N   
51  C  CA  . ASP A 7  ? 0.2866 0.3047 0.5405 0.0383  0.1342  0.0559  7   ASP A CA  
52  C  C   . ASP A 7  ? 0.3751 0.3672 0.5864 0.0395  0.1269  0.0543  7   ASP A C   
53  O  O   . ASP A 7  ? 0.3654 0.3445 0.5760 0.0344  0.1362  0.0582  7   ASP A O   
54  C  CB  . ASP A 7  ? 0.3530 0.3656 0.6205 0.0415  0.1665  0.0660  7   ASP A CB  
55  C  CG  . ASP A 7  ? 0.4699 0.5181 0.7997 0.0381  0.1738  0.0683  7   ASP A CG  
56  O  OD1 . ASP A 7  ? 0.4722 0.5470 0.8399 0.0266  0.1513  0.0634  7   ASP A OD1 
57  O  OD2 . ASP A 7  ? 0.6341 0.6822 0.9744 0.0474  0.2014  0.0751  7   ASP A OD2 
58  N  N   . GLU A 8  ? 0.3130 0.2984 0.4929 0.0456  0.1097  0.0492  8   GLU A N   
59  C  CA  . GLU A 8  ? 0.3214 0.2896 0.4718 0.0476  0.0995  0.0479  8   GLU A CA  
60  C  C   . GLU A 8  ? 0.3075 0.2927 0.4774 0.0369  0.0834  0.0391  8   GLU A C   
61  O  O   . GLU A 8  ? 0.2819 0.2866 0.4756 0.0281  0.0757  0.0337  8   GLU A O   
62  C  CB  . GLU A 8  ? 0.3598 0.3110 0.4682 0.0583  0.0899  0.0483  8   GLU A CB  
63  C  CG  . GLU A 8  ? 0.4490 0.3711 0.5247 0.0690  0.1080  0.0564  8   GLU A CG  
64  C  CD  . GLU A 8  ? 0.9661 0.8534 0.9880 0.0781  0.0995  0.0604  8   GLU A CD  
65  O  OE1 . GLU A 8  ? 0.9105 0.7835 0.9006 0.0838  0.0926  0.0592  8   GLU A OE1 
66  O  OE2 . GLU A 8  ? 1.0524 0.9231 1.0616 0.0795  0.0977  0.0649  8   GLU A OE2 
67  N  N   . LEU A 9  ? 0.2874 0.2621 0.4448 0.0389  0.0786  0.0379  9   LEU A N   
68  C  CA  . LEU A 9  ? 0.2642 0.2481 0.4352 0.0309  0.0694  0.0295  9   LEU A CA  
69  C  C   . LEU A 9  ? 0.2685 0.2674 0.4353 0.0290  0.0542  0.0220  9   LEU A C   
70  O  O   . LEU A 9  ? 0.2645 0.2621 0.4135 0.0362  0.0468  0.0236  9   LEU A O   
71  C  CB  . LEU A 9  ? 0.2939 0.2604 0.4553 0.0374  0.0721  0.0315  9   LEU A CB  
72  C  CG  . LEU A 9  ? 0.3570 0.3260 0.5302 0.0314  0.0692  0.0229  9   LEU A CG  
73  C  CD1 . LEU A 9  ? 0.4103 0.3555 0.5829 0.0321  0.0797  0.0258  9   LEU A CD1 
74  C  CD2 . LEU A 9  ? 0.3900 0.3687 0.5597 0.0384  0.0596  0.0183  9   LEU A CD2 
75  N  N   . CYS A 10 ? 0.2454 0.2541 0.4250 0.0174  0.0490  0.0139  10  CYS A N   
76  C  CA  . CYS A 10 ? 0.2266 0.2452 0.3990 0.0124  0.0375  0.0066  10  CYS A CA  
77  C  C   . CYS A 10 ? 0.2610 0.2769 0.4366 0.0050  0.0391  -0.0018 10  CYS A C   
78  O  O   . CYS A 10 ? 0.2650 0.2695 0.4472 0.0018  0.0461  -0.0029 10  CYS A O   
79  C  CB  . CYS A 10 ? 0.2208 0.2466 0.3949 0.0057  0.0291  0.0054  10  CYS A CB  
80  S  SG  . CYS A 10 ? 0.2410 0.2682 0.4391 -0.0059 0.0288  0.0046  10  CYS A SG  
81  N  N   . ILE A 11 ? 0.2301 0.2528 0.3983 0.0011  0.0346  -0.0082 11  ILE A N   
82  C  CA  . ILE A 11 ? 0.2399 0.2559 0.4059 -0.0054 0.0407  -0.0173 11  ILE A CA  
83  C  C   . ILE A 11 ? 0.2875 0.3040 0.4380 -0.0186 0.0338  -0.0238 11  ILE A C   
84  O  O   . ILE A 11 ? 0.2508 0.2789 0.3974 -0.0182 0.0297  -0.0230 11  ILE A O   
85  C  CB  . ILE A 11 ? 0.2760 0.2980 0.4511 0.0057  0.0491  -0.0181 11  ILE A CB  
86  C  CG1 . ILE A 11 ? 0.2871 0.3025 0.4709 0.0203  0.0524  -0.0097 11  ILE A CG1 
87  C  CG2 . ILE A 11 ? 0.3024 0.3144 0.4738 0.0005  0.0610  -0.0286 11  ILE A CG2 
88  C  CD1 . ILE A 11 ? 0.3173 0.3420 0.5157 0.0352  0.0540  -0.0075 11  ILE A CD1 
89  N  N   . PRO A 12 ? 0.2680 0.2678 0.4055 -0.0316 0.0311  -0.0302 12  PRO A N   
90  C  CA  . PRO A 12 ? 0.3017 0.2943 0.4156 -0.0445 0.0236  -0.0357 12  PRO A CA  
91  C  C   . PRO A 12 ? 0.3232 0.3193 0.4304 -0.0446 0.0369  -0.0411 12  PRO A C   
92  O  O   . PRO A 12 ? 0.3261 0.3223 0.4438 -0.0374 0.0522  -0.0443 12  PRO A O   
93  C  CB  . PRO A 12 ? 0.3445 0.3118 0.4422 -0.0577 0.0178  -0.0413 12  PRO A CB  
94  C  CG  . PRO A 12 ? 0.3725 0.3440 0.4964 -0.0527 0.0160  -0.0352 12  PRO A CG  
95  C  CD  . PRO A 12 ? 0.3083 0.2910 0.4480 -0.0372 0.0317  -0.0317 12  PRO A CD  
96  N  N   . TYR A 13 ? 0.3007 0.3008 0.3938 -0.0520 0.0317  -0.0415 13  TYR A N   
97  C  CA  . TYR A 13 ? 0.2972 0.3050 0.3880 -0.0558 0.0448  -0.0456 13  TYR A CA  
98  C  C   . TYR A 13 ? 0.3096 0.3474 0.4343 -0.0430 0.0486  -0.0400 13  TYR A C   
99  O  O   . TYR A 13 ? 0.2635 0.3154 0.3980 -0.0462 0.0585  -0.0421 13  TYR A O   
100 C  CB  . TYR A 13 ? 0.3493 0.3389 0.4281 -0.0598 0.0652  -0.0555 13  TYR A CB  
101 C  CG  . TYR A 13 ? 0.4062 0.3577 0.4411 -0.0753 0.0604  -0.0623 13  TYR A CG  
102 C  CD1 . TYR A 13 ? 0.4527 0.3857 0.4509 -0.0908 0.0622  -0.0665 13  TYR A CD1 
103 C  CD2 . TYR A 13 ? 0.4297 0.3602 0.4568 -0.0765 0.0524  -0.0639 13  TYR A CD2 
104 C  CE1 . TYR A 13 ? 0.4870 0.3785 0.4375 -0.1056 0.0527  -0.0716 13  TYR A CE1 
105 C  CE2 . TYR A 13 ? 0.4829 0.3759 0.4683 -0.0922 0.0418  -0.0693 13  TYR A CE2 
106 C  CZ  . TYR A 13 ? 0.5589 0.4307 0.5034 -0.1061 0.0415  -0.0734 13  TYR A CZ  
107 O  OH  . TYR A 13 ? 0.6276 0.4563 0.5242 -0.1219 0.0274  -0.0781 13  TYR A OH  
108 N  N   . TYR A 14 ? 0.2584 0.3050 0.4007 -0.0296 0.0407  -0.0325 14  TYR A N   
109 C  CA  . TYR A 14 ? 0.2286 0.2976 0.3983 -0.0172 0.0404  -0.0268 14  TYR A CA  
110 C  C   . TYR A 14 ? 0.2309 0.3026 0.3985 -0.0101 0.0243  -0.0175 14  TYR A C   
111 O  O   . TYR A 14 ? 0.2419 0.3273 0.4186 -0.0072 0.0165  -0.0130 14  TYR A O   
112 C  CB  A TYR A 14 ? 0.2371 0.3047 0.4261 -0.0040 0.0527  -0.0276 14  TYR A CB  
113 C  CB  B TYR A 14 ? 0.2553 0.3247 0.4463 -0.0034 0.0528  -0.0274 14  TYR A CB  
114 C  CG  A TYR A 14 ? 0.2268 0.3165 0.4468 0.0096  0.0514  -0.0222 14  TYR A CG  
115 C  CG  B TYR A 14 ? 0.3111 0.3810 0.5104 -0.0050 0.0729  -0.0364 14  TYR A CG  
116 C  CD1 A TYR A 14 ? 0.2452 0.3555 0.4911 0.0101  0.0629  -0.0261 14  TYR A CD1 
117 C  CD1 B TYR A 14 ? 0.3337 0.4301 0.5643 0.0001  0.0808  -0.0362 14  TYR A CD1 
118 C  CD2 A TYR A 14 ? 0.2224 0.3118 0.4459 0.0216  0.0384  -0.0126 14  TYR A CD2 
119 C  CD2 B TYR A 14 ? 0.3450 0.3872 0.5214 -0.0113 0.0845  -0.0449 14  TYR A CD2 
120 C  CE1 A TYR A 14 ? 0.2273 0.3629 0.5101 0.0225  0.0571  -0.0199 14  TYR A CE1 
121 C  CE1 B TYR A 14 ? 0.3558 0.4531 0.5967 0.0009  0.1046  -0.0447 14  TYR A CE1 
122 C  CE2 A TYR A 14 ? 0.2275 0.3348 0.4770 0.0332  0.0309  -0.0065 14  TYR A CE2 
123 C  CE2 B TYR A 14 ? 0.3717 0.4066 0.5475 -0.0117 0.1066  -0.0541 14  TYR A CE2 
124 C  CZ  A TYR A 14 ? 0.3303 0.4634 0.6135 0.0339  0.0383  -0.0099 14  TYR A CZ  
125 C  CZ  B TYR A 14 ? 0.4400 0.5033 0.6491 -0.0045 0.1192  -0.0541 14  TYR A CZ  
126 O  OH  A TYR A 14 ? 0.3447 0.4997 0.6621 0.0460  0.0277  -0.0030 14  TYR A OH  
127 O  OH  B TYR A 14 ? 0.4780 0.5349 0.6898 -0.0030 0.1462  -0.0634 14  TYR A OH  
128 N  N   . LEU A 15 ? 0.2138 0.2710 0.3701 -0.0066 0.0203  -0.0142 15  LEU A N   
129 C  CA  . LEU A 15 ? 0.2262 0.2797 0.3760 0.0024  0.0111  -0.0057 15  LEU A CA  
130 C  C   . LEU A 15 ? 0.2390 0.2806 0.3777 -0.0002 0.0091  -0.0048 15  LEU A C   
131 O  O   . LEU A 15 ? 0.2574 0.2932 0.4044 0.0023  0.0158  -0.0037 15  LEU A O   
132 C  CB  . LEU A 15 ? 0.2467 0.2977 0.4080 0.0166  0.0159  -0.0001 15  LEU A CB  
133 C  CG  . LEU A 15 ? 0.2931 0.3324 0.4395 0.0268  0.0092  0.0090  15  LEU A CG  
134 C  CD1 . LEU A 15 ? 0.3089 0.3527 0.4466 0.0273  -0.0057 0.0122  15  LEU A CD1 
135 C  CD2 . LEU A 15 ? 0.3503 0.3778 0.5011 0.0388  0.0166  0.0147  15  LEU A CD2 
136 N  N   . ASP A 16 ? 0.2085 0.2465 0.3308 -0.0057 -0.0004 -0.0051 16  ASP A N   
137 C  CA  . ASP A 16 ? 0.2156 0.2458 0.3339 -0.0078 -0.0041 -0.0048 16  ASP A CA  
138 C  C   . ASP A 16 ? 0.2297 0.2532 0.3426 0.0037  -0.0051 0.0022  16  ASP A C   
139 O  O   . ASP A 16 ? 0.2410 0.2590 0.3424 0.0122  -0.0045 0.0066  16  ASP A O   
140 C  CB  . ASP A 16 ? 0.2647 0.2890 0.3663 -0.0211 -0.0134 -0.0102 16  ASP A CB  
141 C  CG  . ASP A 16 ? 0.3244 0.3441 0.4053 -0.0240 -0.0219 -0.0092 16  ASP A CG  
142 O  OD1 . ASP A 16 ? 0.3274 0.3487 0.4063 -0.0159 -0.0228 -0.0047 16  ASP A OD1 
143 O  OD2 . ASP A 16 ? 0.3072 0.3165 0.3687 -0.0356 -0.0294 -0.0125 16  ASP A OD2 
144 N  N   . CYS A 17 ? 0.2212 0.2438 0.3436 0.0046  -0.0060 0.0033  17  CYS A N   
145 C  CA  . CYS A 17 ? 0.2279 0.2460 0.3532 0.0173  -0.0004 0.0097  17  CYS A CA  
146 C  C   . CYS A 17 ? 0.2786 0.2834 0.3793 0.0218  -0.0089 0.0102  17  CYS A C   
147 O  O   . CYS A 17 ? 0.2859 0.2868 0.3743 0.0129  -0.0222 0.0062  17  CYS A O   
148 C  CB  . CYS A 17 ? 0.2241 0.2530 0.3823 0.0164  0.0028  0.0115  17  CYS A CB  
149 S  SG  . CYS A 17 ? 0.2515 0.2887 0.4351 0.0081  0.0118  0.0105  17  CYS A SG  
150 N  N   . CYS A 18 ? 0.2447 0.2380 0.3367 0.0360  0.0002  0.0154  18  CYS A N   
151 C  CA  . CYS A 18 ? 0.2620 0.2375 0.3307 0.0431  -0.0059 0.0156  18  CYS A CA  
152 C  C   . CYS A 18 ? 0.3064 0.2920 0.4023 0.0450  -0.0104 0.0157  18  CYS A C   
153 O  O   . CYS A 18 ? 0.2819 0.2832 0.4142 0.0515  0.0017  0.0195  18  CYS A O   
154 C  CB  . CYS A 18 ? 0.3016 0.2552 0.3478 0.0594  0.0082  0.0203  18  CYS A CB  
155 S  SG  . CYS A 18 ? 0.3433 0.2806 0.3577 0.0595  0.0110  0.0227  18  CYS A SG  
156 N  N   . GLU A 19 ? 0.2860 0.2611 0.3652 0.0402  -0.0275 0.0127  19  GLU A N   
157 C  CA  A GLU A 19 ? 0.2642 0.2449 0.3669 0.0443  -0.0367 0.0140  19  GLU A CA  
158 C  CA  B GLU A 19 ? 0.2802 0.2610 0.3830 0.0442  -0.0368 0.0140  19  GLU A CA  
159 C  C   . GLU A 19 ? 0.3173 0.2983 0.4388 0.0658  -0.0211 0.0194  19  GLU A C   
160 O  O   . GLU A 19 ? 0.3065 0.2657 0.3977 0.0771  -0.0089 0.0204  19  GLU A O   
161 C  CB  A GLU A 19 ? 0.2950 0.2519 0.3621 0.0389  -0.0567 0.0112  19  GLU A CB  
162 C  CB  B GLU A 19 ? 0.3212 0.2794 0.3899 0.0377  -0.0577 0.0110  19  GLU A CB  
163 C  CG  A GLU A 19 ? 0.3200 0.2764 0.3736 0.0173  -0.0704 0.0064  19  GLU A CG  
164 C  CG  B GLU A 19 ? 0.4950 0.4573 0.5651 0.0192  -0.0743 0.0075  19  GLU A CG  
165 C  CD  A GLU A 19 ? 0.4883 0.4215 0.5161 0.0124  -0.0913 0.0056  19  GLU A CD  
166 C  CD  B GLU A 19 ? 0.7749 0.7480 0.8788 0.0211  -0.0877 0.0100  19  GLU A CD  
167 O  OE1 A GLU A 19 ? 0.4959 0.4205 0.5301 0.0271  -0.0981 0.0092  19  GLU A OE1 
168 O  OE1 B GLU A 19 ? 0.7908 0.7555 0.8993 0.0342  -0.0971 0.0135  19  GLU A OE1 
169 O  OE2 A GLU A 19 ? 0.4859 0.4063 0.4842 -0.0056 -0.0994 0.0017  19  GLU A OE2 
170 O  OE2 B GLU A 19 ? 0.7325 0.7207 0.8582 0.0096  -0.0906 0.0084  19  GLU A OE2 
171 N  N   . PRO A 20 ? 0.2790 0.2835 0.4517 0.0719  -0.0195 0.0231  20  PRO A N   
172 C  CA  . PRO A 20 ? 0.2650 0.2910 0.4735 0.0594  -0.0376 0.0228  20  PRO A CA  
173 C  C   . PRO A 20 ? 0.2720 0.3218 0.5144 0.0477  -0.0290 0.0234  20  PRO A C   
174 O  O   . PRO A 20 ? 0.2818 0.3496 0.5613 0.0391  -0.0421 0.0244  20  PRO A O   
175 C  CB  . PRO A 20 ? 0.2850 0.3211 0.5318 0.0755  -0.0426 0.0278  20  PRO A CB  
176 C  CG  . PRO A 20 ? 0.3564 0.3956 0.6166 0.0950  -0.0106 0.0321  20  PRO A CG  
177 C  CD  . PRO A 20 ? 0.3213 0.3295 0.5188 0.0939  0.0002  0.0284  20  PRO A CD  
178 N  N   . LEU A 21 ? 0.2485 0.2945 0.4752 0.0468  -0.0097 0.0231  21  LEU A N   
179 C  CA  . LEU A 21 ? 0.2251 0.2865 0.4767 0.0355  -0.0021 0.0234  21  LEU A CA  
180 C  C   . LEU A 21 ? 0.2600 0.3174 0.4979 0.0163  -0.0217 0.0167  21  LEU A C   
181 O  O   . LEU A 21 ? 0.2888 0.3295 0.4887 0.0114  -0.0338 0.0119  21  LEU A O   
182 C  CB  . LEU A 21 ? 0.2390 0.2901 0.4690 0.0402  0.0197  0.0251  21  LEU A CB  
183 C  CG  . LEU A 21 ? 0.2558 0.3008 0.4867 0.0582  0.0430  0.0315  21  LEU A CG  
184 C  CD1 . LEU A 21 ? 0.2787 0.2984 0.4628 0.0627  0.0538  0.0320  21  LEU A CD1 
185 C  CD2 . LEU A 21 ? 0.2421 0.3102 0.5268 0.0590  0.0613  0.0380  21  LEU A CD2 
186 N  N   . GLU A 22 ? 0.2510 0.3197 0.5162 0.0043  -0.0233 0.0163  22  GLU A N   
187 C  CA  . GLU A 22 ? 0.2647 0.3222 0.5103 -0.0134 -0.0376 0.0091  22  GLU A CA  
188 C  C   . GLU A 22 ? 0.2627 0.3187 0.5093 -0.0186 -0.0215 0.0076  22  GLU A C   
189 O  O   . GLU A 22 ? 0.2587 0.3257 0.5346 -0.0148 -0.0069 0.0133  22  GLU A O   
190 C  CB  . GLU A 22 ? 0.3044 0.3652 0.5713 -0.0255 -0.0610 0.0087  22  GLU A CB  
191 C  CG  . GLU A 22 ? 0.3966 0.4509 0.6535 -0.0218 -0.0830 0.0094  22  GLU A CG  
192 C  CD  . GLU A 22 ? 0.6227 0.6520 0.8246 -0.0223 -0.0873 0.0045  22  GLU A CD  
193 O  OE1 . GLU A 22 ? 0.5846 0.5983 0.7526 -0.0344 -0.0844 -0.0021 22  GLU A OE1 
194 O  OE2 . GLU A 22 ? 0.5418 0.5664 0.7355 -0.0106 -0.0922 0.0075  22  GLU A OE2 
195 N  N   . CYS A 23 ? 0.2674 0.3083 0.4822 -0.0264 -0.0223 0.0005  23  CYS A N   
196 C  CA  . CYS A 23 ? 0.2468 0.2826 0.4605 -0.0287 -0.0078 -0.0013 23  CYS A CA  
197 C  C   . CYS A 23 ? 0.3284 0.3571 0.5535 -0.0442 -0.0153 -0.0047 23  CYS A C   
198 O  O   . CYS A 23 ? 0.3647 0.3778 0.5676 -0.0562 -0.0288 -0.0118 23  CYS A O   
199 C  CB  . CYS A 23 ? 0.2364 0.2622 0.4185 -0.0278 -0.0034 -0.0071 23  CYS A CB  
200 S  SG  . CYS A 23 ? 0.2692 0.2887 0.4524 -0.0238 0.0146  -0.0081 23  CYS A SG  
201 N  N   . LYS A 24 ? 0.2479 0.2837 0.5037 -0.0454 -0.0068 0.0006  24  LYS A N   
202 C  CA  . LYS A 24 ? 0.2558 0.2846 0.5267 -0.0622 -0.0165 -0.0014 24  LYS A CA  
203 C  C   . LYS A 24 ? 0.2735 0.2866 0.5393 -0.0648 -0.0001 -0.0023 24  LYS A C   
204 O  O   . LYS A 24 ? 0.2775 0.2952 0.5506 -0.0533 0.0188  0.0038  24  LYS A O   
205 C  CB  . LYS A 24 ? 0.2767 0.3304 0.5990 -0.0648 -0.0229 0.0074  24  LYS A CB  
206 C  CG  . LYS A 24 ? 0.3098 0.3799 0.6442 -0.0581 -0.0391 0.0099  24  LYS A CG  
207 C  CD  . LYS A 24 ? 0.4481 0.5449 0.8419 -0.0623 -0.0491 0.0177  24  LYS A CD  
208 C  CE  . LYS A 24 ? 0.5880 0.6973 0.9949 -0.0549 -0.0696 0.0201  24  LYS A CE  
209 N  NZ  . LYS A 24 ? 0.7118 0.8550 1.1900 -0.0554 -0.0768 0.0291  24  LYS A NZ  
210 N  N   . LYS A 25 ? 0.3081 0.2974 0.5587 -0.0803 -0.0085 -0.0095 25  LYS A N   
211 C  CA  . LYS A 25 ? 0.3189 0.2870 0.5629 -0.0831 0.0058  -0.0108 25  LYS A CA  
212 C  C   . LYS A 25 ? 0.3644 0.3470 0.6506 -0.0870 0.0129  -0.0002 25  LYS A C   
213 O  O   . LYS A 25 ? 0.3619 0.3667 0.6848 -0.0953 0.0005  0.0049  25  LYS A O   
214 C  CB  . LYS A 25 ? 0.3941 0.3283 0.6116 -0.1014 -0.0067 -0.0208 25  LYS A CB  
215 C  CG  . LYS A 25 ? 0.5004 0.4113 0.6711 -0.0981 -0.0038 -0.0320 25  LYS A CG  
216 C  CD  . LYS A 25 ? 0.5514 0.4168 0.6866 -0.1133 -0.0070 -0.0424 25  LYS A CD  
217 C  CE  . LYS A 25 ? 0.6613 0.5017 0.7481 -0.1144 -0.0063 -0.0541 25  LYS A CE  
218 N  NZ  . LYS A 25 ? 0.8210 0.6656 0.8978 -0.1249 -0.0301 -0.0545 25  LYS A NZ  
219 N  N   . VAL A 26 ? 0.3040 0.2751 0.5874 -0.0803 0.0333  0.0041  26  VAL A N   
220 C  CA  . VAL A 26 ? 0.3072 0.2871 0.6266 -0.0864 0.0447  0.0148  26  VAL A CA  
221 C  C   . VAL A 26 ? 0.3717 0.3178 0.6793 -0.0989 0.0501  0.0132  26  VAL A C   
222 O  O   . VAL A 26 ? 0.3573 0.3050 0.6936 -0.1110 0.0571  0.0210  26  VAL A O   
223 C  CB  . VAL A 26 ? 0.3557 0.3512 0.6848 -0.0684 0.0664  0.0255  26  VAL A CB  
224 C  CG1 . VAL A 26 ? 0.3428 0.3702 0.6908 -0.0593 0.0606  0.0280  26  VAL A CG1 
225 C  CG2 . VAL A 26 ? 0.3589 0.3322 0.6472 -0.0508 0.0784  0.0244  26  VAL A CG2 
226 N  N   . ASN A 27 ? 0.3455 0.2593 0.6115 -0.0962 0.0488  0.0031  27  ASN A N   
227 C  CA  . ASN A 27 ? 0.4006 0.2722 0.6430 -0.1050 0.0530  -0.0015 27  ASN A CA  
228 C  C   . ASN A 27 ? 0.4668 0.3117 0.6660 -0.1004 0.0482  -0.0157 27  ASN A C   
229 O  O   . ASN A 27 ? 0.4980 0.3612 0.6912 -0.0954 0.0398  -0.0204 27  ASN A O   
230 C  CB  . ASN A 27 ? 0.3712 0.2268 0.6106 -0.0944 0.0754  0.0078  27  ASN A CB  
231 C  CG  . ASN A 27 ? 0.3975 0.2572 0.6179 -0.0675 0.0865  0.0093  27  ASN A CG  
232 O  OD1 . ASN A 27 ? 0.3987 0.2520 0.5965 -0.0571 0.0833  0.0003  27  ASN A OD1 
233 N  ND2 . ASN A 27 ? 0.4462 0.3176 0.6763 -0.0569 0.0990  0.0209  27  ASN A ND2 
234 N  N   . TRP A 28 ? 0.4943 0.2944 0.6627 -0.1016 0.0560  -0.0220 28  TRP A N   
235 C  CA  A TRP A 28 ? 0.5307 0.3000 0.6575 -0.0964 0.0579  -0.0360 28  TRP A CA  
236 C  CA  B TRP A 28 ? 0.5295 0.2993 0.6566 -0.0961 0.0580  -0.0358 28  TRP A CA  
237 C  C   . TRP A 28 ? 0.5600 0.3513 0.6824 -0.0726 0.0679  -0.0380 28  TRP A C   
238 O  O   . TRP A 28 ? 0.5467 0.3310 0.6458 -0.0724 0.0665  -0.0485 28  TRP A O   
239 C  CB  A TRP A 28 ? 0.5780 0.2949 0.6761 -0.0955 0.0697  -0.0407 28  TRP A CB  
240 C  CB  B TRP A 28 ? 0.5770 0.2938 0.6751 -0.0961 0.0693  -0.0408 28  TRP A CB  
241 C  CG  A TRP A 28 ? 0.6439 0.3239 0.7311 -0.1228 0.0579  -0.0435 28  TRP A CG  
242 C  CG  B TRP A 28 ? 0.6411 0.3227 0.7290 -0.1240 0.0564  -0.0438 28  TRP A CG  
243 C  CD1 A TRP A 28 ? 0.7050 0.3719 0.7788 -0.1465 0.0364  -0.0510 28  TRP A CD1 
244 C  CD1 B TRP A 28 ? 0.7158 0.3616 0.7984 -0.1329 0.0619  -0.0402 28  TRP A CD1 
245 C  CD2 A TRP A 28 ? 0.6822 0.3246 0.7633 -0.1300 0.0652  -0.0395 28  TRP A CD2 
246 C  CD2 B TRP A 28 ? 0.6601 0.3341 0.7385 -0.1486 0.0326  -0.0506 28  TRP A CD2 
247 N  NE1 A TRP A 28 ? 0.7472 0.3750 0.8121 -0.1696 0.0278  -0.0516 28  TRP A NE1 
248 N  NE1 B TRP A 28 ? 0.7503 0.3694 0.8242 -0.1628 0.0430  -0.0445 28  TRP A NE1 
249 C  CE2 A TRP A 28 ? 0.7760 0.3878 0.8452 -0.1605 0.0466  -0.0447 28  TRP A CE2 
250 C  CE2 B TRP A 28 ? 0.7587 0.3946 0.8301 -0.1728 0.0232  -0.0508 28  TRP A CE2 
251 C  CE3 A TRP A 28 ? 0.7086 0.3374 0.7911 -0.1149 0.0836  -0.0310 28  TRP A CE3 
252 C  CE3 B TRP A 28 ? 0.6633 0.3555 0.7360 -0.1535 0.0164  -0.0558 28  TRP A CE3 
253 C  CZ2 A TRP A 28 ? 0.8170 0.3866 0.8778 -0.1778 0.0474  -0.0422 28  TRP A CZ2 
254 C  CZ2 B TRP A 28 ? 0.7845 0.4018 0.8452 -0.2016 -0.0046 -0.0562 28  TRP A CZ2 
255 C  CZ3 A TRP A 28 ? 0.7764 0.3607 0.8473 -0.1304 0.0859  -0.0282 28  TRP A CZ3 
256 C  CZ3 B TRP A 28 ? 0.7205 0.3924 0.7799 -0.1804 -0.0107 -0.0607 28  TRP A CZ3 
257 C  CH2 A TRP A 28 ? 0.8247 0.3807 0.8863 -0.1623 0.0686  -0.0339 28  TRP A CH2 
258 C  CH2 B TRP A 28 ? 0.7744 0.4104 0.8291 -0.2042 -0.0223 -0.0609 28  TRP A CH2 
259 N  N   . TRP A 29 ? 0.5267 0.3405 0.6684 -0.0542 0.0778  -0.0279 29  TRP A N   
260 C  CA  . TRP A 29 ? 0.4997 0.3338 0.6410 -0.0330 0.0846  -0.0286 29  TRP A CA  
261 C  C   . TRP A 29 ? 0.4348 0.3106 0.5964 -0.0264 0.0788  -0.0207 29  TRP A C   
262 O  O   . TRP A 29 ? 0.4343 0.3281 0.5936 -0.0172 0.0784  -0.0242 29  TRP A O   
263 C  CB  . TRP A 29 ? 0.5183 0.3348 0.6562 -0.0130 0.0983  -0.0243 29  TRP A CB  
264 C  CG  . TRP A 29 ? 0.5958 0.3637 0.7116 -0.0166 0.1060  -0.0302 29  TRP A CG  
265 C  CD1 . TRP A 29 ? 0.6694 0.4085 0.7609 -0.0140 0.1134  -0.0433 29  TRP A CD1 
266 C  CD2 . TRP A 29 ? 0.6308 0.3684 0.7429 -0.0238 0.1091  -0.0233 29  TRP A CD2 
267 N  NE1 . TRP A 29 ? 0.7198 0.4093 0.7900 -0.0180 0.1193  -0.0457 29  TRP A NE1 
268 C  CE2 . TRP A 29 ? 0.7387 0.4270 0.8219 -0.0248 0.1159  -0.0330 29  TRP A CE2 
269 C  CE3 . TRP A 29 ? 0.6481 0.3923 0.7759 -0.0294 0.1094  -0.0096 29  TRP A CE3 
270 C  CZ2 . TRP A 29 ? 0.7786 0.4230 0.8479 -0.0329 0.1198  -0.0294 29  TRP A CZ2 
271 C  CZ3 . TRP A 29 ? 0.7192 0.4235 0.8362 -0.0386 0.1151  -0.0053 29  TRP A CZ3 
272 C  CH2 . TRP A 29 ? 0.7786 0.4329 0.8662 -0.0407 0.1189  -0.0150 29  TRP A CH2 
273 N  N   . ASP A 30 ? 0.3459 0.2346 0.5264 -0.0303 0.0770  -0.0101 30  ASP A N   
274 C  CA  . ASP A 30 ? 0.3110 0.2313 0.5051 -0.0213 0.0749  -0.0022 30  ASP A CA  
275 C  C   . ASP A 30 ? 0.3002 0.2436 0.5083 -0.0328 0.0625  -0.0028 30  ASP A C   
276 O  O   . ASP A 30 ? 0.3022 0.2418 0.5214 -0.0499 0.0548  -0.0045 30  ASP A O   
277 C  CB  . ASP A 30 ? 0.3337 0.2498 0.5354 -0.0151 0.0854  0.0106  30  ASP A CB  
278 C  CG  . ASP A 30 ? 0.4893 0.3768 0.6745 -0.0025 0.0956  0.0144  30  ASP A CG  
279 O  OD1 . ASP A 30 ? 0.5089 0.3941 0.6836 0.0117  0.0943  0.0104  30  ASP A OD1 
280 O  OD2 . ASP A 30 ? 0.5404 0.4089 0.7252 -0.0060 0.1052  0.0229  30  ASP A OD2 
281 N  N   . HIS A 31 ? 0.2554 0.2215 0.4653 -0.0228 0.0595  0.0003  31  HIS A N   
282 C  CA  . HIS A 31 ? 0.2434 0.2310 0.4658 -0.0285 0.0480  0.0012  31  HIS A CA  
283 C  C   . HIS A 31 ? 0.2631 0.2645 0.4936 -0.0160 0.0550  0.0110  31  HIS A C   
284 O  O   . HIS A 31 ? 0.2628 0.2575 0.4783 -0.0028 0.0632  0.0149  31  HIS A O   
285 C  CB  . HIS A 31 ? 0.2455 0.2379 0.4496 -0.0290 0.0374  -0.0068 31  HIS A CB  
286 C  CG  . HIS A 31 ? 0.2925 0.2649 0.4775 -0.0388 0.0353  -0.0175 31  HIS A CG  
287 N  ND1 . HIS A 31 ? 0.3283 0.2862 0.5017 -0.0313 0.0478  -0.0214 31  HIS A ND1 
288 C  CD2 . HIS A 31 ? 0.3115 0.2724 0.4841 -0.0543 0.0227  -0.0247 31  HIS A CD2 
289 C  CE1 . HIS A 31 ? 0.3439 0.2810 0.4969 -0.0421 0.0462  -0.0317 31  HIS A CE1 
290 N  NE2 . HIS A 31 ? 0.3424 0.2778 0.4901 -0.0573 0.0304  -0.0341 31  HIS A NE2 
291 N  N   . LYS A 32 ? 0.2365 0.2548 0.4887 -0.0193 0.0511  0.0149  32  LYS A N   
292 C  CA  A LYS A 32 ? 0.2227 0.2496 0.4784 -0.0065 0.0610  0.0232  32  LYS A CA  
293 C  CA  B LYS A 32 ? 0.2285 0.2555 0.4856 -0.0069 0.0614  0.0235  32  LYS A CA  
294 C  C   . LYS A 32 ? 0.2528 0.2966 0.5173 -0.0055 0.0490  0.0220  32  LYS A C   
295 O  O   . LYS A 32 ? 0.2289 0.2807 0.5086 -0.0168 0.0335  0.0178  32  LYS A O   
296 C  CB  A LYS A 32 ? 0.2644 0.2920 0.5448 -0.0081 0.0788  0.0325  32  LYS A CB  
297 C  CB  B LYS A 32 ? 0.2763 0.3059 0.5627 -0.0114 0.0770  0.0319  32  LYS A CB  
298 C  CG  A LYS A 32 ? 0.3464 0.3499 0.6127 -0.0082 0.0922  0.0359  32  LYS A CG  
299 C  CG  B LYS A 32 ? 0.2805 0.3157 0.5744 0.0003  0.0950  0.0413  32  LYS A CG  
300 C  CD  A LYS A 32 ? 0.3810 0.3667 0.6154 0.0085  0.1046  0.0425  32  LYS A CD  
301 C  CD  B LYS A 32 ? 0.3528 0.3824 0.6663 -0.0046 0.1175  0.0503  32  LYS A CD  
302 C  CE  A LYS A 32 ? 0.3433 0.3007 0.5611 0.0093  0.1148  0.0467  32  LYS A CE  
303 C  CE  B LYS A 32 ? 0.3655 0.4230 0.7357 -0.0165 0.1196  0.0540  32  LYS A CE  
304 N  NZ  A LYS A 32 ? 0.5404 0.4756 0.7287 0.0226  0.1288  0.0565  32  LYS A NZ  
305 N  NZ  B LYS A 32 ? 0.4298 0.4845 0.8191 -0.0180 0.1491  0.0650  32  LYS A NZ  
306 N  N   . CYS A 33 ? 0.2163 0.2599 0.4676 0.0085  0.0550  0.0261  33  CYS A N   
307 C  CA  . CYS A 33 ? 0.2153 0.2688 0.4696 0.0134  0.0458  0.0257  33  CYS A CA  
308 C  C   . CYS A 33 ? 0.2422 0.3129 0.5383 0.0157  0.0547  0.0323  33  CYS A C   
309 O  O   . CYS A 33 ? 0.2546 0.3228 0.5563 0.0247  0.0769  0.0394  33  CYS A O   
310 C  CB  . CYS A 33 ? 0.2167 0.2559 0.4340 0.0270  0.0493  0.0269  33  CYS A CB  
311 S  SG  . CYS A 33 ? 0.2543 0.2832 0.4356 0.0230  0.0352  0.0197  33  CYS A SG  
312 N  N   . ILE A 34 ? 0.2277 0.3150 0.5539 0.0074  0.0374  0.0304  34  ILE A N   
313 C  CA  . ILE A 34 ? 0.2295 0.3415 0.6106 0.0074  0.0413  0.0368  34  ILE A CA  
314 C  C   . ILE A 34 ? 0.2642 0.3874 0.6591 0.0161  0.0260  0.0369  34  ILE A C   
315 O  O   . ILE A 34 ? 0.2331 0.3463 0.6023 0.0116  0.0022  0.0308  34  ILE A O   
316 C  CB  . ILE A 34 ? 0.2622 0.3829 0.6753 -0.0135 0.0305  0.0360  34  ILE A CB  
317 C  CG1 . ILE A 34 ? 0.2994 0.4066 0.7035 -0.0184 0.0521  0.0384  34  ILE A CG1 
318 C  CG2 . ILE A 34 ? 0.2932 0.4463 0.7739 -0.0189 0.0217  0.0419  34  ILE A CG2 
319 C  CD1 . ILE A 34 ? 0.4006 0.5015 0.8138 -0.0385 0.0421  0.0353  34  ILE A CD1 
320 N  N   . GLY A 35 ? 0.2491 0.3904 0.6827 0.0294  0.0413  0.0441  35  GLY A N   
321 C  CA  . GLY A 35 ? 0.2471 0.3990 0.6999 0.0411  0.0276  0.0451  35  GLY A CA  
322 C  C   . GLY A 35 ? 0.3560 0.5035 0.8055 0.0653  0.0526  0.0493  35  GLY A C   
323 O  O   . GLY A 35 ? 0.3368 0.4785 0.7813 0.0717  0.0848  0.0534  35  GLY A O   
324 O  OXT . GLY A 35 ? 0.4119 0.5580 0.8622 0.0778  0.0399  0.0487  35  GLY A OXT 
325 NI NI  A NI  B .  ? 0.2654 0.2569 0.3821 -0.0281 -0.0890 -0.0028 101 NI  A NI  
326 NI NI  B NI  B .  ? 0.4224 0.4003 0.5148 -0.0229 -0.0947 -0.0016 101 NI  A NI  
327 NI NI  . NI  C .  ? 0.3379 0.3231 0.3413 -0.0182 -0.1188 0.0237  102 NI  A NI  
328 NI NI  . NI  D .  ? 0.3282 0.3045 0.3317 -0.0246 -0.0535 -0.0015 103 NI  A NI  
329 O  O   . HOH E .  ? 0.4603 0.5703 0.6606 0.0023  -0.0067 -0.0011 201 HOH A O   
330 O  O   . HOH E .  ? 0.3770 0.3686 0.3979 -0.0428 -0.0458 -0.0092 202 HOH A O   
331 O  O   . HOH E .  ? 0.2922 0.3450 0.3970 -0.0087 -0.0350 0.0044  203 HOH A O   
332 O  O   . HOH E .  ? 0.3486 0.2855 0.3497 -0.0363 -0.0919 -0.0069 204 HOH A O   
333 O  O   . HOH E .  ? 0.4437 0.4425 0.5283 -0.0118 -0.0437 -0.0026 205 HOH A O   
334 O  O   . HOH E .  ? 0.3346 0.3049 0.5197 0.0042  0.0637  -0.0039 206 HOH A O   
335 O  O   . HOH E .  ? 0.3151 0.2814 0.4172 0.0573  0.0402  0.0366  207 HOH A O   
336 O  O   . HOH E .  ? 0.4622 0.4261 0.4981 0.0500  -0.0134 0.0315  208 HOH A O   
337 O  O   . HOH E .  ? 0.4040 0.3212 0.4204 0.0711  0.0492  0.0445  209 HOH A O   
338 O  O   . HOH E .  ? 0.5369 0.4155 0.5322 0.0608  -0.0928 0.0132  210 HOH A O   
339 O  O   A HOH E .  ? 0.3160 0.2364 0.4197 0.0578  0.0924  0.0542  211 HOH A O   
340 O  O   B HOH E .  ? 0.4658 0.3836 0.5439 0.0660  0.0749  0.0533  211 HOH A O   
341 O  O   . HOH E .  ? 0.9069 0.8526 1.0740 -0.0023 0.0723  -0.0243 212 HOH A O   
342 O  O   . HOH E .  ? 0.2950 0.3474 0.4313 -0.0577 0.1026  -0.0565 213 HOH A O   
343 O  O   . HOH E .  ? 0.5686 0.4828 0.6047 0.0720  0.0525  0.0510  214 HOH A O   
344 O  O   . HOH E .  ? 0.5667 0.4678 0.6317 0.0965  0.1706  0.0648  215 HOH A O   
345 O  O   . HOH E .  ? 0.4488 0.5851 0.8758 -0.0047 -0.0513 0.0311  216 HOH A O   
346 O  O   . HOH E .  ? 0.9359 0.8396 0.8811 0.0534  -0.0943 0.0489  217 HOH A O   
347 O  O   . HOH E .  ? 0.6424 0.5426 0.8151 0.0379  0.0911  -0.0016 218 HOH A O   
348 O  O   . HOH E .  ? 0.5767 0.5358 0.5949 0.0486  -0.0529 0.0370  219 HOH A O   
349 O  O   . HOH E .  ? 0.3196 0.3286 0.6488 -0.1198 -0.0577 -0.0020 220 HOH A O   
350 O  O   . HOH E .  ? 0.5563 0.4412 0.7149 -0.0684 0.0437  -0.0312 221 HOH A O   
351 O  O   . HOH E .  ? 0.3782 0.3993 0.5105 -0.0195 -0.0234 -0.0060 222 HOH A O   
352 O  O   . HOH E .  ? 0.3171 0.3429 0.4065 0.0083  -0.0191 0.0070  223 HOH A O   
353 O  O   . HOH E .  ? 0.5910 0.4830 0.5908 0.0794  -0.0387 0.0152  224 HOH A O   
354 O  O   . HOH E .  ? 0.7303 0.6159 0.6797 0.0719  0.0134  0.0428  225 HOH A O   
355 O  O   . HOH E .  ? 0.4167 0.5221 0.6398 -0.0352 0.1430  -0.0592 226 HOH A O   
356 O  O   . HOH E .  ? 0.6268 0.5201 0.5362 0.0252  -0.1315 0.0422  227 HOH A O   
357 O  O   . HOH E .  ? 0.5350 0.5418 0.5728 -0.0097 -0.0566 0.0090  228 HOH A O   
358 O  O   . HOH E .  ? 0.5188 0.5105 0.6141 -0.0538 0.1357  -0.0744 229 HOH A O   
359 O  O   . HOH E .  ? 0.5712 0.4983 0.6561 0.0980  -0.0463 0.0210  230 HOH A O   
360 O  O   . HOH E .  ? 0.5617 0.4758 0.5610 -0.0424 -0.1294 -0.0051 231 HOH A O   
361 O  O   . HOH E .  ? 0.6136 0.7151 0.9986 -0.0367 -0.1277 0.0214  232 HOH A O   
362 O  O   . HOH E .  ? 0.5730 0.5037 0.7071 -0.0171 0.0795  -0.0464 233 HOH A O   
363 O  O   . HOH E .  ? 0.7294 0.7511 1.0105 0.1434  0.1934  0.0600  234 HOH A O   
364 O  O   A HOH E .  ? 0.5276 0.4192 0.5708 -0.0729 0.0455  -0.0650 235 HOH A O   
365 O  O   B HOH E .  ? 0.5153 0.3963 0.5462 -0.0931 0.0078  -0.0609 235 HOH A O   
366 O  O   . HOH E .  ? 0.5134 0.3884 0.8815 -0.1656 0.0921  0.0417  236 HOH A O   
367 O  O   . HOH E .  ? 0.3829 0.3686 0.3823 -0.0450 -0.0614 -0.0028 237 HOH A O   
# 
